data_8XY9
#
_entry.id   8XY9
#
_cell.length_a   73.467
_cell.length_b   152.681
_cell.length_c   116.695
_cell.angle_alpha   90.00
_cell.angle_beta   103.06
_cell.angle_gamma   90.00
#
_symmetry.space_group_name_H-M   'P 1 21 1'
#
loop_
_entity.id
_entity.type
_entity.pdbx_description
1 polymer 'Processed angiotensin-converting enzyme 2'
2 polymer 'Spike protein S1'
3 branched beta-D-mannopyranose-(1-4)-2-acetamido-2-deoxy-beta-D-glucopyranose-(1-4)-2-acetamido-2-deoxy-beta-D-glucopyranose
4 branched 2-acetamido-2-deoxy-beta-D-glucopyranose-(1-4)-2-acetamido-2-deoxy-beta-D-glucopyranose
5 non-polymer 2-acetamido-2-deoxy-beta-D-glucopyranose
#
loop_
_entity_poly.entity_id
_entity_poly.type
_entity_poly.pdbx_seq_one_letter_code
_entity_poly.pdbx_strand_id
1 'polypeptide(L)'
;STIEEQAKTFLDKFNHEAEDLFYQSSLASWNYNTNITEENVQNMNNAGDKWSAFLKEQSTLAQMYPLQEIQNLTVKLQLQ
ALQQNGSSVLSEDKSKRLNTILNTMSTIYSTGKVCNPDNPQECLLLEPGLNEIMANSLDYNERLWAWESWRSEVGKQLRP
LYEEYVVLKNEMARANHYEDYGDYWRGDYEVNGVDGYDYSRGQLIEDVEHTFEEIKPLYEHLHAYVRAKLMNAYPSYISP
IGCLPAHLLGDMWGRFWTNLYSLTVPFGQKPNIDVTDAMVDQAWDAQRIFKEAEKFFVSVGLPNMTQGFWENSMLTDPGN
VQKAVCHPTAWDLGKGDFRILMCTKVTMDDFLTAHHEMGHIQYDMAYAAQPFLLRNGANEGFHEAVGEIMSLSAATPKHL
KSIGLLSPDFQEDNETEINFLLKQALTIVGTLPFTYMLEKWRWMVFKGEIPKDQWMKKWWEMKREIVGVVEPVPHDETYC
DPASLFHVSNDYSFIRYYTRTLYQFQFQEALCQAAKHEGPLHKCDISNSTEAGQKLFNMLRLGKSEPWTLALENVVGAKN
MNVRPLLNYFEPLFTWLKDQNKNSFVGWSTDWSPYAD
;
A,C
2 'polypeptide(L)'
;TNLCPFDEVFNATTFASVYAWNRKRISNCVADYSVLYNFAPFFTFKCYGVSPTKLNDLCFTNVYADSFVIRGNEVSQIAP
GQTGNIADYNYKLPDDFTGCVIAWNSNKLDSKVGGNYNYRYRLFRKSNLKPFERDISTEIYQAGNKPCNGVAGVNCYFPL
QSYGFRPTYGVGHQPYRVVVLSFELLHAPATVCG
;
B,D
#
loop_
_chem_comp.id
_chem_comp.type
_chem_comp.name
_chem_comp.formula
BMA D-saccharide, beta linking beta-D-mannopyranose 'C6 H12 O6'
NAG D-saccharide, beta linking 2-acetamido-2-deoxy-beta-D-glucopyranose 'C8 H15 N O6'
#
# COMPACT_ATOMS: atom_id res chain seq x y z
N SER A 1 18.74 8.42 8.25
CA SER A 1 19.95 7.81 8.79
C SER A 1 20.30 8.39 10.16
N THR A 2 20.17 9.72 10.29
CA THR A 2 20.46 10.37 11.56
C THR A 2 19.28 10.18 12.52
N ILE A 3 19.46 10.66 13.75
CA ILE A 3 18.42 10.52 14.76
C ILE A 3 17.27 11.49 14.50
N GLU A 4 17.60 12.72 14.06
CA GLU A 4 16.56 13.71 13.81
C GLU A 4 15.70 13.34 12.61
N GLU A 5 16.29 12.72 11.58
CA GLU A 5 15.51 12.30 10.43
C GLU A 5 14.52 11.19 10.81
N GLN A 6 14.99 10.20 11.55
CA GLN A 6 14.10 9.13 12.02
C GLN A 6 13.03 9.67 12.95
N ALA A 7 13.36 10.67 13.77
CA ALA A 7 12.35 11.28 14.63
C ALA A 7 11.31 12.04 13.82
N LYS A 8 11.76 12.76 12.79
CA LYS A 8 10.83 13.42 11.87
C LYS A 8 9.87 12.42 11.25
N THR A 9 10.40 11.27 10.81
CA THR A 9 9.53 10.26 10.20
C THR A 9 8.58 9.65 11.23
N PHE A 10 9.06 9.40 12.45
CA PHE A 10 8.19 8.90 13.50
C PHE A 10 7.03 9.86 13.74
N LEU A 11 7.34 11.15 13.86
CA LEU A 11 6.29 12.14 14.08
C LEU A 11 5.37 12.25 12.88
N ASP A 12 5.89 11.99 11.68
CA ASP A 12 5.03 12.02 10.50
C ASP A 12 4.00 10.91 10.54
N LYS A 13 4.44 9.68 10.85
CA LYS A 13 3.50 8.59 11.11
C LYS A 13 2.50 8.97 12.20
N PHE A 14 3.02 9.53 13.29
CA PHE A 14 2.20 9.80 14.47
C PHE A 14 1.10 10.78 14.15
N ASN A 15 1.40 11.85 13.41
CA ASN A 15 0.39 12.88 13.18
C ASN A 15 -0.83 12.34 12.47
N HIS A 16 -0.62 11.48 11.47
CA HIS A 16 -1.77 10.99 10.71
C HIS A 16 -2.57 10.00 11.54
N GLU A 17 -1.88 9.05 12.19
CA GLU A 17 -2.59 8.14 13.08
C GLU A 17 -3.36 8.93 14.14
N ALA A 18 -2.77 10.02 14.60
CA ALA A 18 -3.35 10.79 15.70
C ALA A 18 -4.54 11.59 15.25
N GLU A 19 -4.47 12.21 14.06
CA GLU A 19 -5.64 12.89 13.53
C GLU A 19 -6.83 11.94 13.48
N ASP A 20 -6.63 10.74 12.93
CA ASP A 20 -7.77 9.83 12.81
C ASP A 20 -8.31 9.44 14.18
N LEU A 21 -7.43 9.00 15.08
CA LEU A 21 -7.90 8.48 16.37
C LEU A 21 -8.50 9.59 17.24
N PHE A 22 -7.88 10.77 17.24
CA PHE A 22 -8.41 11.89 18.02
C PHE A 22 -9.74 12.37 17.47
N TYR A 23 -9.91 12.32 16.14
CA TYR A 23 -11.20 12.69 15.59
C TYR A 23 -12.28 11.69 16.04
N GLN A 24 -11.93 10.40 16.03
CA GLN A 24 -12.84 9.39 16.60
C GLN A 24 -13.28 9.77 18.01
N SER A 25 -12.30 10.05 18.88
CA SER A 25 -12.60 10.33 20.27
C SER A 25 -13.45 11.58 20.43
N SER A 26 -13.09 12.66 19.72
CA SER A 26 -13.85 13.90 19.82
C SER A 26 -15.28 13.71 19.33
N LEU A 27 -15.47 12.90 18.29
CA LEU A 27 -16.83 12.71 17.79
C LEU A 27 -17.68 11.89 18.75
N ALA A 28 -17.09 10.87 19.39
CA ALA A 28 -17.84 10.13 20.40
C ALA A 28 -18.16 11.02 21.61
N SER A 29 -17.21 11.87 22.00
CA SER A 29 -17.44 12.81 23.09
C SER A 29 -18.53 13.81 22.73
N TRP A 30 -18.59 14.25 21.47
CA TRP A 30 -19.67 15.10 21.02
C TRP A 30 -21.01 14.36 21.09
N ASN A 31 -21.12 13.26 20.33
CA ASN A 31 -22.20 12.28 20.42
C ASN A 31 -22.81 12.27 21.81
N TYR A 32 -21.96 12.07 22.81
CA TYR A 32 -22.43 11.99 24.19
C TYR A 32 -22.90 13.36 24.68
N ASN A 33 -22.07 14.39 24.50
CA ASN A 33 -22.36 15.74 25.02
C ASN A 33 -23.55 16.41 24.35
N THR A 34 -24.03 15.89 23.22
CA THR A 34 -25.22 16.41 22.56
C THR A 34 -26.43 15.49 22.69
N ASN A 35 -26.20 14.18 22.72
CA ASN A 35 -27.25 13.17 22.62
C ASN A 35 -26.96 12.18 23.76
N ILE A 36 -27.34 12.56 24.97
CA ILE A 36 -27.03 11.74 26.13
C ILE A 36 -27.74 10.39 25.94
N THR A 37 -26.97 9.30 26.03
CA THR A 37 -27.46 7.92 26.00
C THR A 37 -26.36 7.01 26.53
N GLU A 38 -26.70 6.15 27.51
CA GLU A 38 -25.79 5.14 28.05
C GLU A 38 -24.94 4.53 26.93
N GLU A 39 -25.56 4.33 25.77
CA GLU A 39 -24.87 3.77 24.61
C GLU A 39 -23.64 4.58 24.25
N ASN A 40 -23.80 5.85 23.91
CA ASN A 40 -22.60 6.56 23.52
C ASN A 40 -21.87 7.22 24.69
N VAL A 41 -22.31 6.97 25.93
CA VAL A 41 -21.32 6.89 27.02
C VAL A 41 -20.31 5.81 26.73
N GLN A 42 -20.81 4.60 26.43
CA GLN A 42 -19.92 3.49 26.10
C GLN A 42 -19.05 3.83 24.89
N ASN A 43 -19.64 4.47 23.88
CA ASN A 43 -18.85 4.85 22.70
C ASN A 43 -17.79 5.90 23.04
N MET A 44 -18.17 6.95 23.80
CA MET A 44 -17.18 7.94 24.22
C MET A 44 -16.04 7.27 24.97
N ASN A 45 -16.37 6.36 25.88
CA ASN A 45 -15.34 5.70 26.67
C ASN A 45 -14.44 4.83 25.80
N ASN A 46 -15.01 4.00 24.91
CA ASN A 46 -14.19 3.13 24.08
C ASN A 46 -13.30 3.92 23.13
N ALA A 47 -13.83 5.02 22.56
CA ALA A 47 -13.04 5.84 21.65
C ALA A 47 -11.92 6.55 22.38
N GLY A 48 -12.24 7.22 23.50
CA GLY A 48 -11.21 7.83 24.32
C GLY A 48 -10.21 6.84 24.87
N ASP A 49 -10.61 5.59 25.06
CA ASP A 49 -9.70 4.58 25.57
C ASP A 49 -8.72 4.14 24.50
N LYS A 50 -9.20 3.91 23.27
CA LYS A 50 -8.26 3.63 22.19
C LYS A 50 -7.32 4.80 21.97
N TRP A 51 -7.83 6.03 22.12
CA TRP A 51 -6.97 7.20 21.97
C TRP A 51 -5.90 7.27 23.06
N SER A 52 -6.31 6.99 24.31
CA SER A 52 -5.36 6.97 25.42
C SER A 52 -4.27 5.92 25.19
N ALA A 53 -4.68 4.72 24.75
CA ALA A 53 -3.72 3.64 24.53
C ALA A 53 -2.76 4.01 23.41
N PHE A 54 -3.27 4.62 22.34
CA PHE A 54 -2.41 5.05 21.25
C PHE A 54 -1.39 6.07 21.74
N LEU A 55 -1.81 6.98 22.63
CA LEU A 55 -0.87 7.95 23.16
C LEU A 55 0.21 7.30 24.02
N LYS A 56 -0.16 6.33 24.86
CA LYS A 56 0.87 5.68 25.68
C LYS A 56 1.85 4.89 24.80
N GLU A 57 1.33 4.19 23.80
CA GLU A 57 2.20 3.44 22.90
C GLU A 57 3.16 4.37 22.17
N GLN A 58 2.63 5.47 21.60
CA GLN A 58 3.47 6.42 20.88
C GLN A 58 4.41 7.18 21.80
N SER A 59 4.09 7.30 23.08
CA SER A 59 5.00 7.96 24.01
C SER A 59 6.19 7.07 24.34
N THR A 60 5.92 5.78 24.60
CA THR A 60 7.04 4.85 24.74
C THR A 60 7.88 4.82 23.46
N LEU A 61 7.22 4.86 22.30
CA LEU A 61 7.96 4.87 21.03
C LEU A 61 8.75 6.16 20.86
N ALA A 62 8.24 7.28 21.39
CA ALA A 62 8.88 8.57 21.21
C ALA A 62 10.09 8.72 22.12
N GLN A 63 10.06 8.10 23.30
CA GLN A 63 11.20 8.15 24.21
C GLN A 63 12.41 7.45 23.63
N MET A 64 12.27 6.84 22.45
CA MET A 64 13.38 6.20 21.77
C MET A 64 14.09 7.11 20.78
N TYR A 65 13.79 8.41 20.80
CA TYR A 65 14.58 9.41 20.10
C TYR A 65 15.02 10.47 21.10
N PRO A 66 16.30 10.53 21.47
CA PRO A 66 16.72 11.48 22.50
C PRO A 66 16.72 12.91 21.98
N LEU A 67 16.24 13.83 22.80
CA LEU A 67 16.26 15.25 22.46
C LEU A 67 17.68 15.79 22.38
N GLN A 68 18.66 15.09 22.96
CA GLN A 68 20.02 15.60 23.02
C GLN A 68 20.66 15.65 21.64
N GLU A 69 20.26 14.77 20.73
CA GLU A 69 20.79 14.73 19.37
C GLU A 69 19.78 15.23 18.34
N ILE A 70 18.94 16.19 18.72
CA ILE A 70 17.93 16.76 17.83
C ILE A 70 18.02 18.27 17.89
N GLN A 71 18.10 18.90 16.73
CA GLN A 71 18.35 20.34 16.62
C GLN A 71 17.13 21.13 16.19
N ASN A 72 16.34 20.63 15.24
CA ASN A 72 15.13 21.33 14.81
C ASN A 72 14.23 21.62 16.00
N LEU A 73 14.21 22.89 16.41
CA LEU A 73 13.48 23.31 17.61
C LEU A 73 12.04 22.80 17.62
N THR A 74 11.35 22.88 16.49
CA THR A 74 9.95 22.48 16.43
C THR A 74 9.81 20.96 16.61
N VAL A 75 10.70 20.21 15.96
CA VAL A 75 10.77 18.76 16.19
C VAL A 75 11.01 18.46 17.66
N LYS A 76 11.97 19.18 18.27
CA LYS A 76 12.28 18.96 19.67
C LYS A 76 11.06 19.21 20.54
N LEU A 77 10.30 20.26 20.22
CA LEU A 77 9.07 20.54 20.95
C LEU A 77 8.11 19.38 20.89
N GLN A 78 7.81 18.92 19.67
CA GLN A 78 6.81 17.85 19.53
C GLN A 78 7.27 16.58 20.23
N LEU A 79 8.55 16.24 20.12
CA LEU A 79 9.02 15.01 20.77
C LEU A 79 9.02 15.16 22.28
N GLN A 80 9.39 16.33 22.81
CA GLN A 80 9.35 16.52 24.25
C GLN A 80 7.93 16.41 24.77
N ALA A 81 6.96 16.86 23.97
CA ALA A 81 5.57 16.73 24.39
C ALA A 81 5.12 15.28 24.37
N LEU A 82 5.49 14.53 23.33
CA LEU A 82 5.10 13.13 23.28
C LEU A 82 5.86 12.28 24.30
N GLN A 83 6.99 12.76 24.80
CA GLN A 83 7.84 12.01 25.70
C GLN A 83 7.45 12.16 27.16
N GLN A 84 6.72 13.22 27.52
CA GLN A 84 6.26 13.36 28.90
C GLN A 84 5.37 12.18 29.25
N ASN A 85 6.00 11.10 29.72
CA ASN A 85 5.27 9.93 30.15
C ASN A 85 4.24 10.27 31.23
N GLY A 86 4.70 10.97 32.26
CA GLY A 86 3.83 11.34 33.37
C GLY A 86 3.78 10.25 34.40
N SER A 87 2.56 9.91 34.85
CA SER A 87 2.36 8.96 35.94
C SER A 87 2.85 7.55 35.60
N SER A 88 3.21 7.27 34.34
CA SER A 88 3.80 5.99 34.00
C SER A 88 5.28 5.90 34.35
N VAL A 89 5.84 6.94 34.97
CA VAL A 89 7.19 6.84 35.52
C VAL A 89 7.17 6.25 36.92
N LEU A 90 6.04 6.32 37.62
CA LEU A 90 5.89 5.62 38.88
C LEU A 90 5.77 4.12 38.65
N SER A 91 5.81 3.36 39.74
CA SER A 91 5.46 1.96 39.64
C SER A 91 3.98 1.81 39.33
N GLU A 92 3.63 0.70 38.67
CA GLU A 92 2.23 0.45 38.33
C GLU A 92 1.36 0.48 39.58
N ASP A 93 1.88 -0.05 40.69
CA ASP A 93 1.15 -0.01 41.95
C ASP A 93 0.87 1.44 42.38
N LYS A 94 1.92 2.27 42.37
CA LYS A 94 1.73 3.66 42.79
C LYS A 94 0.87 4.43 41.80
N SER A 95 0.90 4.07 40.52
CA SER A 95 0.04 4.74 39.55
C SER A 95 -1.43 4.38 39.77
N LYS A 96 -1.71 3.10 40.03
CA LYS A 96 -3.08 2.71 40.35
C LYS A 96 -3.55 3.34 41.65
N ARG A 97 -2.65 3.50 42.63
CA ARG A 97 -3.03 4.19 43.87
C ARG A 97 -3.32 5.67 43.63
N LEU A 98 -2.47 6.35 42.86
CA LEU A 98 -2.68 7.75 42.55
C LEU A 98 -4.01 7.94 41.82
N ASN A 99 -4.29 7.09 40.84
CA ASN A 99 -5.53 7.21 40.09
C ASN A 99 -6.74 6.88 40.96
N THR A 100 -6.59 5.90 41.87
CA THR A 100 -7.66 5.58 42.81
C THR A 100 -7.97 6.78 43.70
N ILE A 101 -6.94 7.45 44.20
CA ILE A 101 -7.14 8.62 45.04
C ILE A 101 -7.79 9.75 44.27
N LEU A 102 -7.33 9.99 43.03
CA LEU A 102 -7.92 11.03 42.20
C LEU A 102 -9.42 10.79 41.99
N ASN A 103 -9.78 9.56 41.63
CA ASN A 103 -11.19 9.26 41.39
C ASN A 103 -12.01 9.36 42.67
N THR A 104 -11.47 8.89 43.80
CA THR A 104 -12.21 8.99 45.05
C THR A 104 -12.47 10.45 45.41
N MET A 105 -11.44 11.30 45.34
CA MET A 105 -11.63 12.71 45.63
C MET A 105 -12.63 13.36 44.68
N SER A 106 -12.55 13.01 43.39
CA SER A 106 -13.45 13.61 42.42
C SER A 106 -14.91 13.27 42.72
N THR A 107 -15.18 11.98 42.99
CA THR A 107 -16.55 11.61 43.31
C THR A 107 -16.98 12.07 44.70
N ILE A 108 -16.05 12.30 45.62
CA ILE A 108 -16.43 12.89 46.90
C ILE A 108 -16.86 14.34 46.69
N TYR A 109 -16.11 15.10 45.91
CA TYR A 109 -16.50 16.48 45.60
C TYR A 109 -17.84 16.53 44.87
N SER A 110 -18.00 15.70 43.83
CA SER A 110 -19.22 15.75 43.04
C SER A 110 -20.42 15.15 43.77
N THR A 111 -20.21 14.28 44.76
CA THR A 111 -21.29 13.61 45.47
C THR A 111 -21.24 13.89 46.97
N GLY A 112 -20.53 14.93 47.39
CA GLY A 112 -20.55 15.34 48.78
C GLY A 112 -21.76 16.21 49.07
N LYS A 113 -22.56 15.80 50.04
CA LYS A 113 -23.81 16.47 50.37
C LYS A 113 -23.85 16.79 51.86
N VAL A 114 -24.58 17.84 52.21
CA VAL A 114 -24.81 18.18 53.61
C VAL A 114 -26.31 18.23 53.85
N CYS A 115 -26.71 17.80 55.04
CA CYS A 115 -28.13 17.70 55.40
C CYS A 115 -28.42 18.55 56.62
N ASN A 116 -29.52 19.29 56.56
CA ASN A 116 -29.82 20.31 57.56
C ASN A 116 -30.03 19.67 58.94
N PRO A 117 -29.74 20.40 60.02
CA PRO A 117 -29.75 19.79 61.36
C PRO A 117 -31.12 19.52 61.92
N ASP A 118 -32.15 19.49 61.07
CA ASP A 118 -33.51 19.24 61.53
C ASP A 118 -34.25 18.20 60.71
N ASN A 119 -33.64 17.66 59.65
CA ASN A 119 -34.32 16.71 58.76
C ASN A 119 -33.25 15.88 58.08
N PRO A 120 -32.95 14.68 58.61
CA PRO A 120 -31.83 13.89 58.09
C PRO A 120 -32.02 13.32 56.69
N GLN A 121 -33.16 13.54 56.03
CA GLN A 121 -33.36 13.03 54.68
C GLN A 121 -33.44 14.12 53.63
N GLU A 122 -33.39 15.39 54.04
CA GLU A 122 -33.37 16.52 53.13
C GLU A 122 -31.96 17.11 53.13
N CYS A 123 -31.32 17.09 51.96
CA CYS A 123 -29.92 17.46 51.85
C CYS A 123 -29.71 18.35 50.62
N LEU A 124 -28.57 19.03 50.60
CA LEU A 124 -28.14 19.82 49.46
C LEU A 124 -26.75 19.38 49.02
N LEU A 125 -26.59 19.27 47.71
CA LEU A 125 -25.27 19.19 47.10
C LEU A 125 -24.63 20.56 47.07
N LEU A 126 -23.34 20.59 46.70
CA LEU A 126 -22.71 21.88 46.40
C LEU A 126 -23.44 22.56 45.26
N GLU A 127 -23.50 21.90 44.11
CA GLU A 127 -24.28 22.38 42.98
C GLU A 127 -25.55 21.54 42.91
N PRO A 128 -26.75 22.14 43.00
CA PRO A 128 -27.00 23.59 43.11
C PRO A 128 -27.30 24.14 44.51
N GLY A 129 -27.59 23.28 45.50
CA GLY A 129 -28.08 23.75 46.78
C GLY A 129 -27.22 24.78 47.49
N LEU A 130 -26.05 24.35 47.95
CA LEU A 130 -25.19 25.25 48.73
C LEU A 130 -24.69 26.41 47.88
N ASN A 131 -24.48 26.20 46.57
CA ASN A 131 -24.08 27.30 45.70
C ASN A 131 -25.18 28.35 45.61
N GLU A 132 -26.43 27.92 45.51
CA GLU A 132 -27.54 28.87 45.47
C GLU A 132 -27.63 29.64 46.79
N ILE A 133 -27.41 28.95 47.92
CA ILE A 133 -27.33 29.67 49.19
C ILE A 133 -26.22 30.72 49.16
N MET A 134 -25.00 30.30 48.86
CA MET A 134 -23.86 31.22 48.94
C MET A 134 -23.92 32.34 47.91
N ALA A 135 -24.69 32.17 46.83
CA ALA A 135 -24.78 33.19 45.80
C ALA A 135 -25.99 34.10 45.96
N ASN A 136 -27.03 33.68 46.68
CA ASN A 136 -28.23 34.48 46.78
C ASN A 136 -28.61 34.90 48.20
N SER A 137 -28.22 34.14 49.21
CA SER A 137 -28.69 34.38 50.56
C SER A 137 -28.02 35.58 51.19
N LEU A 138 -28.82 36.38 51.90
CA LEU A 138 -28.31 37.51 52.65
C LEU A 138 -28.34 37.26 54.16
N ASP A 139 -29.00 36.20 54.61
CA ASP A 139 -29.01 35.87 56.03
C ASP A 139 -27.66 35.30 56.45
N TYR A 140 -27.13 35.82 57.57
CA TYR A 140 -25.77 35.47 57.96
C TYR A 140 -25.66 34.01 58.40
N ASN A 141 -26.63 33.53 59.18
CA ASN A 141 -26.53 32.19 59.75
C ASN A 141 -26.67 31.10 58.69
N GLU A 142 -27.55 31.32 57.71
CA GLU A 142 -27.70 30.36 56.63
C GLU A 142 -26.41 30.24 55.82
N ARG A 143 -25.78 31.38 55.51
CA ARG A 143 -24.50 31.37 54.81
C ARG A 143 -23.42 30.68 55.63
N LEU A 144 -23.35 30.99 56.93
CA LEU A 144 -22.33 30.39 57.79
C LEU A 144 -22.49 28.88 57.86
N TRP A 145 -23.73 28.41 58.04
CA TRP A 145 -23.99 26.98 58.06
C TRP A 145 -23.53 26.33 56.76
N ALA A 146 -23.91 26.91 55.62
CA ALA A 146 -23.50 26.33 54.34
C ALA A 146 -21.97 26.21 54.25
N TRP A 147 -21.27 27.32 54.52
CA TRP A 147 -19.81 27.34 54.42
C TRP A 147 -19.18 26.27 55.31
N GLU A 148 -19.51 26.30 56.61
CA GLU A 148 -18.84 25.42 57.56
C GLU A 148 -19.18 23.96 57.28
N SER A 149 -20.44 23.67 56.96
CA SER A 149 -20.81 22.27 56.74
C SER A 149 -20.21 21.74 55.44
N TRP A 150 -20.03 22.58 54.41
CA TRP A 150 -19.33 22.10 53.23
C TRP A 150 -17.88 21.79 53.55
N ARG A 151 -17.25 22.58 54.41
CA ARG A 151 -15.85 22.28 54.70
C ARG A 151 -15.65 21.20 55.76
N SER A 152 -16.68 20.85 56.53
CA SER A 152 -16.54 19.79 57.53
C SER A 152 -17.07 18.44 57.06
N GLU A 153 -18.19 18.42 56.33
CA GLU A 153 -18.72 17.16 55.84
C GLU A 153 -17.85 16.59 54.73
N VAL A 154 -17.46 17.43 53.78
CA VAL A 154 -16.80 16.96 52.55
C VAL A 154 -15.29 17.23 52.61
N GLY A 155 -14.89 18.29 53.31
CA GLY A 155 -13.46 18.58 53.40
C GLY A 155 -12.72 17.59 54.28
N LYS A 156 -13.35 17.21 55.40
CA LYS A 156 -12.72 16.26 56.30
C LYS A 156 -12.47 14.93 55.61
N GLN A 157 -13.35 14.53 54.69
CA GLN A 157 -13.10 13.32 53.91
C GLN A 157 -11.89 13.50 53.00
N LEU A 158 -11.68 14.72 52.50
CA LEU A 158 -10.62 14.94 51.53
C LEU A 158 -9.26 15.16 52.16
N ARG A 159 -9.18 15.36 53.48
CA ARG A 159 -7.87 15.57 54.11
C ARG A 159 -6.88 14.42 53.86
N PRO A 160 -7.12 13.18 54.31
CA PRO A 160 -6.08 12.14 54.18
C PRO A 160 -5.76 11.80 52.73
N LEU A 161 -6.79 11.77 51.89
CA LEU A 161 -6.60 11.58 50.45
C LEU A 161 -5.64 12.62 49.90
N TYR A 162 -5.80 13.88 50.30
CA TYR A 162 -4.93 14.92 49.78
C TYR A 162 -3.50 14.75 50.28
N GLU A 163 -3.32 14.28 51.52
CA GLU A 163 -1.96 14.03 51.99
C GLU A 163 -1.27 12.97 51.13
N GLU A 164 -1.95 11.84 50.91
CA GLU A 164 -1.34 10.80 50.08
C GLU A 164 -1.14 11.28 48.64
N TYR A 165 -2.02 12.17 48.19
CA TYR A 165 -1.91 12.76 46.86
C TYR A 165 -0.65 13.61 46.75
N VAL A 166 -0.34 14.37 47.81
CA VAL A 166 0.90 15.14 47.84
C VAL A 166 2.10 14.21 47.72
N VAL A 167 2.12 13.14 48.53
CA VAL A 167 3.28 12.24 48.49
C VAL A 167 3.47 11.66 47.09
N LEU A 168 2.39 11.14 46.50
CA LEU A 168 2.52 10.48 45.20
C LEU A 168 2.85 11.47 44.09
N LYS A 169 2.25 12.67 44.10
CA LYS A 169 2.55 13.62 43.03
C LYS A 169 3.96 14.19 43.17
N ASN A 170 4.47 14.34 44.39
CA ASN A 170 5.86 14.73 44.54
C ASN A 170 6.79 13.64 44.04
N GLU A 171 6.46 12.37 44.30
CA GLU A 171 7.27 11.29 43.72
C GLU A 171 7.22 11.33 42.19
N MET A 172 6.01 11.52 41.63
CA MET A 172 5.85 11.58 40.19
C MET A 172 6.67 12.71 39.58
N ALA A 173 6.71 13.86 40.23
CA ALA A 173 7.39 15.02 39.67
C ALA A 173 8.90 14.94 39.84
N ARG A 174 9.36 14.48 41.01
CA ARG A 174 10.78 14.25 41.19
C ARG A 174 11.30 13.17 40.24
N ALA A 175 10.44 12.22 39.85
CA ALA A 175 10.85 11.16 38.93
C ALA A 175 10.94 11.64 37.48
N ASN A 176 10.34 12.78 37.15
CA ASN A 176 10.52 13.40 35.85
C ASN A 176 11.43 14.62 35.91
N HIS A 177 12.26 14.72 36.97
CA HIS A 177 13.35 15.69 37.07
C HIS A 177 12.83 17.11 37.28
N TYR A 178 11.74 17.23 38.03
CA TYR A 178 11.28 18.48 38.59
C TYR A 178 11.47 18.41 40.11
N GLU A 179 11.72 19.57 40.73
CA GLU A 179 11.99 19.58 42.16
C GLU A 179 10.77 19.22 42.98
N ASP A 180 9.57 19.27 42.41
CA ASP A 180 8.31 18.93 43.05
C ASP A 180 7.15 19.11 42.09
N TYR A 181 5.93 18.76 42.50
CA TYR A 181 4.80 18.79 41.57
C TYR A 181 4.44 20.21 41.16
N GLY A 182 4.66 21.18 42.04
CA GLY A 182 4.44 22.56 41.67
C GLY A 182 5.40 23.03 40.59
N ASP A 183 6.66 22.61 40.69
CA ASP A 183 7.64 22.91 39.65
C ASP A 183 7.23 22.25 38.34
N TYR A 184 6.68 21.03 38.43
CA TYR A 184 6.10 20.37 37.27
C TYR A 184 5.04 21.25 36.61
N TRP A 185 4.12 21.80 37.41
CA TRP A 185 3.07 22.66 36.85
C TRP A 185 3.68 23.91 36.22
N ARG A 186 4.62 24.54 36.92
CA ARG A 186 5.28 25.71 36.37
C ARG A 186 6.01 25.39 35.08
N GLY A 187 6.37 24.13 34.87
CA GLY A 187 6.95 23.68 33.61
C GLY A 187 6.12 24.00 32.38
N ASP A 188 4.88 24.45 32.54
CA ASP A 188 4.09 24.87 31.39
C ASP A 188 4.64 26.14 30.77
N TYR A 189 5.20 27.03 31.58
CA TYR A 189 5.70 28.31 31.11
C TYR A 189 7.16 28.26 30.71
N GLU A 190 7.75 27.07 30.66
CA GLU A 190 9.18 26.93 30.44
C GLU A 190 9.53 27.12 28.97
N VAL A 191 10.60 27.88 28.71
CA VAL A 191 11.12 28.08 27.36
C VAL A 191 12.64 27.99 27.45
N ASN A 192 13.23 27.06 26.70
CA ASN A 192 14.67 26.83 26.72
C ASN A 192 15.24 26.92 25.31
N GLY A 193 16.45 27.44 25.21
CA GLY A 193 17.22 27.34 23.99
C GLY A 193 16.78 28.22 22.83
N VAL A 194 16.15 29.35 23.11
CA VAL A 194 15.88 30.38 22.10
C VAL A 194 16.38 31.69 22.69
N ASP A 195 17.49 32.20 22.17
CA ASP A 195 18.14 33.35 22.76
C ASP A 195 17.26 34.60 22.67
N GLY A 196 17.06 35.26 23.80
CA GLY A 196 16.19 36.43 23.91
C GLY A 196 14.75 36.15 24.25
N TYR A 197 14.40 34.90 24.54
CA TYR A 197 13.01 34.54 24.81
C TYR A 197 12.87 33.43 25.85
N ASP A 198 13.97 32.96 26.44
CA ASP A 198 13.88 31.85 27.39
C ASP A 198 13.10 32.26 28.63
N TYR A 199 12.68 31.25 29.39
CA TYR A 199 11.88 31.49 30.59
C TYR A 199 11.95 30.25 31.47
N SER A 200 12.34 30.45 32.73
CA SER A 200 12.54 29.36 33.68
C SER A 200 11.29 29.13 34.53
N ARG A 201 11.30 28.01 35.26
CA ARG A 201 10.13 27.63 36.04
C ARG A 201 10.00 28.45 37.32
N GLY A 202 11.12 28.90 37.92
CA GLY A 202 11.03 29.82 39.04
C GLY A 202 10.78 31.26 38.65
N GLN A 203 11.11 31.62 37.41
CA GLN A 203 10.84 32.97 36.94
C GLN A 203 9.34 33.27 36.96
N LEU A 204 8.51 32.24 36.76
CA LEU A 204 7.07 32.41 36.89
C LEU A 204 6.71 32.89 38.29
N ILE A 205 7.28 32.25 39.31
CA ILE A 205 7.06 32.67 40.69
C ILE A 205 7.43 34.13 40.86
N GLU A 206 8.64 34.48 40.41
CA GLU A 206 9.11 35.84 40.64
C GLU A 206 8.23 36.88 39.96
N ASP A 207 7.84 36.63 38.71
CA ASP A 207 6.99 37.60 38.01
C ASP A 207 5.59 37.68 38.62
N VAL A 208 5.03 36.53 39.04
CA VAL A 208 3.72 36.56 39.67
C VAL A 208 3.74 37.44 40.91
N GLU A 209 4.75 37.25 41.76
CA GLU A 209 4.82 38.05 42.98
C GLU A 209 5.10 39.52 42.70
N HIS A 210 6.02 39.80 41.75
CA HIS A 210 6.35 41.18 41.45
CA HIS A 210 6.36 41.17 41.43
C HIS A 210 5.15 41.94 40.90
N THR A 211 4.38 41.31 40.00
CA THR A 211 3.21 41.97 39.47
C THR A 211 2.08 42.07 40.50
N PHE A 212 1.97 41.08 41.38
CA PHE A 212 0.97 41.16 42.45
C PHE A 212 1.26 42.33 43.39
N GLU A 213 2.54 42.61 43.63
CA GLU A 213 2.90 43.78 44.44
C GLU A 213 2.32 45.04 43.86
N GLU A 214 2.36 45.18 42.53
CA GLU A 214 1.80 46.37 41.88
C GLU A 214 0.28 46.34 41.90
N ILE A 215 -0.32 45.16 41.91
CA ILE A 215 -1.78 45.11 42.01
C ILE A 215 -2.26 45.52 43.40
N LYS A 216 -1.47 45.27 44.45
CA LYS A 216 -1.89 45.50 45.84
C LYS A 216 -2.62 46.80 46.14
N PRO A 217 -2.23 47.97 45.60
CA PRO A 217 -3.01 49.19 45.92
C PRO A 217 -4.47 49.14 45.45
N LEU A 218 -4.69 48.77 44.19
CA LEU A 218 -6.05 48.67 43.65
C LEU A 218 -6.89 47.73 44.50
N TYR A 219 -6.30 46.58 44.87
CA TYR A 219 -7.03 45.60 45.66
C TYR A 219 -7.31 46.10 47.07
N GLU A 220 -6.34 46.79 47.69
CA GLU A 220 -6.58 47.31 49.03
C GLU A 220 -7.74 48.30 49.04
N HIS A 221 -7.81 49.15 48.02
CA HIS A 221 -8.91 50.12 48.01
C HIS A 221 -10.25 49.43 47.73
N LEU A 222 -10.27 48.48 46.78
CA LEU A 222 -11.48 47.71 46.56
C LEU A 222 -11.93 46.98 47.83
N HIS A 223 -10.96 46.42 48.57
CA HIS A 223 -11.27 45.68 49.79
C HIS A 223 -11.87 46.59 50.85
N ALA A 224 -11.25 47.75 51.07
CA ALA A 224 -11.77 48.69 52.05
C ALA A 224 -13.18 49.15 51.69
N TYR A 225 -13.43 49.36 50.40
CA TYR A 225 -14.76 49.80 49.97
C TYR A 225 -15.81 48.70 50.17
N VAL A 226 -15.50 47.49 49.72
CA VAL A 226 -16.42 46.38 49.90
C VAL A 226 -16.68 46.16 51.38
N ARG A 227 -15.66 46.35 52.22
CA ARG A 227 -15.84 46.23 53.66
C ARG A 227 -16.77 47.30 54.19
N ALA A 228 -16.59 48.54 53.73
CA ALA A 228 -17.50 49.61 54.14
C ALA A 228 -18.95 49.25 53.82
N LYS A 229 -19.18 48.75 52.61
CA LYS A 229 -20.55 48.47 52.18
C LYS A 229 -21.14 47.28 52.93
N LEU A 230 -20.37 46.20 53.09
CA LEU A 230 -20.86 45.03 53.81
C LEU A 230 -21.08 45.34 55.28
N MET A 231 -20.17 46.09 55.89
CA MET A 231 -20.31 46.53 57.26
C MET A 231 -21.53 47.41 57.44
N ASN A 232 -21.89 48.19 56.41
CA ASN A 232 -23.19 48.84 56.41
C ASN A 232 -24.31 47.81 56.35
N ALA A 233 -24.06 46.68 55.69
CA ALA A 233 -25.10 45.64 55.61
C ALA A 233 -25.09 44.69 56.80
N TYR A 234 -23.94 44.48 57.45
CA TYR A 234 -23.85 43.63 58.64
C TYR A 234 -23.08 44.37 59.71
N PRO A 235 -23.73 45.30 60.42
CA PRO A 235 -23.00 46.10 61.41
C PRO A 235 -22.41 45.29 62.55
N SER A 236 -23.16 44.36 63.11
CA SER A 236 -22.71 43.61 64.27
C SER A 236 -21.84 42.39 63.92
N TYR A 237 -21.20 42.38 62.76
CA TYR A 237 -20.41 41.22 62.37
C TYR A 237 -19.03 41.55 61.86
N ILE A 238 -18.86 42.67 61.16
CA ILE A 238 -17.64 42.97 60.43
C ILE A 238 -16.91 44.11 61.14
N SER A 239 -15.58 43.94 61.36
CA SER A 239 -14.89 45.08 61.95
C SER A 239 -14.42 46.03 60.85
N PRO A 240 -14.38 47.34 61.13
CA PRO A 240 -13.92 48.29 60.10
C PRO A 240 -12.43 48.24 59.84
N ILE A 241 -11.66 47.47 60.62
CA ILE A 241 -10.24 47.28 60.36
C ILE A 241 -9.87 45.83 60.12
N GLY A 242 -10.81 44.89 60.27
CA GLY A 242 -10.50 43.48 60.19
C GLY A 242 -10.65 42.90 58.80
N CYS A 243 -10.39 41.61 58.72
CA CYS A 243 -10.52 40.90 57.46
C CYS A 243 -12.00 40.67 57.13
N LEU A 244 -12.28 40.36 55.88
CA LEU A 244 -13.66 40.03 55.57
C LEU A 244 -13.95 38.58 55.95
N PRO A 245 -15.12 38.31 56.54
CA PRO A 245 -15.51 36.93 56.81
C PRO A 245 -15.62 36.13 55.52
N ALA A 246 -15.17 34.87 55.58
CA ALA A 246 -15.02 34.09 54.36
C ALA A 246 -16.36 33.81 53.69
N HIS A 247 -17.41 33.64 54.49
CA HIS A 247 -18.69 33.16 53.99
C HIS A 247 -19.62 34.28 53.53
N LEU A 248 -19.13 35.51 53.43
CA LEU A 248 -19.93 36.62 52.94
C LEU A 248 -19.35 37.22 51.67
N LEU A 249 -18.69 36.39 50.86
CA LEU A 249 -17.93 36.88 49.72
C LEU A 249 -18.58 36.60 48.37
N GLY A 250 -19.77 35.99 48.33
CA GLY A 250 -20.44 35.84 47.05
C GLY A 250 -20.59 34.42 46.58
N ASP A 251 -19.56 33.60 46.77
CA ASP A 251 -19.63 32.19 46.43
C ASP A 251 -19.07 31.35 47.57
N MET A 252 -18.88 30.05 47.32
CA MET A 252 -18.52 29.13 48.40
C MET A 252 -17.11 29.39 48.95
N TRP A 253 -16.26 30.09 48.21
CA TRP A 253 -14.86 30.23 48.58
C TRP A 253 -14.34 31.65 48.56
N GLY A 254 -15.13 32.61 48.08
CA GLY A 254 -14.58 33.93 47.82
C GLY A 254 -13.71 33.95 46.59
N ARG A 255 -13.99 33.06 45.63
CA ARG A 255 -13.21 33.06 44.38
C ARG A 255 -13.55 34.28 43.54
N PHE A 256 -14.82 34.62 43.44
CA PHE A 256 -15.26 35.84 42.78
C PHE A 256 -16.20 36.62 43.69
N TRP A 257 -16.03 37.94 43.72
CA TRP A 257 -16.87 38.82 44.49
C TRP A 257 -18.05 39.35 43.68
N THR A 258 -18.41 38.67 42.59
CA THR A 258 -19.41 39.23 41.68
C THR A 258 -20.77 39.34 42.36
N ASN A 259 -21.16 38.32 43.11
CA ASN A 259 -22.46 38.31 43.75
C ASN A 259 -22.58 39.32 44.89
N LEU A 260 -21.51 40.03 45.23
CA LEU A 260 -21.61 41.16 46.15
C LEU A 260 -22.08 42.43 45.47
N TYR A 261 -22.35 42.39 44.16
CA TYR A 261 -22.69 43.62 43.44
C TYR A 261 -23.92 44.28 44.04
N SER A 262 -24.96 43.49 44.30
CA SER A 262 -26.19 44.02 44.88
C SER A 262 -25.92 44.79 46.18
N LEU A 263 -24.89 44.41 46.91
CA LEU A 263 -24.59 44.99 48.20
C LEU A 263 -23.55 46.10 48.13
N THR A 264 -22.96 46.36 46.96
CA THR A 264 -21.88 47.36 46.90
C THR A 264 -21.97 48.28 45.69
N VAL A 265 -23.05 48.23 44.91
CA VAL A 265 -23.17 49.06 43.72
C VAL A 265 -23.10 50.53 44.12
N PRO A 266 -22.16 51.30 43.57
CA PRO A 266 -21.98 52.68 43.99
C PRO A 266 -23.23 53.52 43.80
N PHE A 267 -23.70 53.61 42.56
CA PHE A 267 -24.90 54.37 42.21
C PHE A 267 -26.02 53.37 41.95
N GLY A 268 -26.60 52.88 43.04
CA GLY A 268 -27.52 51.76 43.00
C GLY A 268 -28.81 52.03 42.26
N GLN A 269 -29.06 53.27 41.86
CA GLN A 269 -30.25 53.59 41.09
C GLN A 269 -29.97 53.73 39.60
N LYS A 270 -28.74 54.06 39.23
CA LYS A 270 -28.44 54.29 37.82
C LYS A 270 -28.73 53.03 37.02
N PRO A 271 -29.38 53.14 35.87
CA PRO A 271 -29.79 51.94 35.13
C PRO A 271 -28.58 51.17 34.64
N ASN A 272 -28.63 49.85 34.82
CA ASN A 272 -27.59 48.97 34.32
C ASN A 272 -27.90 48.56 32.89
N ILE A 273 -26.86 48.26 32.13
CA ILE A 273 -26.99 47.97 30.71
C ILE A 273 -27.28 46.50 30.52
N ASP A 274 -28.38 46.19 29.84
CA ASP A 274 -28.72 44.80 29.52
C ASP A 274 -29.63 44.85 28.29
N VAL A 275 -29.15 44.30 27.18
CA VAL A 275 -29.81 44.42 25.88
C VAL A 275 -30.75 43.24 25.63
N THR A 276 -31.01 42.44 26.67
CA THR A 276 -31.84 41.24 26.50
C THR A 276 -33.22 41.60 25.97
N ASP A 277 -33.87 42.59 26.62
CA ASP A 277 -35.19 43.02 26.19
C ASP A 277 -35.20 43.46 24.74
N ALA A 278 -34.11 44.10 24.29
CA ALA A 278 -34.08 44.61 22.91
C ALA A 278 -33.91 43.47 21.91
N MET A 279 -33.04 42.51 22.21
CA MET A 279 -32.95 41.32 21.39
C MET A 279 -34.31 40.65 21.24
N VAL A 280 -35.06 40.55 22.33
CA VAL A 280 -36.38 39.91 22.23
C VAL A 280 -37.37 40.80 21.47
N ASP A 281 -37.23 42.12 21.59
CA ASP A 281 -38.14 43.03 20.91
C ASP A 281 -37.88 43.09 19.41
N GLN A 282 -36.68 42.75 18.95
CA GLN A 282 -36.36 42.74 17.54
C GLN A 282 -36.30 41.32 16.97
N ALA A 283 -36.88 40.36 17.68
CA ALA A 283 -37.10 39.00 17.18
C ALA A 283 -35.79 38.23 16.98
N TRP A 284 -34.85 38.41 17.89
CA TRP A 284 -33.56 37.71 17.79
C TRP A 284 -33.71 36.27 18.28
N ASP A 285 -33.17 35.34 17.51
CA ASP A 285 -32.98 33.96 17.91
C ASP A 285 -31.48 33.65 17.96
N ALA A 286 -31.16 32.42 18.36
CA ALA A 286 -29.76 32.05 18.52
C ALA A 286 -29.00 32.16 17.20
N GLN A 287 -29.66 31.79 16.10
CA GLN A 287 -29.10 31.99 14.77
C GLN A 287 -28.55 33.40 14.62
N ARG A 288 -29.35 34.39 15.05
CA ARG A 288 -28.96 35.79 14.91
C ARG A 288 -27.78 36.14 15.81
N ILE A 289 -27.74 35.59 17.03
CA ILE A 289 -26.63 35.86 17.93
C ILE A 289 -25.32 35.39 17.31
N PHE A 290 -25.28 34.13 16.88
CA PHE A 290 -24.04 33.61 16.32
C PHE A 290 -23.70 34.27 14.99
N LYS A 291 -24.71 34.71 14.24
CA LYS A 291 -24.44 35.47 13.03
C LYS A 291 -23.77 36.80 13.36
N GLU A 292 -24.20 37.44 14.45
CA GLU A 292 -23.55 38.69 14.86
C GLU A 292 -22.14 38.46 15.35
N ALA A 293 -21.88 37.33 16.03
CA ALA A 293 -20.52 37.02 16.44
C ALA A 293 -19.61 36.84 15.23
N GLU A 294 -20.08 36.04 14.26
CA GLU A 294 -19.36 35.87 13.00
C GLU A 294 -19.11 37.22 12.33
N LYS A 295 -20.12 38.11 12.34
CA LYS A 295 -19.97 39.42 11.74
C LYS A 295 -18.88 40.22 12.43
N PHE A 296 -18.85 40.18 13.77
CA PHE A 296 -17.78 40.89 14.49
C PHE A 296 -16.42 40.41 14.05
N PHE A 297 -16.19 39.10 14.11
CA PHE A 297 -14.86 38.59 13.77
C PHE A 297 -14.49 38.89 12.32
N VAL A 298 -15.47 38.90 11.41
CA VAL A 298 -15.16 39.27 10.04
C VAL A 298 -14.80 40.75 9.94
N SER A 299 -15.40 41.60 10.77
CA SER A 299 -15.17 43.04 10.66
C SER A 299 -13.71 43.43 10.81
N VAL A 300 -12.87 42.56 11.36
CA VAL A 300 -11.45 42.87 11.58
C VAL A 300 -10.55 42.04 10.68
N GLY A 301 -11.10 41.28 9.74
CA GLY A 301 -10.32 40.57 8.74
C GLY A 301 -10.26 39.07 8.91
N LEU A 302 -10.81 38.52 9.99
CA LEU A 302 -10.77 37.09 10.22
C LEU A 302 -11.79 36.38 9.33
N PRO A 303 -11.60 35.09 9.08
CA PRO A 303 -12.54 34.36 8.22
C PRO A 303 -13.87 34.07 8.90
N ASN A 304 -14.91 33.94 8.08
CA ASN A 304 -16.18 33.52 8.65
C ASN A 304 -16.20 32.01 8.87
N MET A 305 -17.12 31.57 9.72
CA MET A 305 -17.19 30.16 10.10
C MET A 305 -17.43 29.25 8.92
N THR A 306 -16.85 28.06 9.00
CA THR A 306 -17.01 27.07 7.94
C THR A 306 -18.45 26.61 7.86
N GLN A 307 -18.84 26.16 6.66
CA GLN A 307 -20.17 25.59 6.47
C GLN A 307 -20.40 24.42 7.42
N GLY A 308 -19.33 23.71 7.79
CA GLY A 308 -19.47 22.66 8.79
C GLY A 308 -19.87 23.20 10.14
N PHE A 309 -19.37 24.40 10.49
CA PHE A 309 -19.74 24.99 11.77
C PHE A 309 -21.25 25.19 11.85
N TRP A 310 -21.87 25.67 10.78
CA TRP A 310 -23.31 25.90 10.80
C TRP A 310 -24.11 24.62 10.65
N GLU A 311 -23.63 23.65 9.85
CA GLU A 311 -24.37 22.40 9.72
C GLU A 311 -24.30 21.56 11.00
N ASN A 312 -23.25 21.72 11.80
CA ASN A 312 -22.97 20.75 12.85
C ASN A 312 -23.04 21.29 14.27
N SER A 313 -22.94 22.60 14.49
CA SER A 313 -22.95 23.11 15.85
C SER A 313 -24.34 23.00 16.45
N MET A 314 -24.38 22.77 17.76
CA MET A 314 -25.63 22.82 18.52
C MET A 314 -25.70 24.14 19.29
N LEU A 315 -26.58 25.02 18.82
CA LEU A 315 -26.65 26.38 19.30
C LEU A 315 -27.93 26.65 20.06
N THR A 316 -28.75 25.63 20.32
CA THR A 316 -29.95 25.78 21.12
C THR A 316 -30.11 24.57 22.02
N ASP A 317 -30.90 24.74 23.07
CA ASP A 317 -31.32 23.57 23.83
C ASP A 317 -32.18 22.69 22.93
N PRO A 318 -31.79 21.45 22.65
CA PRO A 318 -32.48 20.62 21.67
C PRO A 318 -33.78 20.01 22.18
N GLY A 319 -34.64 20.85 22.75
CA GLY A 319 -35.90 20.36 23.28
C GLY A 319 -35.72 19.51 24.53
N ASN A 320 -36.81 18.83 24.90
CA ASN A 320 -36.83 18.00 26.09
C ASN A 320 -36.56 16.53 25.84
N VAL A 321 -36.69 16.07 24.58
CA VAL A 321 -36.54 14.64 24.31
C VAL A 321 -35.13 14.17 24.67
N GLN A 322 -34.12 14.70 23.98
CA GLN A 322 -32.74 14.37 24.27
C GLN A 322 -32.14 15.41 25.21
N LYS A 323 -31.43 14.94 26.22
CA LYS A 323 -30.73 15.83 27.14
C LYS A 323 -29.34 16.12 26.61
N ALA A 324 -28.80 17.28 26.99
CA ALA A 324 -27.50 17.71 26.49
C ALA A 324 -26.71 18.38 27.62
N VAL A 325 -25.40 18.44 27.43
CA VAL A 325 -24.50 19.11 28.37
C VAL A 325 -24.38 20.56 27.91
N CYS A 326 -25.08 21.46 28.61
CA CYS A 326 -25.28 22.83 28.12
C CYS A 326 -24.18 23.80 28.50
N HIS A 327 -23.10 23.34 29.14
CA HIS A 327 -21.99 24.23 29.42
C HIS A 327 -21.42 24.75 28.11
N PRO A 328 -21.32 26.06 27.92
CA PRO A 328 -20.87 26.60 26.62
C PRO A 328 -19.44 26.17 26.33
N THR A 329 -19.28 25.46 25.21
CA THR A 329 -17.98 24.90 24.85
C THR A 329 -17.70 25.09 23.37
N ALA A 330 -16.42 25.25 23.05
CA ALA A 330 -15.94 25.34 21.68
C ALA A 330 -15.12 24.11 21.35
N TRP A 331 -15.45 23.44 20.25
CA TRP A 331 -14.89 22.15 19.89
C TRP A 331 -14.09 22.30 18.60
N ASP A 332 -12.82 21.91 18.66
CA ASP A 332 -11.98 21.71 17.48
C ASP A 332 -11.81 20.20 17.32
N LEU A 333 -12.60 19.59 16.45
CA LEU A 333 -12.40 18.15 16.29
C LEU A 333 -11.22 17.82 15.39
N GLY A 334 -10.65 18.83 14.74
CA GLY A 334 -9.56 18.61 13.81
C GLY A 334 -10.06 18.20 12.45
N LYS A 335 -9.13 18.24 11.48
CA LYS A 335 -9.42 17.91 10.09
C LYS A 335 -10.53 18.80 9.54
N GLY A 336 -10.45 20.09 9.86
CA GLY A 336 -11.33 21.10 9.30
C GLY A 336 -12.70 21.21 9.93
N ASP A 337 -12.93 20.60 11.09
CA ASP A 337 -14.26 20.57 11.71
C ASP A 337 -14.22 21.36 13.00
N PHE A 338 -14.99 22.45 13.02
CA PHE A 338 -15.10 23.33 14.17
C PHE A 338 -16.58 23.45 14.53
N ARG A 339 -16.89 23.31 15.82
CA ARG A 339 -18.27 23.42 16.29
C ARG A 339 -18.33 24.18 17.60
N ILE A 340 -19.52 24.64 17.94
CA ILE A 340 -19.81 25.22 19.24
C ILE A 340 -21.02 24.51 19.81
N LEU A 341 -20.96 24.16 21.10
CA LEU A 341 -22.10 23.55 21.79
C LEU A 341 -22.53 24.55 22.86
N MET A 342 -23.74 25.09 22.70
CA MET A 342 -24.28 26.08 23.65
C MET A 342 -25.80 26.07 23.55
N CYS A 343 -26.47 25.87 24.68
CA CYS A 343 -27.93 25.94 24.75
C CYS A 343 -28.31 27.40 24.87
N THR A 344 -28.23 28.11 23.74
CA THR A 344 -28.31 29.56 23.75
C THR A 344 -29.70 30.03 24.17
N LYS A 345 -29.73 31.01 25.07
CA LYS A 345 -30.93 31.76 25.40
C LYS A 345 -30.78 33.16 24.82
N VAL A 346 -31.89 33.75 24.38
CA VAL A 346 -31.84 35.08 23.77
C VAL A 346 -31.61 36.11 24.87
N THR A 347 -30.41 36.13 25.43
CA THR A 347 -30.03 37.06 26.48
C THR A 347 -28.71 37.71 26.12
N MET A 348 -28.30 38.68 26.93
CA MET A 348 -27.02 39.36 26.71
C MET A 348 -25.86 38.55 27.27
N ASP A 349 -26.07 37.84 28.39
CA ASP A 349 -25.04 36.93 28.90
C ASP A 349 -24.65 35.92 27.83
N ASP A 350 -25.64 35.27 27.22
CA ASP A 350 -25.35 34.29 26.18
C ASP A 350 -24.82 34.97 24.92
N PHE A 351 -25.24 36.21 24.66
CA PHE A 351 -24.68 36.97 23.53
C PHE A 351 -23.18 37.16 23.70
N LEU A 352 -22.73 37.56 24.88
CA LEU A 352 -21.31 37.77 25.12
C LEU A 352 -20.56 36.44 25.14
N THR A 353 -21.15 35.41 25.77
CA THR A 353 -20.52 34.10 25.80
C THR A 353 -20.34 33.54 24.39
N ALA A 354 -21.26 33.90 23.48
CA ALA A 354 -21.13 33.42 22.10
C ALA A 354 -19.88 33.98 21.44
N HIS A 355 -19.61 35.28 21.64
CA HIS A 355 -18.39 35.85 21.08
C HIS A 355 -17.14 35.29 21.75
N HIS A 356 -17.23 35.02 23.05
CA HIS A 356 -16.12 34.36 23.75
C HIS A 356 -15.78 33.02 23.11
N GLU A 357 -16.79 32.17 22.93
CA GLU A 357 -16.56 30.83 22.42
C GLU A 357 -16.19 30.85 20.94
N MET A 358 -16.75 31.79 20.17
CA MET A 358 -16.32 31.93 18.79
C MET A 358 -14.91 32.49 18.69
N GLY A 359 -14.45 33.23 19.70
CA GLY A 359 -13.03 33.57 19.74
C GLY A 359 -12.17 32.34 19.93
N HIS A 360 -12.60 31.43 20.80
CA HIS A 360 -11.95 30.12 20.88
C HIS A 360 -11.87 29.47 19.50
N ILE A 361 -13.00 29.48 18.76
CA ILE A 361 -13.02 28.81 17.46
C ILE A 361 -12.09 29.50 16.46
N GLN A 362 -12.06 30.83 16.49
CA GLN A 362 -11.18 31.57 15.58
C GLN A 362 -9.71 31.24 15.87
N TYR A 363 -9.35 31.18 17.15
CA TYR A 363 -8.00 30.75 17.51
C TYR A 363 -7.71 29.37 16.95
N ASP A 364 -8.69 28.45 17.03
CA ASP A 364 -8.47 27.10 16.50
C ASP A 364 -8.27 27.10 15.00
N MET A 365 -9.08 27.89 14.27
CA MET A 365 -8.93 27.92 12.82
C MET A 365 -7.63 28.57 12.39
N ALA A 366 -7.09 29.48 13.21
CA ALA A 366 -5.85 30.15 12.82
C ALA A 366 -4.68 29.16 12.79
N TYR A 367 -4.45 28.42 13.88
CA TYR A 367 -3.35 27.47 13.92
C TYR A 367 -3.73 26.10 13.38
N ALA A 368 -4.84 26.00 12.66
CA ALA A 368 -5.25 24.72 12.10
C ALA A 368 -4.17 24.12 11.22
N ALA A 369 -3.37 24.97 10.56
CA ALA A 369 -2.33 24.50 9.64
C ALA A 369 -1.08 23.99 10.36
N GLN A 370 -0.98 24.17 11.68
CA GLN A 370 0.17 23.69 12.43
C GLN A 370 0.12 22.17 12.56
N PRO A 371 1.22 21.54 12.98
CA PRO A 371 1.18 20.10 13.26
C PRO A 371 0.22 19.78 14.41
N PHE A 372 -0.22 18.52 14.44
CA PHE A 372 -1.21 18.09 15.43
C PHE A 372 -0.80 18.45 16.85
N LEU A 373 0.48 18.26 17.18
CA LEU A 373 0.91 18.46 18.56
C LEU A 373 1.01 19.93 18.93
N LEU A 374 1.09 20.84 17.96
CA LEU A 374 1.23 22.27 18.22
C LEU A 374 -0.07 23.04 17.99
N ARG A 375 -1.20 22.34 17.93
CA ARG A 375 -2.51 22.98 17.76
C ARG A 375 -3.08 23.31 19.13
N ASN A 376 -2.56 24.38 19.72
CA ASN A 376 -2.99 24.81 21.05
C ASN A 376 -2.50 26.23 21.27
N GLY A 377 -2.89 26.80 22.39
CA GLY A 377 -2.47 28.14 22.74
C GLY A 377 -1.00 28.22 23.07
N ALA A 378 -0.52 29.45 23.27
CA ALA A 378 0.91 29.66 23.55
C ALA A 378 1.29 29.06 24.90
N ASN A 379 0.51 29.33 25.94
CA ASN A 379 0.61 28.61 27.20
C ASN A 379 -0.80 28.43 27.75
N GLU A 380 -0.90 27.98 29.00
CA GLU A 380 -2.19 27.64 29.58
C GLU A 380 -3.13 28.84 29.71
N GLY A 381 -2.64 30.06 29.49
CA GLY A 381 -3.45 31.25 29.66
C GLY A 381 -3.87 31.99 28.41
N PHE A 382 -3.68 31.42 27.22
CA PHE A 382 -3.91 32.19 26.01
C PHE A 382 -5.33 32.05 25.46
N HIS A 383 -5.89 30.83 25.48
CA HIS A 383 -7.23 30.61 24.96
C HIS A 383 -8.26 31.45 25.69
N GLU A 384 -8.28 31.35 27.02
CA GLU A 384 -9.31 32.04 27.79
C GLU A 384 -9.14 33.56 27.70
N ALA A 385 -7.90 34.04 27.62
CA ALA A 385 -7.67 35.47 27.42
C ALA A 385 -8.24 35.93 26.08
N VAL A 386 -7.95 35.18 25.02
CA VAL A 386 -8.51 35.50 23.70
C VAL A 386 -10.04 35.55 23.79
N GLY A 387 -10.64 34.57 24.45
CA GLY A 387 -12.09 34.56 24.57
C GLY A 387 -12.62 35.75 25.34
N GLU A 388 -11.88 36.20 26.36
CA GLU A 388 -12.35 37.30 27.19
C GLU A 388 -12.33 38.63 26.46
N ILE A 389 -11.29 38.89 25.65
CA ILE A 389 -11.24 40.20 25.01
C ILE A 389 -12.38 40.40 24.02
N MET A 390 -12.97 39.31 23.51
CA MET A 390 -14.14 39.41 22.65
C MET A 390 -15.37 39.91 23.41
N SER A 391 -15.64 39.34 24.58
CA SER A 391 -16.70 39.87 25.44
C SER A 391 -16.42 41.31 25.84
N LEU A 392 -15.15 41.65 26.09
CA LEU A 392 -14.80 43.03 26.41
C LEU A 392 -15.20 43.99 25.29
N SER A 393 -14.85 43.66 24.05
CA SER A 393 -15.17 44.55 22.94
C SER A 393 -16.68 44.60 22.69
N ALA A 394 -17.33 43.44 22.64
CA ALA A 394 -18.75 43.41 22.28
C ALA A 394 -19.68 43.84 23.40
N ALA A 395 -19.16 44.02 24.61
CA ALA A 395 -19.99 44.52 25.71
C ALA A 395 -20.10 46.03 25.72
N THR A 396 -19.16 46.75 25.11
CA THR A 396 -19.13 48.20 25.20
C THR A 396 -20.37 48.82 24.57
N PRO A 397 -20.79 50.00 25.05
CA PRO A 397 -21.95 50.66 24.44
C PRO A 397 -21.73 51.02 22.98
N LYS A 398 -20.49 51.32 22.58
CA LYS A 398 -20.24 51.63 21.18
C LYS A 398 -20.63 50.46 20.29
N HIS A 399 -20.32 49.23 20.71
CA HIS A 399 -20.66 48.06 19.91
C HIS A 399 -22.14 47.75 19.97
N LEU A 400 -22.74 47.79 21.17
CA LEU A 400 -24.16 47.51 21.29
C LEU A 400 -24.97 48.50 20.46
N LYS A 401 -24.56 49.77 20.44
CA LYS A 401 -25.19 50.75 19.57
C LYS A 401 -24.90 50.45 18.11
N SER A 402 -23.69 49.94 17.82
CA SER A 402 -23.31 49.66 16.45
C SER A 402 -24.21 48.61 15.81
N ILE A 403 -24.55 47.55 16.55
CA ILE A 403 -25.32 46.45 16.03
C ILE A 403 -26.82 46.64 16.21
N GLY A 404 -27.26 47.81 16.69
CA GLY A 404 -28.68 48.15 16.74
C GLY A 404 -29.44 47.76 17.99
N LEU A 405 -28.77 47.18 18.98
CA LEU A 405 -29.48 46.77 20.19
C LEU A 405 -29.67 47.94 21.15
N LEU A 406 -28.65 48.76 21.31
CA LEU A 406 -28.74 49.92 22.19
C LEU A 406 -29.08 51.15 21.34
N SER A 407 -30.01 51.96 21.83
CA SER A 407 -30.44 53.11 21.06
C SER A 407 -29.40 54.22 21.10
N PRO A 408 -29.30 55.02 20.03
CA PRO A 408 -28.35 56.15 20.05
C PRO A 408 -28.64 57.18 21.14
N ASP A 409 -29.84 57.19 21.72
CA ASP A 409 -30.15 58.09 22.84
C ASP A 409 -29.82 57.48 24.18
N PHE A 410 -28.74 56.69 24.29
CA PHE A 410 -28.27 56.19 25.57
C PHE A 410 -27.17 57.09 26.10
N GLN A 411 -27.28 57.47 27.36
CA GLN A 411 -26.39 58.45 27.98
C GLN A 411 -25.38 57.72 28.86
N GLU A 412 -24.15 57.62 28.39
CA GLU A 412 -23.05 57.17 29.23
C GLU A 412 -22.62 58.33 30.13
N ASP A 413 -22.59 58.10 31.44
CA ASP A 413 -22.26 59.13 32.41
C ASP A 413 -21.05 58.72 33.24
N ASN A 414 -20.81 59.45 34.33
CA ASN A 414 -19.73 59.09 35.24
C ASN A 414 -20.20 58.20 36.38
N GLU A 415 -21.47 57.79 36.38
CA GLU A 415 -22.01 56.86 37.37
C GLU A 415 -22.23 55.46 36.82
N THR A 416 -22.84 55.34 35.64
CA THR A 416 -23.09 54.02 35.08
C THR A 416 -21.78 53.30 34.75
N GLU A 417 -20.79 54.05 34.27
CA GLU A 417 -19.48 53.43 34.03
C GLU A 417 -18.80 53.02 35.33
N ILE A 418 -19.03 53.75 36.42
CA ILE A 418 -18.48 53.31 37.70
C ILE A 418 -19.16 52.03 38.16
N ASN A 419 -20.48 51.94 37.96
CA ASN A 419 -21.19 50.69 38.25
C ASN A 419 -20.59 49.53 37.44
N PHE A 420 -20.38 49.76 36.15
CA PHE A 420 -19.79 48.75 35.27
C PHE A 420 -18.40 48.34 35.74
N LEU A 421 -17.51 49.32 35.92
CA LEU A 421 -16.14 49.03 36.32
C LEU A 421 -16.10 48.35 37.68
N LEU A 422 -17.05 48.67 38.56
CA LEU A 422 -17.08 48.01 39.87
C LEU A 422 -17.50 46.55 39.73
N LYS A 423 -18.50 46.26 38.91
CA LYS A 423 -18.83 44.85 38.65
C LYS A 423 -17.64 44.11 38.05
N GLN A 424 -16.99 44.74 37.07
CA GLN A 424 -15.81 44.13 36.44
C GLN A 424 -14.71 43.86 37.45
N ALA A 425 -14.47 44.80 38.37
CA ALA A 425 -13.43 44.59 39.38
C ALA A 425 -13.83 43.52 40.38
N LEU A 426 -15.12 43.46 40.73
CA LEU A 426 -15.61 42.42 41.61
C LEU A 426 -15.38 41.04 41.03
N THR A 427 -15.47 40.93 39.70
CA THR A 427 -15.23 39.64 39.07
C THR A 427 -13.73 39.37 38.85
N ILE A 428 -13.01 40.35 38.32
CA ILE A 428 -11.68 40.18 37.74
C ILE A 428 -10.59 40.46 38.77
N VAL A 429 -10.57 41.68 39.31
CA VAL A 429 -9.57 42.03 40.34
C VAL A 429 -9.83 41.22 41.60
N GLY A 430 -11.09 40.98 41.92
CA GLY A 430 -11.43 40.25 43.14
C GLY A 430 -10.83 38.85 43.21
N THR A 431 -10.73 38.17 42.06
CA THR A 431 -10.22 36.81 42.03
C THR A 431 -8.69 36.73 42.05
N LEU A 432 -8.01 37.87 41.91
CA LEU A 432 -6.57 37.83 41.69
C LEU A 432 -5.79 37.45 42.94
N PRO A 433 -5.97 38.09 44.09
CA PRO A 433 -5.24 37.63 45.28
C PRO A 433 -5.67 36.24 45.71
N PHE A 434 -6.95 35.91 45.54
CA PHE A 434 -7.43 34.56 45.82
C PHE A 434 -6.63 33.53 45.03
N THR A 435 -6.51 33.73 43.72
CA THR A 435 -5.79 32.77 42.88
C THR A 435 -4.31 32.71 43.24
N TYR A 436 -3.67 33.89 43.36
CA TYR A 436 -2.25 33.93 43.73
C TYR A 436 -2.00 33.15 45.01
N MET A 437 -2.79 33.43 46.04
CA MET A 437 -2.58 32.79 47.34
C MET A 437 -2.81 31.29 47.27
N LEU A 438 -3.88 30.86 46.60
CA LEU A 438 -4.17 29.43 46.55
C LEU A 438 -3.03 28.68 45.89
N GLU A 439 -2.60 29.14 44.71
CA GLU A 439 -1.50 28.47 44.04
C GLU A 439 -0.20 28.59 44.83
N LYS A 440 -0.02 29.65 45.61
CA LYS A 440 1.19 29.77 46.41
C LYS A 440 1.20 28.75 47.54
N TRP A 441 0.07 28.58 48.21
CA TRP A 441 -0.05 27.55 49.25
C TRP A 441 0.25 26.18 48.66
N ARG A 442 -0.31 25.89 47.48
CA ARG A 442 0.00 24.62 46.83
C ARG A 442 1.49 24.49 46.51
N TRP A 443 2.09 25.55 45.95
CA TRP A 443 3.48 25.48 45.55
C TRP A 443 4.37 25.19 46.76
N MET A 444 4.05 25.80 47.91
CA MET A 444 4.85 25.56 49.10
C MET A 444 4.63 24.15 49.65
N VAL A 445 3.38 23.68 49.66
CA VAL A 445 3.13 22.32 50.14
C VAL A 445 3.86 21.29 49.27
N PHE A 446 3.89 21.52 47.96
CA PHE A 446 4.59 20.60 47.07
C PHE A 446 6.09 20.70 47.25
N LYS A 447 6.61 21.91 47.47
CA LYS A 447 8.05 22.06 47.69
C LYS A 447 8.47 21.56 49.06
N GLY A 448 7.53 21.31 49.97
CA GLY A 448 7.85 20.82 51.30
C GLY A 448 7.99 21.87 52.37
N GLU A 449 7.45 23.07 52.15
CA GLU A 449 7.68 24.19 53.06
C GLU A 449 6.61 24.32 54.13
N ILE A 450 5.52 23.57 54.06
CA ILE A 450 4.47 23.61 55.07
C ILE A 450 4.29 22.22 55.65
N PRO A 451 4.70 21.99 56.91
CA PRO A 451 4.50 20.66 57.51
C PRO A 451 3.02 20.32 57.56
N LYS A 452 2.74 19.01 57.53
CA LYS A 452 1.37 18.54 57.54
C LYS A 452 0.61 19.14 58.72
N ASP A 453 1.20 19.08 59.92
CA ASP A 453 0.58 19.57 61.14
C ASP A 453 0.26 21.06 61.11
N GLN A 454 0.70 21.79 60.08
CA GLN A 454 0.38 23.20 59.96
C GLN A 454 -0.40 23.57 58.71
N TRP A 455 -0.74 22.58 57.86
CA TRP A 455 -1.39 22.86 56.58
C TRP A 455 -2.47 23.93 56.72
N MET A 456 -3.59 23.58 57.33
CA MET A 456 -4.68 24.56 57.47
C MET A 456 -4.21 25.79 58.23
N LYS A 457 -3.40 25.62 59.28
CA LYS A 457 -2.92 26.77 60.04
C LYS A 457 -2.22 27.75 59.13
N LYS A 458 -1.43 27.25 58.17
CA LYS A 458 -0.81 28.17 57.22
C LYS A 458 -1.85 28.76 56.29
N TRP A 459 -2.75 27.91 55.78
CA TRP A 459 -3.77 28.34 54.83
C TRP A 459 -4.49 29.60 55.33
N TRP A 460 -5.07 29.52 56.51
CA TRP A 460 -5.86 30.65 57.01
C TRP A 460 -5.00 31.82 57.46
N GLU A 461 -3.70 31.59 57.69
CA GLU A 461 -2.84 32.75 57.83
C GLU A 461 -2.70 33.46 56.49
N MET A 462 -2.49 32.68 55.43
CA MET A 462 -2.32 33.25 54.11
C MET A 462 -3.61 33.91 53.62
N LYS A 463 -4.75 33.32 53.95
CA LYS A 463 -6.03 33.98 53.70
C LYS A 463 -6.06 35.36 54.36
N ARG A 464 -5.60 35.44 55.61
CA ARG A 464 -5.68 36.72 56.31
C ARG A 464 -4.66 37.72 55.77
N GLU A 465 -3.45 37.27 55.47
CA GLU A 465 -2.39 38.21 55.15
C GLU A 465 -2.49 38.72 53.72
N ILE A 466 -2.66 37.83 52.75
CA ILE A 466 -2.63 38.25 51.35
C ILE A 466 -4.01 38.68 50.88
N VAL A 467 -5.04 37.92 51.21
CA VAL A 467 -6.37 38.14 50.63
C VAL A 467 -7.19 39.14 51.44
N GLY A 468 -6.93 39.25 52.74
CA GLY A 468 -7.76 40.08 53.59
C GLY A 468 -9.02 39.40 54.06
N VAL A 469 -9.00 38.07 54.20
CA VAL A 469 -10.17 37.27 54.51
C VAL A 469 -9.86 36.41 55.73
N VAL A 470 -10.75 36.43 56.72
CA VAL A 470 -10.59 35.65 57.93
C VAL A 470 -11.64 34.55 57.94
N GLU A 471 -11.28 33.40 58.50
CA GLU A 471 -12.21 32.29 58.62
C GLU A 471 -13.18 32.53 59.77
N PRO A 472 -14.47 32.21 59.59
CA PRO A 472 -15.44 32.43 60.66
C PRO A 472 -15.45 31.36 61.74
N VAL A 473 -14.75 30.25 61.54
CA VAL A 473 -14.70 29.16 62.51
C VAL A 473 -13.25 28.68 62.59
N PRO A 474 -12.69 28.49 63.77
CA PRO A 474 -11.33 27.93 63.87
C PRO A 474 -11.31 26.51 63.33
N HIS A 475 -10.30 26.21 62.52
CA HIS A 475 -10.15 24.90 61.90
C HIS A 475 -8.81 24.31 62.32
N ASP A 476 -8.85 23.17 63.01
CA ASP A 476 -7.64 22.40 63.23
C ASP A 476 -7.31 21.63 61.95
N GLU A 477 -6.38 20.69 62.04
CA GLU A 477 -5.88 20.02 60.84
C GLU A 477 -6.73 18.84 60.40
N THR A 478 -7.95 18.70 60.93
CA THR A 478 -8.88 17.71 60.41
C THR A 478 -9.55 18.15 59.12
N TYR A 479 -9.35 19.40 58.70
CA TYR A 479 -9.98 19.95 57.51
C TYR A 479 -9.02 19.95 56.34
N CYS A 480 -9.57 20.18 55.15
CA CYS A 480 -8.77 20.40 53.95
C CYS A 480 -9.58 21.37 53.06
N ASP A 481 -9.73 22.59 53.57
CA ASP A 481 -10.51 23.60 52.85
C ASP A 481 -10.00 23.89 51.45
N PRO A 482 -8.68 23.91 51.18
CA PRO A 482 -8.24 23.97 49.77
C PRO A 482 -8.95 22.95 48.89
N ALA A 483 -8.92 21.67 49.29
CA ALA A 483 -9.56 20.61 48.52
C ALA A 483 -11.07 20.83 48.39
N SER A 484 -11.65 21.68 49.22
CA SER A 484 -13.09 21.91 49.13
C SER A 484 -13.47 22.74 47.91
N LEU A 485 -12.50 23.22 47.14
CA LEU A 485 -12.76 23.86 45.85
C LEU A 485 -12.54 22.85 44.74
N PHE A 486 -13.28 23.05 43.63
CA PHE A 486 -13.26 22.09 42.52
C PHE A 486 -11.84 21.84 42.01
N HIS A 487 -11.00 22.87 42.01
CA HIS A 487 -9.73 22.80 41.30
C HIS A 487 -8.61 22.17 42.12
N VAL A 488 -8.77 22.03 43.43
CA VAL A 488 -7.73 21.43 44.25
C VAL A 488 -7.93 19.93 44.42
N SER A 489 -9.18 19.47 44.46
CA SER A 489 -9.50 18.06 44.62
C SER A 489 -9.69 17.34 43.29
N ASN A 490 -9.36 17.99 42.17
CA ASN A 490 -9.42 17.35 40.87
C ASN A 490 -8.17 17.61 40.03
N ASP A 491 -7.10 18.13 40.64
CA ASP A 491 -5.76 18.16 40.05
C ASP A 491 -5.72 19.05 38.80
N TYR A 492 -5.76 20.36 39.06
CA TYR A 492 -5.63 21.38 38.02
C TYR A 492 -4.80 22.54 38.55
N SER A 493 -3.81 22.96 37.77
CA SER A 493 -3.04 24.14 38.13
C SER A 493 -3.92 25.36 38.08
N PHE A 494 -3.71 26.29 39.02
CA PHE A 494 -4.61 27.41 39.24
C PHE A 494 -4.10 28.75 38.75
N ILE A 495 -2.78 28.94 38.69
CA ILE A 495 -2.12 30.20 38.30
C ILE A 495 -2.56 30.65 36.92
N ARG A 496 -3.20 29.74 36.19
CA ARG A 496 -3.61 30.05 34.82
C ARG A 496 -4.58 31.22 34.79
N TYR A 497 -5.38 31.38 35.84
CA TYR A 497 -6.38 32.45 35.82
C TYR A 497 -5.75 33.80 36.07
N TYR A 498 -4.83 33.87 37.04
CA TYR A 498 -4.01 35.06 37.22
C TYR A 498 -3.36 35.49 35.91
N THR A 499 -2.62 34.55 35.30
CA THR A 499 -1.91 34.88 34.07
C THR A 499 -2.87 35.27 32.96
N ARG A 500 -4.04 34.62 32.90
CA ARG A 500 -5.02 34.91 31.86
C ARG A 500 -5.58 36.32 32.02
N THR A 501 -5.92 36.70 33.26
CA THR A 501 -6.38 38.04 33.52
C THR A 501 -5.37 39.07 33.03
N LEU A 502 -4.10 38.88 33.37
CA LEU A 502 -3.11 39.87 32.93
C LEU A 502 -2.96 39.86 31.40
N TYR A 503 -2.93 38.67 30.79
CA TYR A 503 -2.78 38.57 29.34
C TYR A 503 -3.90 39.27 28.60
N GLN A 504 -5.14 39.09 29.06
CA GLN A 504 -6.27 39.58 28.30
C GLN A 504 -6.26 41.10 28.21
N PHE A 505 -5.83 41.77 29.28
CA PHE A 505 -5.76 43.22 29.24
C PHE A 505 -4.56 43.71 28.45
N GLN A 506 -3.43 42.97 28.47
CA GLN A 506 -2.36 43.33 27.55
C GLN A 506 -2.84 43.25 26.10
N PHE A 507 -3.54 42.17 25.75
CA PHE A 507 -4.13 42.03 24.42
C PHE A 507 -5.07 43.19 24.10
N GLN A 508 -6.06 43.42 24.97
CA GLN A 508 -7.07 44.43 24.68
C GLN A 508 -6.44 45.80 24.51
N GLU A 509 -5.44 46.13 25.31
CA GLU A 509 -4.79 47.43 25.18
C GLU A 509 -4.01 47.53 23.87
N ALA A 510 -3.21 46.51 23.54
CA ALA A 510 -2.46 46.56 22.28
C ALA A 510 -3.40 46.66 21.08
N LEU A 511 -4.49 45.90 21.10
CA LEU A 511 -5.44 45.92 19.98
C LEU A 511 -6.15 47.27 19.89
N CYS A 512 -6.54 47.84 21.03
CA CYS A 512 -7.19 49.14 21.02
C CYS A 512 -6.25 50.25 20.59
N GLN A 513 -4.94 50.08 20.81
CA GLN A 513 -3.98 51.03 20.26
C GLN A 513 -3.86 50.87 18.75
N ALA A 514 -3.79 49.62 18.26
CA ALA A 514 -3.75 49.41 16.82
C ALA A 514 -5.05 49.86 16.16
N ALA A 515 -6.15 49.87 16.91
CA ALA A 515 -7.44 50.31 16.41
C ALA A 515 -7.66 51.81 16.59
N LYS A 516 -6.65 52.54 17.07
CA LYS A 516 -6.70 53.99 17.21
C LYS A 516 -7.86 54.42 18.12
N HIS A 517 -7.98 53.76 19.26
CA HIS A 517 -9.09 54.03 20.17
C HIS A 517 -8.75 55.20 21.07
N GLU A 518 -9.61 56.23 21.03
CA GLU A 518 -9.51 57.36 21.94
C GLU A 518 -10.32 57.09 23.20
N GLY A 519 -9.77 57.52 24.34
CA GLY A 519 -10.50 57.47 25.58
C GLY A 519 -10.05 56.35 26.50
N PRO A 520 -10.78 56.14 27.59
CA PRO A 520 -10.43 55.07 28.53
C PRO A 520 -10.56 53.69 27.91
N LEU A 521 -9.73 52.77 28.40
CA LEU A 521 -9.54 51.50 27.71
C LEU A 521 -10.79 50.62 27.78
N HIS A 522 -11.51 50.67 28.90
CA HIS A 522 -12.66 49.78 29.08
C HIS A 522 -13.79 50.08 28.11
N LYS A 523 -13.82 51.25 27.51
CA LYS A 523 -14.87 51.64 26.57
C LYS A 523 -14.57 51.19 25.14
N CYS A 524 -13.49 50.47 24.90
CA CYS A 524 -12.97 50.30 23.56
C CYS A 524 -13.59 49.10 22.85
N ASP A 525 -13.91 49.29 21.57
CA ASP A 525 -14.42 48.26 20.69
C ASP A 525 -13.48 48.17 19.49
N ILE A 526 -13.04 46.96 19.16
CA ILE A 526 -12.03 46.78 18.13
C ILE A 526 -12.68 46.47 16.78
N SER A 527 -13.99 46.61 16.69
CA SER A 527 -14.69 46.35 15.45
C SER A 527 -14.19 47.26 14.33
N ASN A 528 -14.34 46.78 13.09
CA ASN A 528 -13.93 47.51 11.88
C ASN A 528 -12.48 47.99 11.95
N SER A 529 -11.59 47.14 12.43
CA SER A 529 -10.19 47.54 12.54
C SER A 529 -9.34 46.36 12.08
N THR A 530 -9.14 46.27 10.77
CA THR A 530 -8.40 45.16 10.18
C THR A 530 -6.95 45.11 10.67
N GLU A 531 -6.40 46.24 11.12
CA GLU A 531 -5.02 46.24 11.60
C GLU A 531 -4.92 45.56 12.96
N ALA A 532 -5.89 45.80 13.85
CA ALA A 532 -5.91 45.07 15.11
C ALA A 532 -6.08 43.57 14.87
N GLY A 533 -6.97 43.23 13.94
CA GLY A 533 -7.19 41.83 13.61
C GLY A 533 -5.95 41.17 13.05
N GLN A 534 -5.20 41.88 12.19
CA GLN A 534 -3.96 41.35 11.67
C GLN A 534 -2.92 41.17 12.78
N LYS A 535 -2.80 42.17 13.66
CA LYS A 535 -1.86 42.07 14.78
C LYS A 535 -2.20 40.88 15.68
N LEU A 536 -3.49 40.57 15.83
CA LEU A 536 -3.86 39.41 16.63
C LEU A 536 -3.63 38.10 15.88
N PHE A 537 -4.00 38.05 14.59
CA PHE A 537 -3.80 36.83 13.82
C PHE A 537 -2.33 36.46 13.73
N ASN A 538 -1.44 37.45 13.74
CA ASN A 538 -0.01 37.16 13.74
C ASN A 538 0.40 36.27 14.90
N MET A 539 -0.35 36.32 16.01
CA MET A 539 -0.10 35.44 17.15
C MET A 539 -1.03 34.24 17.17
N LEU A 540 -2.26 34.38 16.70
CA LEU A 540 -3.18 33.25 16.67
C LEU A 540 -2.66 32.14 15.75
N ARG A 541 -2.12 32.52 14.58
CA ARG A 541 -1.63 31.55 13.61
C ARG A 541 -0.45 30.74 14.12
N LEU A 542 0.20 31.16 15.21
CA LEU A 542 1.38 30.45 15.70
C LEU A 542 1.04 29.18 16.44
N GLY A 543 -0.10 29.12 17.10
CA GLY A 543 -0.34 28.01 18.01
C GLY A 543 0.69 28.08 19.12
N LYS A 544 1.33 26.94 19.40
CA LYS A 544 2.43 26.89 20.34
C LYS A 544 3.71 26.43 19.65
N SER A 545 3.95 26.94 18.44
CA SER A 545 5.16 26.62 17.68
C SER A 545 6.31 27.57 17.98
N GLU A 546 6.03 28.70 18.58
CA GLU A 546 7.04 29.63 19.07
C GLU A 546 6.84 29.82 20.57
N PRO A 547 7.87 30.27 21.29
CA PRO A 547 7.71 30.45 22.74
C PRO A 547 6.55 31.38 23.05
N TRP A 548 5.91 31.11 24.19
CA TRP A 548 4.77 31.94 24.60
C TRP A 548 5.17 33.40 24.77
N THR A 549 6.43 33.66 25.16
CA THR A 549 6.92 35.03 25.22
C THR A 549 6.93 35.68 23.83
N LEU A 550 7.34 34.93 22.80
CA LEU A 550 7.36 35.48 21.45
C LEU A 550 5.95 35.71 20.93
N ALA A 551 5.04 34.76 21.18
CA ALA A 551 3.64 34.95 20.82
C ALA A 551 3.06 36.21 21.47
N LEU A 552 3.42 36.45 22.73
CA LEU A 552 2.95 37.66 23.41
C LEU A 552 3.52 38.92 22.76
N GLU A 553 4.82 38.92 22.46
CA GLU A 553 5.43 40.07 21.83
C GLU A 553 4.81 40.36 20.46
N ASN A 554 4.32 39.32 19.78
CA ASN A 554 3.67 39.54 18.49
C ASN A 554 2.45 40.44 18.60
N VAL A 555 1.76 40.41 19.75
CA VAL A 555 0.60 41.28 19.95
C VAL A 555 0.99 42.58 20.62
N VAL A 556 1.68 42.50 21.76
CA VAL A 556 1.90 43.66 22.61
C VAL A 556 3.29 44.24 22.47
N GLY A 557 4.18 43.59 21.71
CA GLY A 557 5.53 44.10 21.57
C GLY A 557 6.41 43.97 22.79
N ALA A 558 5.95 43.25 23.81
CA ALA A 558 6.72 43.03 25.03
C ALA A 558 6.84 41.52 25.29
N LYS A 559 7.93 41.13 25.94
CA LYS A 559 8.25 39.72 26.11
C LYS A 559 7.83 39.14 27.45
N ASN A 560 7.20 39.93 28.33
CA ASN A 560 6.86 39.42 29.66
C ASN A 560 5.47 39.87 30.06
N MET A 561 4.90 39.11 31.00
CA MET A 561 3.65 39.45 31.65
C MET A 561 3.77 40.82 32.30
N ASN A 562 2.66 41.55 32.36
CA ASN A 562 2.70 42.93 32.83
C ASN A 562 1.32 43.34 33.34
N VAL A 563 1.27 43.99 34.50
CA VAL A 563 0.00 44.39 35.11
C VAL A 563 -0.52 45.74 34.64
N ARG A 564 0.34 46.58 34.06
CA ARG A 564 -0.04 47.95 33.74
C ARG A 564 -1.29 48.05 32.87
N PRO A 565 -1.56 47.11 31.96
CA PRO A 565 -2.87 47.17 31.27
C PRO A 565 -4.06 46.91 32.17
N LEU A 566 -3.97 45.97 33.11
CA LEU A 566 -5.00 45.81 34.12
C LEU A 566 -5.24 47.10 34.89
N LEU A 567 -4.17 47.68 35.43
CA LEU A 567 -4.29 48.90 36.22
C LEU A 567 -4.77 50.06 35.37
N ASN A 568 -4.47 50.06 34.08
CA ASN A 568 -4.93 51.14 33.20
C ASN A 568 -6.42 50.96 32.90
N TYR A 569 -6.86 49.73 32.67
CA TYR A 569 -8.27 49.45 32.51
C TYR A 569 -9.06 49.90 33.72
N PHE A 570 -8.51 49.67 34.92
CA PHE A 570 -9.22 49.93 36.16
C PHE A 570 -8.87 51.25 36.82
N GLU A 571 -8.01 52.07 36.22
CA GLU A 571 -7.60 53.33 36.82
C GLU A 571 -8.75 54.27 37.18
N PRO A 572 -9.79 54.45 36.34
CA PRO A 572 -10.93 55.28 36.79
C PRO A 572 -11.52 54.82 38.11
N LEU A 573 -11.84 53.53 38.22
CA LEU A 573 -12.38 53.03 39.47
C LEU A 573 -11.35 53.06 40.58
N PHE A 574 -10.06 52.93 40.25
CA PHE A 574 -9.00 53.12 41.24
C PHE A 574 -9.12 54.48 41.91
N THR A 575 -9.11 55.54 41.12
CA THR A 575 -9.19 56.88 41.69
C THR A 575 -10.52 57.08 42.44
N TRP A 576 -11.60 56.53 41.90
CA TRP A 576 -12.89 56.67 42.59
C TRP A 576 -12.88 55.99 43.94
N LEU A 577 -12.24 54.82 44.03
CA LEU A 577 -12.12 54.12 45.30
C LEU A 577 -11.25 54.90 46.28
N LYS A 578 -10.15 55.46 45.78
CA LYS A 578 -9.31 56.30 46.63
C LYS A 578 -10.12 57.45 47.22
N ASP A 579 -11.05 58.01 46.44
CA ASP A 579 -11.88 59.07 46.99
C ASP A 579 -12.88 58.52 48.01
N GLN A 580 -13.62 57.47 47.63
CA GLN A 580 -14.66 56.96 48.50
C GLN A 580 -14.11 56.50 49.85
N ASN A 581 -12.88 56.01 49.88
CA ASN A 581 -12.29 55.48 51.11
C ASN A 581 -11.67 56.56 51.98
N LYS A 582 -11.80 57.84 51.62
CA LYS A 582 -11.24 58.91 52.44
C LYS A 582 -11.78 58.88 53.86
N ASN A 583 -12.95 58.27 54.07
CA ASN A 583 -13.54 58.07 55.38
C ASN A 583 -13.58 56.58 55.73
N SER A 584 -12.51 55.85 55.43
CA SER A 584 -12.45 54.42 55.71
C SER A 584 -11.01 54.01 55.95
N PHE A 585 -10.85 52.93 56.71
CA PHE A 585 -9.54 52.32 56.89
C PHE A 585 -9.22 51.47 55.66
N VAL A 586 -8.02 51.64 55.11
CA VAL A 586 -7.57 50.89 53.95
C VAL A 586 -6.47 49.93 54.39
N GLY A 587 -6.62 48.67 54.03
CA GLY A 587 -5.85 47.61 54.64
C GLY A 587 -6.69 46.83 55.62
N TRP A 588 -6.01 46.02 56.43
CA TRP A 588 -6.72 45.15 57.35
C TRP A 588 -5.74 44.65 58.40
N SER A 589 -6.28 44.33 59.58
CA SER A 589 -5.55 43.62 60.60
C SER A 589 -5.89 42.13 60.52
N THR A 590 -4.88 41.29 60.70
CA THR A 590 -5.04 39.86 60.49
C THR A 590 -5.55 39.12 61.71
N ASP A 591 -5.50 39.73 62.90
CA ASP A 591 -5.84 39.03 64.13
C ASP A 591 -7.31 39.10 64.49
N TRP A 592 -8.10 39.99 63.88
CA TRP A 592 -9.52 40.01 64.16
C TRP A 592 -10.22 38.83 63.49
N SER A 593 -11.18 38.26 64.22
CA SER A 593 -11.97 37.13 63.73
C SER A 593 -13.34 37.20 64.36
N PRO A 594 -14.38 36.79 63.65
CA PRO A 594 -15.73 36.81 64.23
C PRO A 594 -15.90 35.88 65.43
N TYR A 595 -15.02 34.88 65.59
CA TYR A 595 -15.16 33.97 66.73
C TYR A 595 -14.33 34.38 67.93
N ALA A 596 -13.26 35.15 67.73
CA ALA A 596 -12.46 35.65 68.84
C ALA A 596 -13.11 36.92 69.38
N ASP A 597 -13.71 36.83 70.56
CA ASP A 597 -14.43 37.96 71.14
C ASP A 597 -13.85 38.33 72.51
N THR B 1 -16.37 6.29 -35.49
CA THR B 1 -17.20 7.45 -35.21
C THR B 1 -17.92 7.28 -33.87
N ASN B 2 -17.32 6.46 -33.00
CA ASN B 2 -17.89 6.19 -31.69
C ASN B 2 -17.52 7.30 -30.72
N LEU B 3 -18.38 7.52 -29.73
CA LEU B 3 -18.11 8.56 -28.74
C LEU B 3 -17.22 7.99 -27.64
N CYS B 4 -16.36 8.87 -27.05
CA CYS B 4 -15.37 8.58 -26.02
C CYS B 4 -15.99 8.42 -24.63
N PRO B 5 -15.42 7.50 -23.81
CA PRO B 5 -16.09 6.96 -22.61
C PRO B 5 -17.12 7.80 -21.87
N PHE B 6 -17.35 9.06 -22.27
CA PHE B 6 -18.20 10.05 -21.61
C PHE B 6 -18.52 9.72 -20.16
N ASP B 7 -19.50 8.84 -19.95
CA ASP B 7 -19.95 8.49 -18.62
C ASP B 7 -19.16 7.36 -17.96
N GLU B 8 -18.36 6.61 -18.74
CA GLU B 8 -17.61 5.50 -18.18
C GLU B 8 -16.61 5.98 -17.13
N VAL B 9 -15.97 7.12 -17.38
CA VAL B 9 -14.95 7.62 -16.46
C VAL B 9 -15.57 8.57 -15.43
N PHE B 10 -16.16 9.67 -15.91
CA PHE B 10 -16.65 10.70 -14.99
C PHE B 10 -17.80 10.17 -14.15
N ASN B 11 -18.88 9.74 -14.79
CA ASN B 11 -20.04 9.21 -14.08
C ASN B 11 -19.85 7.72 -13.79
N ALA B 12 -18.84 7.43 -12.98
CA ALA B 12 -18.47 6.06 -12.65
C ALA B 12 -19.09 5.65 -11.32
N THR B 13 -18.70 4.47 -10.83
CA THR B 13 -19.17 3.99 -9.53
C THR B 13 -18.24 4.50 -8.43
N THR B 14 -17.04 3.93 -8.36
CA THR B 14 -16.02 4.36 -7.42
C THR B 14 -14.74 4.68 -8.17
N PHE B 15 -14.06 5.73 -7.75
CA PHE B 15 -12.75 6.07 -8.31
C PHE B 15 -11.65 5.28 -7.61
N ALA B 16 -10.57 5.07 -8.33
CA ALA B 16 -9.40 4.45 -7.72
C ALA B 16 -8.77 5.39 -6.72
N SER B 17 -8.19 4.83 -5.67
CA SER B 17 -7.36 5.62 -4.77
C SER B 17 -6.14 6.15 -5.52
N VAL B 18 -5.53 7.21 -4.98
CA VAL B 18 -4.60 7.98 -5.80
C VAL B 18 -3.29 7.24 -6.04
N TYR B 19 -2.82 6.45 -5.07
CA TYR B 19 -1.58 5.70 -5.27
C TYR B 19 -1.69 4.73 -6.44
N ALA B 20 -2.88 4.17 -6.67
CA ALA B 20 -3.12 3.20 -7.73
C ALA B 20 -4.10 3.73 -8.77
N TRP B 21 -3.89 4.97 -9.19
CA TRP B 21 -4.77 5.58 -10.18
C TRP B 21 -4.87 4.72 -11.42
N ASN B 22 -6.09 4.43 -11.84
CA ASN B 22 -6.25 3.78 -13.14
C ASN B 22 -6.19 4.81 -14.26
N ARG B 23 -5.53 4.41 -15.34
CA ARG B 23 -5.38 5.19 -16.55
C ARG B 23 -6.09 4.45 -17.67
N LYS B 24 -6.93 5.15 -18.41
CA LYS B 24 -7.70 4.56 -19.49
C LYS B 24 -7.29 5.22 -20.80
N ARG B 25 -7.05 4.39 -21.81
CA ARG B 25 -6.71 4.84 -23.15
C ARG B 25 -7.96 5.37 -23.83
N ILE B 26 -8.03 6.68 -24.02
CA ILE B 26 -9.20 7.33 -24.59
C ILE B 26 -8.84 7.64 -26.04
N SER B 27 -9.11 6.68 -26.93
CA SER B 27 -8.60 6.75 -28.28
C SER B 27 -9.61 6.18 -29.28
N ASN B 28 -9.38 6.54 -30.54
CA ASN B 28 -10.14 6.00 -31.69
C ASN B 28 -11.62 6.38 -31.62
N CYS B 29 -11.90 7.64 -31.33
CA CYS B 29 -13.28 7.98 -31.01
C CYS B 29 -13.44 9.48 -30.84
N VAL B 30 -14.64 9.97 -31.18
CA VAL B 30 -14.96 11.40 -31.09
C VAL B 30 -15.37 11.73 -29.66
N ALA B 31 -14.78 12.79 -29.12
CA ALA B 31 -14.99 13.11 -27.71
C ALA B 31 -16.06 14.17 -27.56
N ASP B 32 -16.73 14.15 -26.40
CA ASP B 32 -17.78 15.09 -26.07
C ASP B 32 -17.30 16.17 -25.10
N TYR B 33 -16.00 16.50 -25.13
CA TYR B 33 -15.52 17.58 -24.28
C TYR B 33 -16.08 18.93 -24.69
N SER B 34 -16.84 18.99 -25.79
CA SER B 34 -17.49 20.24 -26.17
C SER B 34 -18.58 20.64 -25.18
N VAL B 35 -19.48 19.70 -24.87
CA VAL B 35 -20.63 20.02 -24.02
C VAL B 35 -20.46 19.51 -22.59
N LEU B 36 -19.46 18.67 -22.31
CA LEU B 36 -19.20 18.28 -20.94
C LEU B 36 -18.53 19.39 -20.14
N TYR B 37 -17.84 20.32 -20.81
CA TYR B 37 -17.21 21.45 -20.14
C TYR B 37 -18.24 22.39 -19.53
N ASN B 38 -19.49 22.32 -19.97
CA ASN B 38 -20.53 23.25 -19.55
C ASN B 38 -21.39 22.70 -18.42
N PHE B 39 -21.10 21.50 -17.90
CA PHE B 39 -21.88 20.98 -16.78
C PHE B 39 -21.65 21.84 -15.54
N ALA B 40 -20.38 22.06 -15.18
CA ALA B 40 -19.88 23.12 -14.31
C ALA B 40 -20.12 23.02 -12.79
N PRO B 41 -20.36 21.84 -12.19
CA PRO B 41 -20.30 21.79 -10.72
C PRO B 41 -18.89 21.66 -10.19
N PHE B 42 -17.94 21.39 -11.08
CA PHE B 42 -16.57 21.09 -10.71
C PHE B 42 -15.96 22.20 -9.87
N PHE B 43 -15.24 21.80 -8.82
CA PHE B 43 -14.61 22.75 -7.92
C PHE B 43 -13.21 23.13 -8.37
N THR B 44 -12.71 22.54 -9.46
CA THR B 44 -11.45 22.98 -10.07
C THR B 44 -11.39 22.40 -11.48
N PHE B 45 -11.78 23.19 -12.47
CA PHE B 45 -11.75 22.78 -13.87
C PHE B 45 -10.68 23.63 -14.56
N LYS B 46 -9.45 23.12 -14.60
CA LYS B 46 -8.35 23.87 -15.19
C LYS B 46 -7.53 22.99 -16.13
N CYS B 47 -7.44 23.41 -17.38
CA CYS B 47 -6.64 22.75 -18.42
C CYS B 47 -5.34 23.52 -18.57
N TYR B 48 -4.22 22.85 -18.30
CA TYR B 48 -2.90 23.48 -18.26
C TYR B 48 -2.13 23.33 -19.57
N GLY B 49 -2.82 23.27 -20.70
CA GLY B 49 -2.10 23.10 -21.94
C GLY B 49 -2.78 23.65 -23.18
N VAL B 50 -4.10 23.81 -23.14
CA VAL B 50 -4.84 24.24 -24.31
C VAL B 50 -6.18 24.83 -23.89
N SER B 51 -6.90 25.42 -24.85
CA SER B 51 -8.15 26.11 -24.58
C SER B 51 -9.24 25.10 -24.21
N PRO B 52 -10.25 25.51 -23.41
CA PRO B 52 -11.26 24.54 -22.97
C PRO B 52 -12.14 23.95 -24.09
N THR B 53 -12.97 24.76 -24.75
CA THR B 53 -13.82 24.20 -25.79
C THR B 53 -13.22 24.30 -27.18
N LYS B 54 -12.18 25.12 -27.35
CA LYS B 54 -11.53 25.22 -28.66
C LYS B 54 -10.86 23.91 -29.05
N LEU B 55 -10.44 23.11 -28.07
CA LEU B 55 -9.66 21.90 -28.36
C LEU B 55 -10.44 20.87 -29.15
N ASN B 56 -11.75 21.06 -29.34
CA ASN B 56 -12.51 20.22 -30.25
C ASN B 56 -11.85 20.17 -31.62
N ASP B 57 -11.41 21.33 -32.11
CA ASP B 57 -10.98 21.51 -33.49
C ASP B 57 -9.56 21.01 -33.71
N LEU B 58 -9.13 20.03 -32.93
CA LEU B 58 -7.78 19.51 -33.02
C LEU B 58 -7.79 18.06 -32.54
N CYS B 59 -7.67 17.13 -33.48
CA CYS B 59 -7.57 15.73 -33.08
C CYS B 59 -6.25 15.47 -32.37
N PHE B 60 -6.25 14.42 -31.56
CA PHE B 60 -5.09 14.02 -30.78
C PHE B 60 -4.84 12.54 -30.99
N THR B 61 -3.58 12.13 -30.81
CA THR B 61 -3.21 10.76 -31.13
C THR B 61 -3.72 9.77 -30.08
N ASN B 62 -3.62 10.13 -28.80
CA ASN B 62 -3.89 9.14 -27.76
C ASN B 62 -4.15 9.82 -26.41
N VAL B 63 -5.34 10.41 -26.26
CA VAL B 63 -5.71 11.00 -24.99
C VAL B 63 -5.70 9.95 -23.88
N TYR B 64 -4.97 10.22 -22.81
CA TYR B 64 -4.93 9.35 -21.65
C TYR B 64 -5.77 9.98 -20.54
N ALA B 65 -6.69 9.21 -19.95
CA ALA B 65 -7.53 9.75 -18.87
C ALA B 65 -7.22 8.99 -17.58
N ASP B 66 -6.65 9.70 -16.61
CA ASP B 66 -6.29 9.10 -15.33
C ASP B 66 -7.30 9.57 -14.29
N SER B 67 -7.86 8.64 -13.53
CA SER B 67 -8.92 9.02 -12.60
C SER B 67 -8.62 8.52 -11.19
N PHE B 68 -8.73 9.42 -10.22
CA PHE B 68 -8.50 9.03 -8.83
C PHE B 68 -9.26 9.98 -7.92
N VAL B 69 -8.83 10.07 -6.67
CA VAL B 69 -9.58 10.76 -5.61
C VAL B 69 -8.57 11.32 -4.62
N ILE B 70 -8.81 12.56 -4.19
CA ILE B 70 -7.96 13.20 -3.20
C ILE B 70 -8.80 14.10 -2.29
N ARG B 71 -8.20 15.16 -1.76
CA ARG B 71 -8.91 16.16 -0.98
C ARG B 71 -8.54 17.55 -1.52
N GLY B 72 -9.08 18.58 -0.87
CA GLY B 72 -8.94 19.92 -1.41
C GLY B 72 -7.52 20.45 -1.33
N ASN B 73 -6.83 20.15 -0.24
CA ASN B 73 -5.42 20.55 -0.17
C ASN B 73 -4.55 19.70 -1.09
N GLU B 74 -4.93 18.42 -1.30
CA GLU B 74 -4.29 17.58 -2.31
C GLU B 74 -4.59 18.03 -3.73
N VAL B 75 -5.71 18.72 -3.97
CA VAL B 75 -6.03 19.15 -5.33
C VAL B 75 -5.03 20.20 -5.81
N SER B 76 -4.54 21.05 -4.91
CA SER B 76 -3.57 22.07 -5.27
C SER B 76 -2.29 21.50 -5.86
N GLN B 77 -2.07 20.19 -5.75
CA GLN B 77 -0.84 19.56 -6.21
C GLN B 77 -0.98 18.88 -7.56
N ILE B 78 -2.19 18.42 -7.92
CA ILE B 78 -2.40 17.81 -9.23
C ILE B 78 -2.16 18.90 -10.27
N ALA B 79 -0.89 19.27 -10.44
CA ALA B 79 -0.49 20.48 -11.14
C ALA B 79 0.94 20.29 -11.63
N PRO B 80 1.36 21.00 -12.67
CA PRO B 80 2.69 20.75 -13.24
C PRO B 80 3.74 21.44 -12.39
N GLY B 81 4.64 20.65 -11.83
CA GLY B 81 5.70 21.22 -11.01
C GLY B 81 5.39 21.23 -9.53
N GLN B 82 4.14 21.47 -9.14
CA GLN B 82 3.76 21.43 -7.73
C GLN B 82 4.14 20.09 -7.13
N THR B 83 4.98 20.13 -6.09
CA THR B 83 5.36 18.93 -5.34
C THR B 83 4.99 19.16 -3.88
N GLY B 84 3.75 18.79 -3.53
CA GLY B 84 3.38 18.73 -2.14
C GLY B 84 3.63 17.35 -1.59
N ASN B 85 2.57 16.70 -1.10
CA ASN B 85 2.66 15.32 -0.67
C ASN B 85 2.32 14.33 -1.78
N ILE B 86 1.51 14.74 -2.75
CA ILE B 86 0.91 13.79 -3.66
C ILE B 86 1.52 13.84 -5.05
N ALA B 87 2.10 14.96 -5.48
CA ALA B 87 2.71 14.99 -6.79
C ALA B 87 4.20 14.67 -6.75
N ASP B 88 4.67 14.03 -5.71
CA ASP B 88 6.02 13.49 -5.75
C ASP B 88 6.13 12.15 -5.07
N TYR B 89 5.05 11.63 -4.50
CA TYR B 89 5.05 10.30 -3.93
C TYR B 89 3.95 9.40 -4.52
N ASN B 90 3.05 9.94 -5.36
CA ASN B 90 2.07 9.15 -6.11
C ASN B 90 1.30 10.00 -7.13
N TYR B 91 1.64 9.87 -8.42
CA TYR B 91 1.09 10.70 -9.50
C TYR B 91 1.68 12.10 -9.54
N LYS B 92 2.79 12.28 -10.25
CA LYS B 92 3.42 13.57 -10.43
C LYS B 92 3.12 14.07 -11.84
N LEU B 93 2.74 15.34 -11.95
CA LEU B 93 2.52 15.90 -13.27
C LEU B 93 3.83 16.35 -13.87
N PRO B 94 4.14 15.93 -15.10
CA PRO B 94 5.36 16.41 -15.75
C PRO B 94 5.37 17.92 -15.88
N ASP B 95 6.58 18.48 -15.84
CA ASP B 95 6.73 19.92 -15.95
C ASP B 95 6.26 20.42 -17.31
N ASP B 96 6.38 19.58 -18.35
CA ASP B 96 5.93 19.90 -19.70
C ASP B 96 4.50 19.48 -19.95
N PHE B 97 3.64 19.53 -18.92
CA PHE B 97 2.27 19.07 -19.05
C PHE B 97 1.50 19.85 -20.11
N THR B 98 0.53 19.16 -20.72
CA THR B 98 -0.28 19.76 -21.78
C THR B 98 -1.78 19.48 -21.67
N GLY B 99 -2.24 18.68 -20.74
CA GLY B 99 -3.63 18.23 -20.68
C GLY B 99 -4.47 18.99 -19.67
N CYS B 100 -5.51 18.32 -19.18
CA CYS B 100 -6.56 18.89 -18.36
C CYS B 100 -6.55 18.32 -16.95
N VAL B 101 -7.12 19.08 -16.00
CA VAL B 101 -7.33 18.61 -14.64
C VAL B 101 -8.75 19.02 -14.25
N ILE B 102 -9.63 18.04 -14.05
CA ILE B 102 -11.01 18.28 -13.69
C ILE B 102 -11.22 17.73 -12.28
N ALA B 103 -11.81 18.54 -11.41
CA ALA B 103 -11.91 18.22 -9.99
C ALA B 103 -13.29 18.64 -9.50
N TRP B 104 -13.99 17.72 -8.84
CA TRP B 104 -15.25 18.10 -8.24
C TRP B 104 -15.33 17.44 -6.87
N ASN B 105 -16.20 18.02 -6.03
CA ASN B 105 -16.44 17.44 -4.72
C ASN B 105 -17.00 16.02 -4.89
N SER B 106 -17.09 15.31 -3.77
CA SER B 106 -17.52 13.92 -3.84
C SER B 106 -18.10 13.43 -2.53
N ASN B 107 -18.18 14.32 -1.54
CA ASN B 107 -18.65 13.97 -0.21
C ASN B 107 -19.87 13.06 -0.21
N LYS B 108 -20.81 13.34 -1.11
CA LYS B 108 -22.09 12.66 -1.07
C LYS B 108 -21.92 11.16 -1.23
N LEU B 109 -20.85 10.72 -1.89
CA LEU B 109 -20.67 9.31 -2.15
C LEU B 109 -19.32 8.75 -1.69
N ASP B 110 -18.22 9.47 -1.89
CA ASP B 110 -16.91 8.92 -1.55
C ASP B 110 -16.54 9.09 -0.07
N SER B 111 -17.40 9.66 0.75
CA SER B 111 -17.20 9.73 2.19
C SER B 111 -18.36 9.01 2.87
N LYS B 112 -18.03 8.13 3.81
CA LYS B 112 -19.05 7.40 4.55
C LYS B 112 -18.89 7.65 6.05
N VAL B 113 -20.03 7.80 6.73
CA VAL B 113 -20.05 8.15 8.14
C VAL B 113 -19.50 7.00 8.96
N GLY B 114 -18.18 6.96 9.14
CA GLY B 114 -17.57 5.88 9.90
C GLY B 114 -16.22 5.45 9.36
N GLY B 115 -15.64 6.28 8.50
CA GLY B 115 -14.29 6.03 8.04
C GLY B 115 -14.19 5.13 6.83
N ASN B 116 -14.57 5.65 5.67
CA ASN B 116 -14.36 4.95 4.41
C ASN B 116 -12.86 4.98 4.13
N TYR B 117 -12.17 3.89 4.46
CA TYR B 117 -10.73 3.80 4.29
C TYR B 117 -10.33 3.15 2.97
N ASN B 118 -11.27 3.00 2.03
CA ASN B 118 -10.96 2.35 0.76
C ASN B 118 -9.94 3.16 -0.04
N TYR B 119 -10.03 4.48 0.05
CA TYR B 119 -9.28 5.38 -0.82
C TYR B 119 -8.04 5.85 -0.07
N ARG B 120 -6.87 5.59 -0.65
CA ARG B 120 -5.58 5.63 0.04
C ARG B 120 -4.62 6.56 -0.70
N TYR B 121 -3.58 7.03 -0.01
CA TYR B 121 -2.40 7.56 -0.67
C TYR B 121 -1.15 6.80 -0.25
N ARG B 122 -0.10 7.04 -1.03
CA ARG B 122 1.28 6.79 -0.64
C ARG B 122 1.79 8.02 0.08
N LEU B 123 2.36 7.84 1.28
CA LEU B 123 3.04 8.94 1.95
C LEU B 123 4.53 8.72 2.10
N PHE B 124 5.01 7.50 1.89
CA PHE B 124 6.42 7.16 2.05
C PHE B 124 6.90 6.44 0.79
N ARG B 125 8.03 6.90 0.25
CA ARG B 125 8.64 6.23 -0.89
C ARG B 125 10.11 6.64 -0.95
N LYS B 126 10.98 5.66 -1.27
CA LYS B 126 12.41 5.91 -1.28
C LYS B 126 12.78 7.08 -2.18
N SER B 127 12.05 7.28 -3.26
CA SER B 127 12.38 8.30 -4.24
C SER B 127 11.11 8.98 -4.71
N ASN B 128 11.29 10.18 -5.25
CA ASN B 128 10.16 10.96 -5.74
C ASN B 128 9.71 10.43 -7.09
N LEU B 129 8.40 10.27 -7.25
CA LEU B 129 7.88 9.65 -8.47
C LEU B 129 8.27 10.46 -9.71
N LYS B 130 8.43 9.77 -10.76
CA LYS B 130 8.81 10.36 -12.02
C LYS B 130 7.56 10.63 -12.85
N PRO B 131 7.62 11.60 -13.77
CA PRO B 131 6.41 12.00 -14.51
C PRO B 131 5.58 10.85 -15.06
N PHE B 132 4.31 10.82 -14.67
CA PHE B 132 3.31 9.89 -15.19
C PHE B 132 3.65 8.44 -14.82
N GLU B 133 4.13 8.25 -13.60
CA GLU B 133 4.52 6.95 -13.08
C GLU B 133 3.50 6.46 -12.07
N ARG B 134 3.23 5.15 -12.08
CA ARG B 134 2.37 4.51 -11.08
C ARG B 134 3.22 3.61 -10.19
N ASP B 135 3.13 3.83 -8.88
CA ASP B 135 3.68 2.91 -7.90
C ASP B 135 2.52 2.39 -7.05
N ILE B 136 2.44 1.07 -6.92
CA ILE B 136 1.37 0.40 -6.21
C ILE B 136 2.01 -0.57 -5.24
N SER B 137 3.33 -0.68 -5.32
CA SER B 137 4.08 -1.67 -4.55
C SER B 137 3.93 -1.43 -3.05
N THR B 138 3.53 -2.46 -2.31
CA THR B 138 3.33 -2.36 -0.87
C THR B 138 4.57 -2.77 -0.07
N GLU B 139 5.76 -2.51 -0.61
CA GLU B 139 6.99 -2.76 0.13
C GLU B 139 7.09 -1.82 1.33
N ILE B 140 7.46 -2.38 2.48
CA ILE B 140 7.59 -1.59 3.69
C ILE B 140 8.67 -0.54 3.50
N TYR B 141 8.43 0.66 4.03
CA TYR B 141 9.39 1.74 3.87
C TYR B 141 10.61 1.53 4.76
N GLN B 142 11.79 1.69 4.17
CA GLN B 142 13.05 1.48 4.88
C GLN B 142 13.59 2.84 5.34
N ALA B 143 12.92 3.39 6.36
CA ALA B 143 13.34 4.68 6.91
C ALA B 143 14.57 4.50 7.80
N GLY B 144 14.44 3.67 8.84
CA GLY B 144 15.60 3.27 9.58
C GLY B 144 16.52 2.41 8.73
N ASN B 145 17.82 2.63 8.89
CA ASN B 145 18.79 1.86 8.13
C ASN B 145 18.64 0.35 8.39
N LYS B 146 18.08 -0.01 9.53
CA LYS B 146 18.04 -1.40 9.97
C LYS B 146 17.24 -2.26 9.00
N PRO B 147 17.57 -3.54 8.88
CA PRO B 147 16.83 -4.43 7.96
C PRO B 147 15.37 -4.55 8.35
N CYS B 148 14.48 -4.24 7.42
CA CYS B 148 13.06 -4.36 7.71
C CYS B 148 12.42 -5.35 6.74
N ASN B 149 12.82 -6.62 6.86
CA ASN B 149 12.33 -7.69 6.00
C ASN B 149 10.82 -7.85 6.11
N GLY B 150 10.07 -7.06 5.35
CA GLY B 150 8.62 -7.08 5.46
C GLY B 150 8.10 -6.75 6.84
N VAL B 151 8.92 -6.12 7.67
CA VAL B 151 8.58 -5.85 9.07
C VAL B 151 7.85 -4.52 9.15
N ALA B 152 6.86 -4.44 10.03
CA ALA B 152 6.09 -3.22 10.26
C ALA B 152 6.35 -2.78 11.70
N GLY B 153 7.18 -1.75 11.87
CA GLY B 153 7.49 -1.27 13.20
C GLY B 153 8.36 -0.03 13.25
N VAL B 154 9.47 -0.12 14.01
CA VAL B 154 10.30 1.06 14.21
C VAL B 154 10.92 1.51 12.90
N ASN B 155 10.78 2.80 12.61
CA ASN B 155 11.40 3.42 11.43
C ASN B 155 11.10 2.66 10.15
N CYS B 156 9.99 1.91 10.13
CA CYS B 156 9.55 1.18 8.94
C CYS B 156 8.04 1.05 9.01
N TYR B 157 7.34 1.65 8.06
CA TYR B 157 5.89 1.79 8.13
C TYR B 157 5.26 1.36 6.81
N PHE B 158 4.00 0.94 6.89
CA PHE B 158 3.21 0.64 5.71
C PHE B 158 3.12 1.90 4.85
N PRO B 159 3.62 1.88 3.62
CA PRO B 159 3.72 3.13 2.85
C PRO B 159 2.39 3.66 2.34
N LEU B 160 1.28 3.04 2.76
CA LEU B 160 -0.06 3.42 2.31
C LEU B 160 -0.89 3.84 3.52
N GLN B 161 -1.35 5.09 3.50
CA GLN B 161 -2.25 5.62 4.51
C GLN B 161 -3.57 5.94 3.85
N SER B 162 -4.67 5.53 4.48
CA SER B 162 -6.00 5.75 3.92
C SER B 162 -6.58 7.07 4.42
N TYR B 163 -7.16 7.84 3.48
CA TYR B 163 -7.97 8.99 3.91
C TYR B 163 -9.14 8.47 4.72
N GLY B 164 -9.21 8.87 5.98
CA GLY B 164 -10.37 8.52 6.78
C GLY B 164 -11.58 9.35 6.38
N PHE B 165 -12.07 9.15 5.15
CA PHE B 165 -13.11 10.04 4.63
C PHE B 165 -14.38 9.95 5.44
N ARG B 166 -14.97 11.12 5.68
CA ARG B 166 -16.17 11.27 6.50
C ARG B 166 -16.92 12.49 5.99
N PRO B 167 -18.24 12.54 6.18
CA PRO B 167 -19.00 13.69 5.65
C PRO B 167 -18.66 15.00 6.33
N THR B 168 -18.44 14.97 7.65
CA THR B 168 -18.31 16.18 8.47
C THR B 168 -16.90 16.76 8.44
N TYR B 169 -16.26 16.79 7.28
CA TYR B 169 -14.90 17.30 7.14
C TYR B 169 -14.93 18.71 6.55
N GLY B 170 -13.83 19.45 6.75
CA GLY B 170 -13.68 20.72 6.08
C GLY B 170 -13.57 20.53 4.57
N VAL B 171 -14.03 21.54 3.83
CA VAL B 171 -14.07 21.46 2.37
C VAL B 171 -12.69 21.14 1.81
N GLY B 172 -11.62 21.54 2.51
CA GLY B 172 -10.27 21.18 2.08
C GLY B 172 -9.90 19.75 2.37
N HIS B 173 -10.45 19.15 3.43
CA HIS B 173 -10.16 17.77 3.80
C HIS B 173 -11.20 16.81 3.26
N GLN B 174 -12.17 17.32 2.52
CA GLN B 174 -13.29 16.57 2.00
C GLN B 174 -12.79 15.74 0.82
N PRO B 175 -13.54 14.74 0.37
CA PRO B 175 -13.14 14.06 -0.86
C PRO B 175 -13.40 14.88 -2.11
N TYR B 176 -12.54 14.66 -3.11
CA TYR B 176 -12.69 15.25 -4.44
C TYR B 176 -12.38 14.14 -5.45
N ARG B 177 -13.32 13.85 -6.35
CA ARG B 177 -12.99 12.94 -7.44
C ARG B 177 -12.39 13.79 -8.55
N VAL B 178 -11.28 13.31 -9.11
CA VAL B 178 -10.42 14.12 -9.95
C VAL B 178 -9.95 13.28 -11.12
N VAL B 179 -10.02 13.84 -12.33
CA VAL B 179 -9.63 13.17 -13.56
C VAL B 179 -8.71 14.09 -14.35
N VAL B 180 -7.59 13.55 -14.81
CA VAL B 180 -6.57 14.27 -15.56
C VAL B 180 -6.58 13.74 -16.99
N LEU B 181 -6.77 14.65 -17.95
CA LEU B 181 -6.82 14.28 -19.37
C LEU B 181 -5.52 14.70 -20.02
N SER B 182 -4.54 13.80 -20.01
CA SER B 182 -3.28 13.99 -20.72
C SER B 182 -3.55 13.96 -22.22
N PHE B 183 -3.60 15.14 -22.82
CA PHE B 183 -3.65 15.28 -24.27
C PHE B 183 -2.25 15.13 -24.84
N GLU B 184 -2.04 14.10 -25.66
CA GLU B 184 -0.82 13.98 -26.44
C GLU B 184 -1.16 13.96 -27.92
N LEU B 185 -0.24 14.47 -28.72
CA LEU B 185 -0.43 14.52 -30.17
C LEU B 185 0.94 14.47 -30.82
N LEU B 186 1.19 13.41 -31.59
CA LEU B 186 2.44 13.27 -32.32
C LEU B 186 2.17 12.48 -33.59
N HIS B 187 3.25 11.98 -34.22
CA HIS B 187 3.13 11.33 -35.53
C HIS B 187 2.24 10.11 -35.48
N ALA B 188 2.05 9.50 -34.31
CA ALA B 188 1.17 8.35 -34.21
C ALA B 188 -0.24 8.76 -34.65
N PRO B 189 -0.99 7.86 -35.30
CA PRO B 189 -2.29 8.23 -35.89
C PRO B 189 -3.23 8.94 -34.91
N ALA B 190 -3.58 10.19 -35.23
CA ALA B 190 -4.43 11.01 -34.37
C ALA B 190 -5.89 10.67 -34.62
N THR B 191 -6.51 9.97 -33.67
CA THR B 191 -7.89 9.48 -33.81
C THR B 191 -8.71 9.84 -32.59
N VAL B 192 -8.54 11.06 -32.09
CA VAL B 192 -9.42 11.59 -31.06
C VAL B 192 -9.86 12.99 -31.45
N CYS B 193 -10.98 13.10 -32.16
CA CYS B 193 -11.38 14.35 -32.81
C CYS B 193 -12.58 14.97 -32.11
N GLY B 194 -12.97 16.16 -32.57
CA GLY B 194 -14.12 16.87 -32.03
C GLY B 194 -14.45 18.10 -32.85
N SER C 1 35.02 -1.76 -26.60
CA SER C 1 35.34 -0.42 -26.14
C SER C 1 34.34 0.03 -25.07
N THR C 2 33.05 0.06 -25.43
CA THR C 2 32.00 0.40 -24.48
C THR C 2 31.63 -0.83 -23.66
N ILE C 3 30.77 -0.60 -22.66
CA ILE C 3 30.30 -1.72 -21.84
C ILE C 3 29.34 -2.59 -22.64
N GLU C 4 28.52 -2.00 -23.51
CA GLU C 4 27.54 -2.78 -24.24
C GLU C 4 28.17 -3.68 -25.29
N GLU C 5 29.22 -3.19 -25.96
CA GLU C 5 29.88 -4.02 -26.96
C GLU C 5 30.60 -5.19 -26.30
N GLN C 6 31.27 -4.93 -25.17
CA GLN C 6 31.83 -6.01 -24.37
C GLN C 6 30.75 -7.01 -23.95
N ALA C 7 29.56 -6.50 -23.60
CA ALA C 7 28.48 -7.38 -23.19
C ALA C 7 27.98 -8.23 -24.36
N LYS C 8 27.90 -7.62 -25.55
CA LYS C 8 27.54 -8.36 -26.76
C LYS C 8 28.51 -9.51 -26.99
N THR C 9 29.80 -9.22 -26.89
CA THR C 9 30.81 -10.25 -27.13
C THR C 9 30.75 -11.33 -26.06
N PHE C 10 30.56 -10.92 -24.80
CA PHE C 10 30.45 -11.88 -23.71
C PHE C 10 29.27 -12.81 -23.93
N LEU C 11 28.13 -12.25 -24.35
CA LEU C 11 26.97 -13.07 -24.67
C LEU C 11 27.21 -13.95 -25.88
N ASP C 12 28.04 -13.51 -26.83
CA ASP C 12 28.36 -14.33 -27.98
C ASP C 12 29.09 -15.61 -27.55
N LYS C 13 30.24 -15.42 -26.90
CA LYS C 13 30.97 -16.53 -26.29
C LYS C 13 30.05 -17.41 -25.45
N PHE C 14 29.16 -16.78 -24.68
CA PHE C 14 28.27 -17.53 -23.80
C PHE C 14 27.32 -18.41 -24.62
N ASN C 15 26.66 -17.84 -25.62
CA ASN C 15 25.75 -18.60 -26.46
C ASN C 15 26.43 -19.85 -26.98
N HIS C 16 27.63 -19.69 -27.54
CA HIS C 16 28.22 -20.85 -28.21
C HIS C 16 28.77 -21.88 -27.24
N GLU C 17 29.29 -21.49 -26.07
CA GLU C 17 29.66 -22.50 -25.09
C GLU C 17 28.42 -23.18 -24.50
N ALA C 18 27.35 -22.41 -24.30
CA ALA C 18 26.18 -22.92 -23.60
C ALA C 18 25.40 -23.91 -24.45
N GLU C 19 25.34 -23.70 -25.77
CA GLU C 19 24.66 -24.69 -26.61
C GLU C 19 25.29 -26.06 -26.44
N ASP C 20 26.62 -26.13 -26.49
CA ASP C 20 27.34 -27.40 -26.35
C ASP C 20 27.09 -28.02 -24.98
N LEU C 21 27.24 -27.22 -23.92
CA LEU C 21 27.11 -27.80 -22.57
C LEU C 21 25.66 -28.23 -22.29
N PHE C 22 24.70 -27.41 -22.68
CA PHE C 22 23.30 -27.76 -22.51
C PHE C 22 22.93 -28.97 -23.35
N TYR C 23 23.61 -29.17 -24.49
CA TYR C 23 23.30 -30.35 -25.28
C TYR C 23 23.81 -31.62 -24.59
N GLN C 24 25.02 -31.56 -24.03
CA GLN C 24 25.48 -32.72 -23.25
C GLN C 24 24.54 -33.01 -22.08
N SER C 25 24.12 -31.97 -21.36
CA SER C 25 23.24 -32.18 -20.21
C SER C 25 21.89 -32.75 -20.64
N SER C 26 21.31 -32.21 -21.71
CA SER C 26 20.02 -32.70 -22.19
C SER C 26 20.13 -34.14 -22.67
N LEU C 27 21.23 -34.47 -23.34
CA LEU C 27 21.42 -35.84 -23.83
C LEU C 27 21.55 -36.82 -22.66
N ALA C 28 22.27 -36.40 -21.61
CA ALA C 28 22.38 -37.24 -20.43
C ALA C 28 21.01 -37.48 -19.80
N SER C 29 20.23 -36.41 -19.66
CA SER C 29 18.91 -36.55 -19.05
C SER C 29 17.99 -37.42 -19.90
N TRP C 30 18.09 -37.30 -21.24
CA TRP C 30 17.28 -38.14 -22.13
C TRP C 30 17.66 -39.60 -21.97
N ASN C 31 18.96 -39.90 -21.90
CA ASN C 31 19.36 -41.30 -21.71
C ASN C 31 18.93 -41.83 -20.35
N TYR C 32 18.80 -40.97 -19.34
CA TYR C 32 18.28 -41.46 -18.06
C TYR C 32 16.77 -41.71 -18.14
N ASN C 33 16.02 -40.78 -18.72
CA ASN C 33 14.56 -40.88 -18.68
C ASN C 33 13.99 -41.95 -19.59
N THR C 34 14.80 -42.55 -20.47
CA THR C 34 14.34 -43.61 -21.36
C THR C 34 15.06 -44.93 -21.11
N ASN C 35 15.89 -45.01 -20.06
CA ASN C 35 16.65 -46.21 -19.77
C ASN C 35 17.17 -46.12 -18.33
N ILE C 36 16.25 -46.29 -17.38
CA ILE C 36 16.53 -46.05 -15.96
C ILE C 36 17.55 -47.06 -15.44
N THR C 37 18.82 -46.68 -15.43
CA THR C 37 19.89 -47.48 -14.87
C THR C 37 20.75 -46.60 -13.96
N GLU C 38 21.56 -47.25 -13.12
CA GLU C 38 22.38 -46.52 -12.16
C GLU C 38 23.49 -45.73 -12.86
N GLU C 39 24.18 -46.36 -13.81
CA GLU C 39 25.20 -45.68 -14.59
C GLU C 39 24.62 -44.44 -15.29
N ASN C 40 23.36 -44.52 -15.72
CA ASN C 40 22.74 -43.40 -16.38
C ASN C 40 22.46 -42.27 -15.40
N VAL C 41 22.04 -42.59 -14.17
CA VAL C 41 21.94 -41.57 -13.12
C VAL C 41 23.28 -40.89 -12.96
N GLN C 42 24.35 -41.68 -12.95
CA GLN C 42 25.69 -41.12 -12.79
C GLN C 42 26.03 -40.13 -13.89
N ASN C 43 25.85 -40.53 -15.15
CA ASN C 43 26.21 -39.64 -16.26
C ASN C 43 25.30 -38.41 -16.30
N MET C 44 24.01 -38.58 -16.02
CA MET C 44 23.11 -37.43 -15.96
C MET C 44 23.59 -36.42 -14.92
N ASN C 45 23.93 -36.90 -13.72
CA ASN C 45 24.35 -35.98 -12.68
C ASN C 45 25.71 -35.35 -12.99
N ASN C 46 26.63 -36.09 -13.63
CA ASN C 46 27.90 -35.49 -14.01
C ASN C 46 27.70 -34.36 -15.03
N ALA C 47 26.95 -34.64 -16.10
CA ALA C 47 26.72 -33.62 -17.12
C ALA C 47 25.97 -32.41 -16.55
N GLY C 48 24.94 -32.66 -15.74
CA GLY C 48 24.22 -31.55 -15.13
C GLY C 48 25.05 -30.75 -14.16
N ASP C 49 25.97 -31.40 -13.44
CA ASP C 49 26.88 -30.66 -12.57
C ASP C 49 27.80 -29.77 -13.38
N LYS C 50 28.36 -30.30 -14.47
CA LYS C 50 29.14 -29.46 -15.38
C LYS C 50 28.34 -28.25 -15.83
N TRP C 51 27.06 -28.46 -16.19
CA TRP C 51 26.23 -27.37 -16.69
C TRP C 51 25.97 -26.32 -15.62
N SER C 52 25.59 -26.75 -14.41
CA SER C 52 25.30 -25.81 -13.34
C SER C 52 26.54 -25.02 -12.93
N ALA C 53 27.71 -25.69 -12.88
CA ALA C 53 28.95 -24.97 -12.58
C ALA C 53 29.26 -23.95 -13.66
N PHE C 54 29.09 -24.32 -14.93
CA PHE C 54 29.26 -23.37 -16.03
C PHE C 54 28.36 -22.17 -15.85
N LEU C 55 27.10 -22.40 -15.49
CA LEU C 55 26.15 -21.29 -15.36
C LEU C 55 26.53 -20.37 -14.22
N LYS C 56 26.93 -20.92 -13.07
CA LYS C 56 27.35 -20.06 -11.97
C LYS C 56 28.57 -19.24 -12.36
N GLU C 57 29.50 -19.85 -13.10
CA GLU C 57 30.70 -19.12 -13.52
C GLU C 57 30.34 -17.98 -14.47
N GLN C 58 29.51 -18.27 -15.48
CA GLN C 58 29.11 -17.23 -16.42
C GLN C 58 28.23 -16.17 -15.77
N SER C 59 27.47 -16.52 -14.74
CA SER C 59 26.72 -15.50 -14.01
C SER C 59 27.68 -14.54 -13.32
N THR C 60 28.64 -15.09 -12.58
CA THR C 60 29.67 -14.26 -11.95
C THR C 60 30.39 -13.40 -12.98
N LEU C 61 30.55 -13.91 -14.21
CA LEU C 61 31.20 -13.13 -15.26
C LEU C 61 30.29 -12.03 -15.82
N ALA C 62 29.02 -12.34 -16.04
CA ALA C 62 28.06 -11.36 -16.54
C ALA C 62 27.90 -10.21 -15.58
N GLN C 63 28.08 -10.48 -14.29
CA GLN C 63 27.89 -9.45 -13.28
C GLN C 63 28.76 -8.25 -13.53
N MET C 64 29.84 -8.46 -14.27
CA MET C 64 30.84 -7.45 -14.51
C MET C 64 30.43 -6.47 -15.60
N TYR C 65 29.28 -6.69 -16.23
CA TYR C 65 28.74 -5.78 -17.25
C TYR C 65 27.44 -5.20 -16.73
N PRO C 66 27.43 -3.96 -16.24
CA PRO C 66 26.21 -3.42 -15.64
C PRO C 66 25.18 -3.02 -16.68
N LEU C 67 23.92 -3.35 -16.40
CA LEU C 67 22.82 -3.04 -17.30
C LEU C 67 22.57 -1.55 -17.41
N GLN C 68 22.92 -0.81 -16.37
CA GLN C 68 22.65 0.63 -16.32
C GLN C 68 23.29 1.34 -17.50
N GLU C 69 24.37 0.78 -18.05
CA GLU C 69 25.05 1.36 -19.20
C GLU C 69 24.76 0.60 -20.48
N ILE C 70 23.67 -0.15 -20.54
CA ILE C 70 23.33 -0.99 -21.68
C ILE C 70 21.92 -0.64 -22.15
N GLN C 71 21.77 -0.48 -23.46
CA GLN C 71 20.53 0.01 -24.05
C GLN C 71 19.83 -1.02 -24.93
N ASN C 72 20.56 -1.84 -25.67
CA ASN C 72 19.95 -2.84 -26.53
C ASN C 72 19.07 -3.76 -25.69
N LEU C 73 17.75 -3.69 -25.91
CA LEU C 73 16.80 -4.38 -25.06
C LEU C 73 17.03 -5.88 -25.05
N THR C 74 17.45 -6.44 -26.18
CA THR C 74 17.68 -7.88 -26.22
C THR C 74 18.97 -8.27 -25.52
N VAL C 75 20.03 -7.47 -25.70
CA VAL C 75 21.25 -7.68 -24.92
C VAL C 75 20.98 -7.47 -23.43
N LYS C 76 20.16 -6.49 -23.10
CA LYS C 76 19.82 -6.26 -21.70
C LYS C 76 19.03 -7.43 -21.13
N LEU C 77 18.11 -7.98 -21.92
CA LEU C 77 17.38 -9.18 -21.50
C LEU C 77 18.32 -10.34 -21.24
N GLN C 78 19.24 -10.59 -22.17
CA GLN C 78 20.17 -11.71 -22.01
C GLN C 78 21.06 -11.52 -20.78
N LEU C 79 21.64 -10.33 -20.62
CA LEU C 79 22.50 -10.09 -19.47
C LEU C 79 21.70 -10.16 -18.16
N GLN C 80 20.46 -9.67 -18.16
CA GLN C 80 19.62 -9.81 -16.98
C GLN C 80 19.44 -11.26 -16.60
N ALA C 81 19.00 -12.07 -17.56
CA ALA C 81 18.77 -13.49 -17.29
C ALA C 81 20.04 -14.15 -16.77
N LEU C 82 21.20 -13.76 -17.30
CA LEU C 82 22.45 -14.35 -16.82
C LEU C 82 22.84 -13.83 -15.44
N GLN C 83 22.48 -12.59 -15.12
CA GLN C 83 22.77 -11.98 -13.82
C GLN C 83 21.76 -12.42 -12.79
N GLN C 84 21.20 -13.62 -12.98
CA GLN C 84 20.30 -14.23 -12.01
C GLN C 84 21.12 -14.59 -10.77
N ASN C 85 21.33 -13.59 -9.94
CA ASN C 85 22.07 -13.78 -8.68
C ASN C 85 21.12 -14.09 -7.54
N GLY C 86 20.22 -15.03 -7.75
CA GLY C 86 19.24 -15.34 -6.72
C GLY C 86 19.84 -16.13 -5.57
N SER C 87 19.67 -17.44 -5.64
CA SER C 87 20.20 -18.35 -4.62
C SER C 87 21.72 -18.30 -4.55
N SER C 88 22.37 -17.38 -5.27
CA SER C 88 23.80 -17.24 -5.15
C SER C 88 24.22 -16.17 -4.16
N VAL C 89 23.32 -15.27 -3.74
CA VAL C 89 23.67 -14.21 -2.78
C VAL C 89 23.07 -14.63 -1.45
N LEU C 90 23.86 -15.35 -0.66
CA LEU C 90 23.40 -15.78 0.65
C LEU C 90 24.59 -16.40 1.36
N SER C 91 24.59 -16.32 2.68
CA SER C 91 25.81 -16.63 3.42
C SER C 91 26.15 -18.10 3.25
N GLU C 92 27.45 -18.38 3.21
CA GLU C 92 28.06 -19.71 3.04
C GLU C 92 27.23 -20.86 3.60
N ASP C 93 26.59 -20.65 4.76
CA ASP C 93 25.89 -21.72 5.45
C ASP C 93 24.40 -21.75 5.13
N LYS C 94 23.78 -20.59 4.89
CA LYS C 94 22.37 -20.56 4.53
C LYS C 94 22.12 -21.29 3.20
N SER C 95 23.14 -21.33 2.33
CA SER C 95 23.02 -22.04 1.04
C SER C 95 22.66 -23.48 1.30
N LYS C 96 23.45 -24.08 2.17
CA LYS C 96 23.44 -25.49 2.42
C LYS C 96 22.26 -25.86 3.29
N ARG C 97 21.89 -24.96 4.23
CA ARG C 97 20.65 -25.17 4.97
C ARG C 97 19.44 -25.18 4.04
N LEU C 98 19.39 -24.26 3.07
CA LEU C 98 18.24 -24.19 2.18
C LEU C 98 18.18 -25.40 1.26
N ASN C 99 19.31 -25.79 0.67
CA ASN C 99 19.30 -26.99 -0.17
C ASN C 99 18.93 -28.23 0.66
N THR C 100 19.45 -28.32 1.89
CA THR C 100 19.11 -29.41 2.78
C THR C 100 17.59 -29.48 3.01
N ILE C 101 16.98 -28.35 3.34
CA ILE C 101 15.57 -28.36 3.72
C ILE C 101 14.68 -28.60 2.49
N LEU C 102 15.03 -28.01 1.34
CA LEU C 102 14.30 -28.29 0.12
C LEU C 102 14.31 -29.77 -0.19
N ASN C 103 15.50 -30.40 -0.14
CA ASN C 103 15.59 -31.81 -0.45
C ASN C 103 14.82 -32.65 0.57
N THR C 104 14.90 -32.26 1.85
CA THR C 104 14.18 -32.98 2.89
C THR C 104 12.68 -32.96 2.63
N MET C 105 12.13 -31.79 2.32
CA MET C 105 10.70 -31.69 2.02
C MET C 105 10.32 -32.50 0.79
N SER C 106 11.13 -32.41 -0.28
CA SER C 106 10.80 -33.14 -1.49
C SER C 106 10.71 -34.63 -1.22
N THR C 107 11.67 -35.18 -0.48
CA THR C 107 11.62 -36.61 -0.21
C THR C 107 10.57 -36.97 0.84
N ILE C 108 10.23 -36.07 1.76
CA ILE C 108 9.13 -36.33 2.69
C ILE C 108 7.81 -36.45 1.93
N TYR C 109 7.59 -35.56 0.97
CA TYR C 109 6.41 -35.67 0.12
C TYR C 109 6.43 -36.98 -0.67
N SER C 110 7.48 -37.22 -1.44
CA SER C 110 7.49 -38.36 -2.35
C SER C 110 7.44 -39.69 -1.61
N THR C 111 8.00 -39.77 -0.41
CA THR C 111 8.02 -41.02 0.35
C THR C 111 7.03 -41.00 1.51
N GLY C 112 6.18 -39.97 1.60
CA GLY C 112 5.18 -39.94 2.64
C GLY C 112 4.22 -41.11 2.52
N LYS C 113 4.21 -41.98 3.51
CA LYS C 113 3.28 -43.10 3.56
C LYS C 113 2.39 -43.01 4.79
N VAL C 114 1.19 -43.56 4.66
CA VAL C 114 0.26 -43.72 5.78
C VAL C 114 -0.19 -45.15 5.81
N CYS C 115 -0.20 -45.75 7.00
CA CYS C 115 -0.54 -47.15 7.15
C CYS C 115 -1.86 -47.27 7.90
N ASN C 116 -2.73 -48.15 7.42
CA ASN C 116 -4.12 -48.17 7.87
C ASN C 116 -4.20 -48.47 9.36
N PRO C 117 -5.26 -48.00 10.03
CA PRO C 117 -5.33 -48.10 11.49
C PRO C 117 -5.61 -49.51 12.00
N ASP C 118 -5.34 -50.54 11.18
CA ASP C 118 -5.53 -51.92 11.59
C ASP C 118 -4.34 -52.82 11.30
N ASN C 119 -3.38 -52.38 10.48
CA ASN C 119 -2.25 -53.22 10.09
C ASN C 119 -1.01 -52.33 9.99
N PRO C 120 -0.11 -52.39 10.97
CA PRO C 120 1.05 -51.48 10.99
C PRO C 120 2.03 -51.66 9.84
N GLN C 121 1.78 -52.64 8.97
CA GLN C 121 2.69 -52.94 7.87
C GLN C 121 2.11 -52.70 6.48
N GLU C 122 0.80 -52.56 6.35
CA GLU C 122 0.15 -52.37 5.04
C GLU C 122 -0.06 -50.87 4.86
N CYS C 123 0.83 -50.24 4.10
CA CYS C 123 0.85 -48.80 3.98
C CYS C 123 0.53 -48.40 2.55
N LEU C 124 0.15 -47.13 2.38
CA LEU C 124 -0.08 -46.53 1.08
C LEU C 124 0.75 -45.26 0.98
N LEU C 125 1.43 -45.08 -0.15
CA LEU C 125 1.94 -43.77 -0.51
C LEU C 125 0.79 -42.92 -1.04
N LEU C 126 1.04 -41.62 -1.19
CA LEU C 126 0.11 -40.76 -1.89
C LEU C 126 -0.25 -41.35 -3.25
N GLU C 127 0.76 -41.77 -3.99
CA GLU C 127 0.62 -42.43 -5.27
C GLU C 127 1.23 -43.82 -5.17
N PRO C 128 0.50 -44.87 -5.55
CA PRO C 128 -0.86 -44.85 -6.12
C PRO C 128 -2.00 -45.12 -5.14
N GLY C 129 -1.72 -45.31 -3.85
CA GLY C 129 -2.79 -45.69 -2.94
C GLY C 129 -3.79 -44.59 -2.63
N LEU C 130 -3.31 -43.55 -1.95
CA LEU C 130 -4.19 -42.49 -1.48
C LEU C 130 -4.86 -41.76 -2.64
N ASN C 131 -4.13 -41.57 -3.74
CA ASN C 131 -4.71 -40.89 -4.90
C ASN C 131 -5.83 -41.71 -5.51
N GLU C 132 -5.62 -43.03 -5.64
CA GLU C 132 -6.66 -43.91 -6.12
C GLU C 132 -7.88 -43.84 -5.21
N ILE C 133 -7.66 -43.73 -3.90
CA ILE C 133 -8.78 -43.60 -2.99
C ILE C 133 -9.54 -42.29 -3.22
N MET C 134 -8.83 -41.15 -3.20
CA MET C 134 -9.48 -39.85 -3.38
C MET C 134 -10.19 -39.73 -4.73
N ALA C 135 -9.78 -40.50 -5.73
CA ALA C 135 -10.39 -40.35 -7.06
C ALA C 135 -11.51 -41.34 -7.31
N ASN C 136 -11.35 -42.61 -6.95
CA ASN C 136 -12.36 -43.60 -7.30
C ASN C 136 -13.43 -43.77 -6.23
N SER C 137 -13.02 -43.91 -4.98
CA SER C 137 -13.93 -44.34 -3.92
C SER C 137 -15.05 -43.32 -3.69
N LEU C 138 -16.24 -43.83 -3.37
CA LEU C 138 -17.39 -43.01 -3.03
C LEU C 138 -17.78 -43.07 -1.56
N ASP C 139 -17.17 -43.96 -0.78
CA ASP C 139 -17.44 -44.01 0.64
C ASP C 139 -16.94 -42.74 1.30
N TYR C 140 -17.76 -42.15 2.16
CA TYR C 140 -17.39 -40.89 2.80
C TYR C 140 -16.20 -41.07 3.73
N ASN C 141 -16.23 -42.09 4.58
CA ASN C 141 -15.24 -42.21 5.64
C ASN C 141 -13.88 -42.62 5.11
N GLU C 142 -13.81 -43.41 4.04
CA GLU C 142 -12.52 -43.73 3.44
C GLU C 142 -11.86 -42.46 2.92
N ARG C 143 -12.65 -41.59 2.28
CA ARG C 143 -12.12 -40.30 1.81
C ARG C 143 -11.66 -39.45 2.99
N LEU C 144 -12.44 -39.41 4.07
CA LEU C 144 -12.03 -38.66 5.25
C LEU C 144 -10.72 -39.18 5.81
N TRP C 145 -10.59 -40.50 5.94
CA TRP C 145 -9.36 -41.08 6.50
C TRP C 145 -8.16 -40.75 5.62
N ALA C 146 -8.28 -40.95 4.31
CA ALA C 146 -7.18 -40.65 3.42
C ALA C 146 -6.76 -39.19 3.53
N TRP C 147 -7.73 -38.28 3.38
CA TRP C 147 -7.47 -36.85 3.43
C TRP C 147 -6.78 -36.46 4.75
N GLU C 148 -7.42 -36.80 5.87
CA GLU C 148 -6.94 -36.37 7.18
C GLU C 148 -5.59 -37.00 7.51
N SER C 149 -5.42 -38.31 7.26
CA SER C 149 -4.18 -38.96 7.61
C SER C 149 -3.03 -38.52 6.70
N TRP C 150 -3.32 -38.18 5.45
CA TRP C 150 -2.28 -37.59 4.61
C TRP C 150 -1.83 -36.24 5.16
N ARG C 151 -2.79 -35.42 5.61
CA ARG C 151 -2.40 -34.12 6.13
C ARG C 151 -1.81 -34.19 7.55
N SER C 152 -2.01 -35.30 8.26
CA SER C 152 -1.50 -35.42 9.63
C SER C 152 -0.21 -36.23 9.73
N GLU C 153 0.03 -37.16 8.81
CA GLU C 153 1.27 -37.92 8.81
C GLU C 153 2.38 -37.17 8.10
N VAL C 154 2.08 -36.49 6.99
CA VAL C 154 3.10 -35.94 6.12
C VAL C 154 3.19 -34.43 6.26
N GLY C 155 2.05 -33.80 6.55
CA GLY C 155 2.04 -32.35 6.67
C GLY C 155 2.71 -31.88 7.94
N LYS C 156 2.43 -32.56 9.06
CA LYS C 156 3.02 -32.17 10.34
C LYS C 156 4.54 -32.20 10.28
N GLN C 157 5.10 -33.17 9.56
CA GLN C 157 6.54 -33.20 9.36
C GLN C 157 7.00 -31.96 8.60
N LEU C 158 6.25 -31.54 7.59
CA LEU C 158 6.67 -30.44 6.74
C LEU C 158 6.56 -29.08 7.43
N ARG C 159 5.76 -28.98 8.50
CA ARG C 159 5.54 -27.69 9.15
C ARG C 159 6.82 -26.94 9.53
N PRO C 160 7.69 -27.47 10.42
CA PRO C 160 8.86 -26.67 10.82
C PRO C 160 9.79 -26.34 9.66
N LEU C 161 9.94 -27.30 8.76
CA LEU C 161 10.74 -27.08 7.56
C LEU C 161 10.21 -25.89 6.77
N TYR C 162 8.89 -25.82 6.55
CA TYR C 162 8.34 -24.73 5.76
C TYR C 162 8.50 -23.39 6.46
N GLU C 163 8.43 -23.37 7.79
CA GLU C 163 8.74 -22.15 8.53
C GLU C 163 10.14 -21.65 8.15
N GLU C 164 11.15 -22.52 8.30
CA GLU C 164 12.51 -22.10 8.01
C GLU C 164 12.71 -21.78 6.52
N TYR C 165 11.94 -22.45 5.65
CA TYR C 165 11.99 -22.22 4.22
C TYR C 165 11.52 -20.82 3.86
N VAL C 166 10.40 -20.39 4.46
CA VAL C 166 9.93 -19.02 4.22
C VAL C 166 10.99 -18.03 4.67
N VAL C 167 11.56 -18.25 5.86
CA VAL C 167 12.59 -17.31 6.35
C VAL C 167 13.71 -17.17 5.32
N LEU C 168 14.25 -18.30 4.85
CA LEU C 168 15.43 -18.25 4.00
C LEU C 168 15.12 -17.72 2.59
N LYS C 169 14.01 -18.16 2.00
CA LYS C 169 13.63 -17.63 0.70
C LYS C 169 13.41 -16.12 0.75
N ASN C 170 12.81 -15.62 1.84
CA ASN C 170 12.65 -14.18 1.96
C ASN C 170 13.99 -13.47 2.02
N GLU C 171 14.93 -14.01 2.81
CA GLU C 171 16.26 -13.41 2.85
C GLU C 171 16.89 -13.38 1.47
N MET C 172 16.81 -14.50 0.74
CA MET C 172 17.34 -14.57 -0.62
C MET C 172 16.75 -13.48 -1.50
N ALA C 173 15.41 -13.36 -1.50
CA ALA C 173 14.76 -12.43 -2.40
C ALA C 173 15.08 -10.98 -2.05
N ARG C 174 15.19 -10.69 -0.76
CA ARG C 174 15.47 -9.32 -0.34
C ARG C 174 16.92 -8.94 -0.64
N ALA C 175 17.85 -9.86 -0.43
CA ALA C 175 19.21 -9.64 -0.90
C ALA C 175 19.28 -9.50 -2.41
N ASN C 176 18.23 -9.92 -3.12
CA ASN C 176 18.07 -9.67 -4.55
C ASN C 176 17.19 -8.46 -4.81
N HIS C 177 16.87 -7.68 -3.77
CA HIS C 177 16.14 -6.42 -3.88
C HIS C 177 14.69 -6.63 -4.32
N TYR C 178 14.08 -7.73 -3.88
CA TYR C 178 12.64 -7.93 -3.97
C TYR C 178 12.03 -7.73 -2.59
N GLU C 179 10.82 -7.17 -2.54
CA GLU C 179 10.19 -6.92 -1.25
C GLU C 179 9.95 -8.22 -0.50
N ASP C 180 9.85 -9.32 -1.22
CA ASP C 180 9.71 -10.65 -0.64
C ASP C 180 9.72 -11.70 -1.75
N TYR C 181 9.62 -12.98 -1.37
CA TYR C 181 9.77 -14.06 -2.34
C TYR C 181 8.59 -14.15 -3.30
N GLY C 182 7.37 -13.82 -2.83
CA GLY C 182 6.25 -13.77 -3.75
C GLY C 182 6.41 -12.71 -4.81
N ASP C 183 6.98 -11.55 -4.43
CA ASP C 183 7.32 -10.53 -5.41
C ASP C 183 8.34 -11.08 -6.41
N TYR C 184 9.27 -11.89 -5.92
CA TYR C 184 10.23 -12.56 -6.80
C TYR C 184 9.51 -13.41 -7.84
N TRP C 185 8.56 -14.24 -7.41
CA TRP C 185 7.83 -15.08 -8.35
C TRP C 185 7.04 -14.23 -9.35
N ARG C 186 6.33 -13.21 -8.83
CA ARG C 186 5.61 -12.30 -9.72
C ARG C 186 6.56 -11.67 -10.74
N GLY C 187 7.85 -11.58 -10.39
CA GLY C 187 8.86 -11.09 -11.29
C GLY C 187 8.93 -11.77 -12.65
N ASP C 188 8.34 -12.96 -12.79
CA ASP C 188 8.32 -13.61 -14.09
C ASP C 188 7.54 -12.81 -15.12
N TYR C 189 6.58 -12.01 -14.66
CA TYR C 189 5.67 -11.28 -15.54
C TYR C 189 6.13 -9.85 -15.78
N GLU C 190 7.22 -9.42 -15.15
CA GLU C 190 7.62 -8.03 -15.21
C GLU C 190 8.13 -7.65 -16.59
N VAL C 191 7.88 -6.41 -16.97
CA VAL C 191 8.34 -5.81 -18.23
C VAL C 191 8.73 -4.37 -17.97
N ASN C 192 9.91 -3.98 -18.43
CA ASN C 192 10.41 -2.62 -18.21
C ASN C 192 10.91 -2.02 -19.51
N GLY C 193 10.83 -0.69 -19.60
CA GLY C 193 11.48 0.03 -20.67
C GLY C 193 10.91 -0.16 -22.06
N VAL C 194 9.68 -0.63 -22.18
CA VAL C 194 9.00 -0.76 -23.47
C VAL C 194 7.69 0.02 -23.35
N ASP C 195 7.66 1.23 -23.91
CA ASP C 195 6.53 2.13 -23.74
C ASP C 195 5.25 1.49 -24.25
N GLY C 196 4.19 1.61 -23.45
CA GLY C 196 2.92 0.99 -23.75
C GLY C 196 2.86 -0.49 -23.49
N TYR C 197 3.97 -1.10 -23.05
CA TYR C 197 4.02 -2.54 -22.85
C TYR C 197 4.62 -2.94 -21.50
N ASP C 198 4.99 -1.98 -20.66
CA ASP C 198 5.55 -2.29 -19.36
C ASP C 198 4.53 -3.04 -18.50
N TYR C 199 5.01 -3.55 -17.36
CA TYR C 199 4.17 -4.32 -16.45
C TYR C 199 4.85 -4.50 -15.09
N SER C 200 4.30 -3.91 -14.04
CA SER C 200 4.91 -4.01 -12.72
C SER C 200 4.52 -5.33 -12.06
N ARG C 201 5.19 -5.63 -10.94
CA ARG C 201 4.98 -6.92 -10.29
C ARG C 201 3.70 -6.95 -9.46
N GLY C 202 3.32 -5.84 -8.82
CA GLY C 202 1.99 -5.78 -8.20
C GLY C 202 0.86 -5.70 -9.20
N GLN C 203 1.18 -5.42 -10.46
CA GLN C 203 0.16 -5.38 -11.49
C GLN C 203 -0.43 -6.76 -11.72
N LEU C 204 0.39 -7.81 -11.58
CA LEU C 204 -0.16 -9.17 -11.63
C LEU C 204 -1.17 -9.38 -10.51
N ILE C 205 -0.91 -8.84 -9.32
CA ILE C 205 -1.84 -8.99 -8.22
C ILE C 205 -3.19 -8.37 -8.59
N GLU C 206 -3.15 -7.09 -8.99
CA GLU C 206 -4.42 -6.44 -9.33
C GLU C 206 -5.13 -7.14 -10.49
N ASP C 207 -4.40 -7.62 -11.48
CA ASP C 207 -5.05 -8.25 -12.63
C ASP C 207 -5.67 -9.60 -12.27
N VAL C 208 -4.93 -10.43 -11.55
CA VAL C 208 -5.47 -11.72 -11.13
C VAL C 208 -6.75 -11.52 -10.34
N GLU C 209 -6.75 -10.53 -9.42
CA GLU C 209 -7.94 -10.30 -8.61
C GLU C 209 -9.10 -9.79 -9.45
N HIS C 210 -8.85 -8.77 -10.28
CA HIS C 210 -9.90 -8.19 -11.11
CA HIS C 210 -9.90 -8.19 -11.12
C HIS C 210 -10.55 -9.24 -12.01
N THR C 211 -9.74 -10.12 -12.61
CA THR C 211 -10.31 -11.14 -13.48
C THR C 211 -11.07 -12.20 -12.69
N PHE C 212 -10.53 -12.62 -11.54
CA PHE C 212 -11.23 -13.60 -10.73
C PHE C 212 -12.60 -13.09 -10.32
N GLU C 213 -12.74 -11.77 -10.17
CA GLU C 213 -14.05 -11.21 -9.87
C GLU C 213 -15.05 -11.52 -10.98
N GLU C 214 -14.64 -11.39 -12.24
CA GLU C 214 -15.52 -11.75 -13.35
C GLU C 214 -15.70 -13.24 -13.48
N ILE C 215 -14.79 -14.03 -12.90
CA ILE C 215 -14.98 -15.47 -12.89
C ILE C 215 -16.04 -15.89 -11.87
N LYS C 216 -16.17 -15.14 -10.76
CA LYS C 216 -17.01 -15.56 -9.63
C LYS C 216 -18.43 -16.00 -9.97
N PRO C 217 -19.21 -15.32 -10.81
CA PRO C 217 -20.61 -15.78 -11.01
C PRO C 217 -20.68 -17.19 -11.59
N LEU C 218 -19.87 -17.45 -12.62
CA LEU C 218 -19.82 -18.78 -13.22
C LEU C 218 -19.41 -19.84 -12.19
N TYR C 219 -18.41 -19.53 -11.37
CA TYR C 219 -17.97 -20.51 -10.37
C TYR C 219 -19.00 -20.70 -9.27
N GLU C 220 -19.68 -19.63 -8.86
CA GLU C 220 -20.77 -19.77 -7.88
C GLU C 220 -21.84 -20.71 -8.40
N HIS C 221 -22.19 -20.60 -9.69
CA HIS C 221 -23.26 -21.44 -10.22
C HIS C 221 -22.80 -22.88 -10.38
N LEU C 222 -21.59 -23.08 -10.91
CA LEU C 222 -21.01 -24.43 -10.94
C LEU C 222 -20.97 -25.02 -9.54
N HIS C 223 -20.65 -24.20 -8.54
CA HIS C 223 -20.53 -24.65 -7.15
C HIS C 223 -21.88 -25.07 -6.61
N ALA C 224 -22.92 -24.27 -6.87
CA ALA C 224 -24.25 -24.62 -6.38
C ALA C 224 -24.75 -25.90 -7.05
N TYR C 225 -24.45 -26.08 -8.33
CA TYR C 225 -24.93 -27.29 -9.02
C TYR C 225 -24.19 -28.53 -8.54
N VAL C 226 -22.86 -28.44 -8.42
CA VAL C 226 -22.10 -29.55 -7.86
C VAL C 226 -22.57 -29.87 -6.44
N ARG C 227 -22.86 -28.83 -5.65
CA ARG C 227 -23.34 -29.04 -4.30
C ARG C 227 -24.66 -29.80 -4.29
N ALA C 228 -25.59 -29.41 -5.17
CA ALA C 228 -26.87 -30.10 -5.24
C ALA C 228 -26.68 -31.57 -5.61
N LYS C 229 -25.82 -31.85 -6.59
CA LYS C 229 -25.62 -33.23 -7.01
C LYS C 229 -24.99 -34.06 -5.90
N LEU C 230 -23.93 -33.53 -5.28
CA LEU C 230 -23.29 -34.21 -4.17
C LEU C 230 -24.24 -34.40 -3.00
N MET C 231 -25.17 -33.46 -2.79
CA MET C 231 -26.13 -33.58 -1.71
C MET C 231 -27.16 -34.66 -2.01
N ASN C 232 -27.51 -34.86 -3.28
CA ASN C 232 -28.25 -36.06 -3.65
C ASN C 232 -27.42 -37.31 -3.39
N ALA C 233 -26.10 -37.21 -3.48
CA ALA C 233 -25.25 -38.36 -3.22
C ALA C 233 -24.89 -38.56 -1.75
N TYR C 234 -24.90 -37.51 -0.93
CA TYR C 234 -24.53 -37.61 0.49
C TYR C 234 -25.50 -36.80 1.32
N PRO C 235 -26.75 -37.24 1.42
CA PRO C 235 -27.78 -36.38 2.03
C PRO C 235 -27.46 -35.96 3.45
N SER C 236 -27.00 -36.90 4.27
CA SER C 236 -26.75 -36.58 5.67
C SER C 236 -25.51 -35.74 5.88
N TYR C 237 -24.65 -35.62 4.87
CA TYR C 237 -23.35 -35.01 5.05
C TYR C 237 -23.25 -33.59 4.53
N ILE C 238 -24.05 -33.23 3.54
CA ILE C 238 -23.86 -31.99 2.80
C ILE C 238 -25.01 -31.04 3.12
N SER C 239 -24.66 -29.76 3.44
CA SER C 239 -25.71 -28.77 3.64
C SER C 239 -25.96 -28.00 2.33
N PRO C 240 -27.21 -27.60 2.08
CA PRO C 240 -27.53 -26.90 0.83
C PRO C 240 -27.14 -25.42 0.80
N ILE C 241 -26.37 -24.93 1.78
CA ILE C 241 -25.93 -23.54 1.80
C ILE C 241 -24.47 -23.45 2.20
N GLY C 242 -23.96 -24.49 2.84
CA GLY C 242 -22.61 -24.49 3.37
C GLY C 242 -21.56 -24.68 2.29
N CYS C 243 -20.32 -24.79 2.74
CA CYS C 243 -19.21 -25.07 1.84
C CYS C 243 -19.09 -26.58 1.60
N LEU C 244 -18.31 -26.93 0.57
CA LEU C 244 -18.13 -28.33 0.24
C LEU C 244 -17.02 -28.94 1.09
N PRO C 245 -17.23 -30.14 1.64
CA PRO C 245 -16.14 -30.81 2.37
C PRO C 245 -14.94 -31.05 1.47
N ALA C 246 -13.76 -30.75 2.00
CA ALA C 246 -12.53 -30.76 1.19
C ALA C 246 -12.22 -32.14 0.65
N HIS C 247 -12.63 -33.20 1.34
CA HIS C 247 -12.31 -34.56 0.96
C HIS C 247 -13.32 -35.16 0.01
N LEU C 248 -14.17 -34.36 -0.62
CA LEU C 248 -15.21 -34.85 -1.53
C LEU C 248 -15.13 -34.13 -2.86
N LEU C 249 -13.91 -33.84 -3.33
CA LEU C 249 -13.72 -33.00 -4.50
C LEU C 249 -13.06 -33.70 -5.67
N GLY C 250 -12.76 -35.00 -5.58
CA GLY C 250 -12.24 -35.75 -6.69
C GLY C 250 -10.76 -36.07 -6.62
N ASP C 251 -10.00 -35.33 -5.82
CA ASP C 251 -8.59 -35.65 -5.62
C ASP C 251 -8.22 -35.23 -4.20
N MET C 252 -6.92 -35.34 -3.88
CA MET C 252 -6.47 -35.15 -2.51
C MET C 252 -6.67 -33.73 -2.02
N TRP C 253 -6.74 -32.75 -2.92
CA TRP C 253 -6.78 -31.36 -2.53
C TRP C 253 -7.98 -30.60 -3.09
N GLY C 254 -8.73 -31.19 -4.01
CA GLY C 254 -9.74 -30.41 -4.70
C GLY C 254 -9.16 -29.47 -5.73
N ARG C 255 -7.95 -29.75 -6.22
CA ARG C 255 -7.38 -28.93 -7.27
C ARG C 255 -8.24 -28.99 -8.53
N PHE C 256 -8.56 -30.18 -9.00
CA PHE C 256 -9.45 -30.36 -10.13
C PHE C 256 -10.67 -31.17 -9.69
N TRP C 257 -11.85 -30.64 -9.99
CA TRP C 257 -13.13 -31.28 -9.69
C TRP C 257 -13.52 -32.34 -10.73
N THR C 258 -12.56 -32.90 -11.45
CA THR C 258 -12.88 -33.71 -12.63
C THR C 258 -13.56 -35.02 -12.26
N ASN C 259 -13.05 -35.71 -11.25
CA ASN C 259 -13.59 -37.01 -10.88
C ASN C 259 -15.05 -36.93 -10.39
N LEU C 260 -15.56 -35.73 -10.14
CA LEU C 260 -16.96 -35.58 -9.79
C LEU C 260 -17.89 -35.81 -10.97
N TYR C 261 -17.36 -35.95 -12.18
CA TYR C 261 -18.21 -35.98 -13.37
C TYR C 261 -19.24 -37.09 -13.26
N SER C 262 -18.80 -38.28 -12.86
CA SER C 262 -19.69 -39.43 -12.73
C SER C 262 -20.91 -39.12 -11.87
N LEU C 263 -20.75 -38.26 -10.88
CA LEU C 263 -21.85 -37.97 -9.96
C LEU C 263 -22.62 -36.70 -10.33
N THR C 264 -22.11 -35.89 -11.27
CA THR C 264 -22.72 -34.61 -11.57
C THR C 264 -23.12 -34.47 -13.02
N VAL C 265 -23.16 -35.56 -13.78
CA VAL C 265 -23.44 -35.46 -15.22
C VAL C 265 -24.84 -34.90 -15.42
N PRO C 266 -25.03 -33.88 -16.28
CA PRO C 266 -26.39 -33.37 -16.50
C PRO C 266 -27.32 -34.39 -17.14
N PHE C 267 -26.86 -35.07 -18.19
CA PHE C 267 -27.69 -35.99 -18.98
C PHE C 267 -26.97 -37.34 -19.01
N GLY C 268 -27.28 -38.20 -18.03
CA GLY C 268 -26.47 -39.37 -17.75
C GLY C 268 -26.68 -40.53 -18.70
N GLN C 269 -27.62 -40.43 -19.64
CA GLN C 269 -27.82 -41.47 -20.63
C GLN C 269 -27.37 -41.05 -22.02
N LYS C 270 -26.77 -39.87 -22.17
CA LYS C 270 -26.28 -39.51 -23.48
C LYS C 270 -24.88 -40.10 -23.70
N PRO C 271 -24.58 -40.62 -24.88
CA PRO C 271 -23.27 -41.25 -25.10
C PRO C 271 -22.14 -40.25 -25.01
N ASN C 272 -21.08 -40.63 -24.31
CA ASN C 272 -19.87 -39.82 -24.23
C ASN C 272 -18.96 -40.15 -25.41
N ILE C 273 -18.28 -39.12 -25.93
CA ILE C 273 -17.44 -39.30 -27.09
C ILE C 273 -16.15 -40.00 -26.67
N ASP C 274 -15.83 -41.11 -27.32
CA ASP C 274 -14.54 -41.78 -27.11
C ASP C 274 -14.25 -42.61 -28.36
N VAL C 275 -13.23 -42.21 -29.11
CA VAL C 275 -12.92 -42.86 -30.39
C VAL C 275 -11.87 -43.94 -30.20
N THR C 276 -11.58 -44.28 -28.93
CA THR C 276 -10.61 -45.34 -28.65
C THR C 276 -10.98 -46.62 -29.39
N ASP C 277 -12.26 -46.99 -29.36
CA ASP C 277 -12.69 -48.19 -30.06
C ASP C 277 -12.48 -48.07 -31.56
N ALA C 278 -12.70 -46.87 -32.10
CA ALA C 278 -12.48 -46.66 -33.53
C ALA C 278 -11.00 -46.73 -33.88
N MET C 279 -10.13 -46.24 -32.98
CA MET C 279 -8.69 -46.36 -33.22
C MET C 279 -8.25 -47.81 -33.16
N VAL C 280 -8.86 -48.60 -32.28
CA VAL C 280 -8.50 -50.01 -32.20
C VAL C 280 -8.99 -50.77 -33.43
N ASP C 281 -10.20 -50.45 -33.90
CA ASP C 281 -10.75 -51.14 -35.07
C ASP C 281 -9.94 -50.85 -36.32
N GLN C 282 -9.50 -49.61 -36.50
CA GLN C 282 -8.68 -49.22 -37.64
C GLN C 282 -7.21 -49.57 -37.46
N ALA C 283 -6.87 -50.27 -36.38
CA ALA C 283 -5.51 -50.74 -36.12
C ALA C 283 -4.52 -49.58 -36.05
N TRP C 284 -4.87 -48.52 -35.34
CA TRP C 284 -3.90 -47.47 -35.11
C TRP C 284 -2.85 -47.91 -34.09
N ASP C 285 -1.65 -47.36 -34.26
CA ASP C 285 -0.57 -47.49 -33.28
C ASP C 285 -0.09 -46.10 -32.90
N ALA C 286 1.04 -46.01 -32.18
CA ALA C 286 1.53 -44.69 -31.78
C ALA C 286 2.02 -43.90 -32.99
N GLN C 287 2.61 -44.59 -33.96
CA GLN C 287 3.11 -43.92 -35.17
C GLN C 287 1.98 -43.18 -35.87
N ARG C 288 0.84 -43.84 -36.03
CA ARG C 288 -0.31 -43.20 -36.67
C ARG C 288 -0.82 -42.02 -35.84
N ILE C 289 -0.81 -42.17 -34.51
CA ILE C 289 -1.24 -41.08 -33.63
C ILE C 289 -0.40 -39.83 -33.90
N PHE C 290 0.92 -39.97 -33.84
CA PHE C 290 1.76 -38.80 -34.00
C PHE C 290 1.81 -38.33 -35.46
N LYS C 291 1.57 -39.21 -36.42
CA LYS C 291 1.45 -38.77 -37.81
C LYS C 291 0.21 -37.91 -38.02
N GLU C 292 -0.90 -38.26 -37.37
CA GLU C 292 -2.08 -37.41 -37.40
C GLU C 292 -1.80 -36.06 -36.72
N ALA C 293 -1.05 -36.07 -35.63
CA ALA C 293 -0.67 -34.80 -35.00
C ALA C 293 0.15 -33.93 -35.95
N GLU C 294 1.15 -34.53 -36.60
CA GLU C 294 1.97 -33.82 -37.58
C GLU C 294 1.10 -33.25 -38.70
N LYS C 295 0.22 -34.07 -39.26
CA LYS C 295 -0.71 -33.62 -40.29
C LYS C 295 -1.53 -32.42 -39.81
N PHE C 296 -2.00 -32.48 -38.56
CA PHE C 296 -2.80 -31.38 -38.03
C PHE C 296 -2.01 -30.08 -38.02
N PHE C 297 -0.80 -30.12 -37.47
CA PHE C 297 0.03 -28.91 -37.47
C PHE C 297 0.36 -28.44 -38.89
N VAL C 298 0.52 -29.38 -39.83
CA VAL C 298 0.83 -29.01 -41.21
C VAL C 298 -0.36 -28.27 -41.83
N SER C 299 -1.57 -28.68 -41.48
CA SER C 299 -2.76 -28.12 -42.11
C SER C 299 -2.88 -26.61 -41.93
N VAL C 300 -2.16 -26.02 -40.98
CA VAL C 300 -2.30 -24.60 -40.67
C VAL C 300 -1.06 -23.80 -41.06
N GLY C 301 -0.09 -24.42 -41.72
CA GLY C 301 1.08 -23.70 -42.20
C GLY C 301 2.32 -23.82 -41.35
N LEU C 302 2.39 -24.79 -40.44
CA LEU C 302 3.51 -25.09 -39.55
C LEU C 302 4.38 -26.18 -40.16
N PRO C 303 5.68 -26.18 -39.85
CA PRO C 303 6.58 -27.16 -40.49
C PRO C 303 6.32 -28.57 -40.00
N ASN C 304 6.62 -29.55 -40.87
CA ASN C 304 6.56 -30.94 -40.40
C ASN C 304 7.74 -31.23 -39.48
N MET C 305 7.63 -32.32 -38.72
CA MET C 305 8.61 -32.56 -37.67
C MET C 305 9.93 -33.04 -38.25
N THR C 306 11.02 -32.66 -37.58
CA THR C 306 12.35 -33.00 -38.08
C THR C 306 12.54 -34.51 -38.14
N GLN C 307 13.37 -34.95 -39.07
CA GLN C 307 13.69 -36.37 -39.16
C GLN C 307 14.35 -36.84 -37.87
N GLY C 308 15.17 -35.98 -37.28
CA GLY C 308 15.77 -36.29 -35.99
C GLY C 308 14.73 -36.55 -34.92
N PHE C 309 13.57 -35.89 -35.02
CA PHE C 309 12.48 -36.20 -34.10
C PHE C 309 12.06 -37.66 -34.25
N TRP C 310 11.68 -38.07 -35.46
CA TRP C 310 11.17 -39.43 -35.64
C TRP C 310 12.21 -40.47 -35.28
N GLU C 311 13.49 -40.19 -35.56
CA GLU C 311 14.52 -41.17 -35.26
C GLU C 311 14.79 -41.24 -33.76
N ASN C 312 14.97 -40.08 -33.11
CA ASN C 312 15.50 -40.03 -31.76
C ASN C 312 14.43 -39.98 -30.67
N SER C 313 13.19 -39.66 -31.01
CA SER C 313 12.14 -39.64 -29.99
C SER C 313 11.80 -41.06 -29.55
N MET C 314 11.08 -41.15 -28.43
CA MET C 314 10.57 -42.42 -27.93
C MET C 314 9.06 -42.28 -27.76
N LEU C 315 8.30 -43.02 -28.56
CA LEU C 315 6.86 -42.85 -28.64
C LEU C 315 6.06 -44.04 -28.13
N THR C 316 6.72 -45.15 -27.76
CA THR C 316 6.04 -46.26 -27.10
C THR C 316 6.88 -46.73 -25.93
N ASP C 317 6.22 -47.44 -25.02
CA ASP C 317 6.92 -48.02 -23.88
C ASP C 317 7.99 -48.98 -24.37
N PRO C 318 9.25 -48.81 -23.98
CA PRO C 318 10.34 -49.59 -24.57
C PRO C 318 10.40 -51.03 -24.06
N GLY C 319 9.25 -51.64 -23.81
CA GLY C 319 9.23 -53.01 -23.35
C GLY C 319 9.38 -53.13 -21.85
N ASN C 320 9.52 -54.39 -21.41
CA ASN C 320 9.70 -54.68 -20.00
C ASN C 320 11.16 -54.86 -19.60
N VAL C 321 12.05 -55.05 -20.58
CA VAL C 321 13.47 -55.18 -20.26
C VAL C 321 13.99 -53.90 -19.61
N GLN C 322 13.82 -52.78 -20.30
CA GLN C 322 14.25 -51.48 -19.79
C GLN C 322 13.05 -50.71 -19.24
N LYS C 323 13.28 -50.00 -18.13
CA LYS C 323 12.25 -49.23 -17.45
C LYS C 323 12.45 -47.75 -17.73
N ALA C 324 11.37 -47.01 -17.91
CA ALA C 324 11.44 -45.62 -18.35
C ALA C 324 10.56 -44.75 -17.46
N VAL C 325 10.58 -43.44 -17.76
CA VAL C 325 9.78 -42.45 -17.06
C VAL C 325 8.70 -42.01 -18.04
N CYS C 326 7.47 -42.49 -17.83
CA CYS C 326 6.38 -42.36 -18.80
C CYS C 326 5.64 -41.02 -18.75
N HIS C 327 6.13 -40.01 -18.04
CA HIS C 327 5.42 -38.74 -18.04
C HIS C 327 5.64 -38.04 -19.38
N PRO C 328 4.58 -37.64 -20.08
CA PRO C 328 4.73 -37.08 -21.44
C PRO C 328 5.49 -35.75 -21.39
N THR C 329 6.64 -35.71 -22.04
CA THR C 329 7.44 -34.49 -22.05
C THR C 329 7.94 -34.19 -23.46
N ALA C 330 8.15 -32.90 -23.72
CA ALA C 330 8.70 -32.41 -24.99
C ALA C 330 10.06 -31.79 -24.71
N TRP C 331 11.04 -32.14 -25.53
CA TRP C 331 12.45 -31.88 -25.25
C TRP C 331 13.02 -31.02 -26.36
N ASP C 332 13.53 -29.84 -25.98
CA ASP C 332 14.26 -28.95 -26.88
C ASP C 332 15.75 -29.08 -26.53
N LEU C 333 16.39 -30.10 -27.09
CA LEU C 333 17.79 -30.33 -26.75
C LEU C 333 18.71 -29.27 -27.31
N GLY C 334 18.23 -28.45 -28.25
CA GLY C 334 19.05 -27.47 -28.91
C GLY C 334 19.78 -28.04 -30.11
N LYS C 335 20.45 -27.13 -30.83
CA LYS C 335 21.23 -27.48 -32.00
C LYS C 335 20.44 -28.36 -32.97
N GLY C 336 19.15 -28.07 -33.10
CA GLY C 336 18.31 -28.75 -34.07
C GLY C 336 17.74 -30.08 -33.61
N ASP C 337 17.82 -30.40 -32.32
CA ASP C 337 17.34 -31.69 -31.82
C ASP C 337 16.09 -31.45 -30.99
N PHE C 338 14.98 -32.03 -31.43
CA PHE C 338 13.71 -31.97 -30.72
C PHE C 338 13.15 -33.37 -30.59
N ARG C 339 12.60 -33.69 -29.42
CA ARG C 339 12.09 -35.03 -29.17
C ARG C 339 10.83 -34.97 -28.31
N ILE C 340 10.05 -36.05 -28.34
CA ILE C 340 8.92 -36.25 -27.45
C ILE C 340 9.07 -37.60 -26.78
N LEU C 341 8.83 -37.65 -25.48
CA LEU C 341 8.89 -38.87 -24.70
C LEU C 341 7.51 -39.13 -24.14
N MET C 342 6.90 -40.27 -24.54
CA MET C 342 5.54 -40.60 -24.16
C MET C 342 5.30 -42.09 -24.35
N CYS C 343 4.74 -42.73 -23.32
CA CYS C 343 4.35 -44.14 -23.40
C CYS C 343 2.93 -44.20 -23.98
N THR C 344 2.87 -44.08 -25.30
CA THR C 344 1.60 -43.90 -26.00
C THR C 344 0.78 -45.18 -26.00
N LYS C 345 -0.51 -45.04 -25.74
CA LYS C 345 -1.49 -46.12 -25.85
C LYS C 345 -2.49 -45.76 -26.95
N VAL C 346 -3.12 -46.78 -27.51
CA VAL C 346 -4.11 -46.55 -28.55
C VAL C 346 -5.43 -46.19 -27.89
N THR C 347 -5.50 -44.99 -27.31
CA THR C 347 -6.67 -44.46 -26.64
C THR C 347 -6.91 -43.03 -27.13
N MET C 348 -7.98 -42.42 -26.62
CA MET C 348 -8.30 -41.05 -26.99
C MET C 348 -7.47 -40.04 -26.20
N ASP C 349 -7.29 -40.30 -24.90
CA ASP C 349 -6.58 -39.35 -24.05
C ASP C 349 -5.15 -39.13 -24.52
N ASP C 350 -4.44 -40.23 -24.83
CA ASP C 350 -3.08 -40.12 -25.36
C ASP C 350 -3.07 -39.43 -26.72
N PHE C 351 -4.13 -39.62 -27.51
CA PHE C 351 -4.20 -38.94 -28.81
C PHE C 351 -4.26 -37.44 -28.63
N LEU C 352 -5.01 -36.96 -27.63
CA LEU C 352 -5.02 -35.53 -27.35
C LEU C 352 -3.69 -35.05 -26.77
N THR C 353 -3.12 -35.83 -25.84
CA THR C 353 -1.88 -35.45 -25.21
C THR C 353 -0.74 -35.37 -26.24
N ALA C 354 -0.83 -36.16 -27.31
CA ALA C 354 0.20 -36.11 -28.34
C ALA C 354 0.19 -34.78 -29.08
N HIS C 355 -1.01 -34.28 -29.43
CA HIS C 355 -1.11 -32.94 -30.01
C HIS C 355 -0.59 -31.90 -29.03
N HIS C 356 -0.90 -32.05 -27.75
CA HIS C 356 -0.40 -31.14 -26.73
C HIS C 356 1.14 -31.06 -26.76
N GLU C 357 1.79 -32.20 -26.64
CA GLU C 357 3.25 -32.22 -26.54
C GLU C 357 3.91 -31.82 -27.86
N MET C 358 3.30 -32.21 -28.99
CA MET C 358 3.84 -31.79 -30.27
C MET C 358 3.66 -30.29 -30.48
N GLY C 359 2.67 -29.68 -29.82
CA GLY C 359 2.60 -28.23 -29.85
C GLY C 359 3.71 -27.60 -29.03
N HIS C 360 4.00 -28.20 -27.88
CA HIS C 360 5.21 -27.81 -27.16
C HIS C 360 6.43 -27.80 -28.09
N ILE C 361 6.56 -28.85 -28.91
CA ILE C 361 7.69 -28.95 -29.85
C ILE C 361 7.59 -27.90 -30.95
N GLN C 362 6.38 -27.66 -31.46
CA GLN C 362 6.21 -26.64 -32.49
C GLN C 362 6.72 -25.30 -32.00
N TYR C 363 6.44 -24.99 -30.74
CA TYR C 363 6.94 -23.78 -30.12
C TYR C 363 8.46 -23.81 -30.03
N ASP C 364 9.02 -24.90 -29.49
CA ASP C 364 10.47 -25.03 -29.38
C ASP C 364 11.17 -24.80 -30.72
N MET C 365 10.60 -25.32 -31.80
CA MET C 365 11.16 -25.12 -33.12
C MET C 365 11.00 -23.67 -33.58
N ALA C 366 9.84 -23.09 -33.30
CA ALA C 366 9.53 -21.75 -33.80
C ALA C 366 10.55 -20.72 -33.30
N TYR C 367 10.93 -20.80 -32.02
CA TYR C 367 11.84 -19.81 -31.45
C TYR C 367 13.29 -20.27 -31.41
N ALA C 368 13.59 -21.46 -31.93
CA ALA C 368 14.95 -21.98 -31.85
C ALA C 368 15.96 -20.99 -32.43
N ALA C 369 15.53 -20.16 -33.38
CA ALA C 369 16.42 -19.20 -34.02
C ALA C 369 16.82 -18.06 -33.09
N GLN C 370 16.10 -17.85 -31.99
CA GLN C 370 16.49 -16.82 -31.04
C GLN C 370 17.83 -17.18 -30.41
N PRO C 371 18.55 -16.18 -29.89
CA PRO C 371 19.76 -16.49 -29.10
C PRO C 371 19.41 -17.40 -27.94
N PHE C 372 20.43 -18.08 -27.42
CA PHE C 372 20.20 -19.17 -26.48
C PHE C 372 19.35 -18.74 -25.28
N LEU C 373 19.61 -17.54 -24.76
CA LEU C 373 18.92 -17.11 -23.55
C LEU C 373 17.47 -16.74 -23.79
N LEU C 374 17.03 -16.62 -25.04
CA LEU C 374 15.68 -16.18 -25.34
C LEU C 374 14.82 -17.28 -25.94
N ARG C 375 15.21 -18.55 -25.77
CA ARG C 375 14.47 -19.69 -26.33
C ARG C 375 13.55 -20.26 -25.26
N ASN C 376 12.39 -19.64 -25.12
CA ASN C 376 11.40 -20.06 -24.13
C ASN C 376 10.10 -19.34 -24.43
N GLY C 377 9.06 -19.68 -23.66
CA GLY C 377 7.82 -18.93 -23.73
C GLY C 377 8.00 -17.51 -23.22
N ALA C 378 7.04 -16.67 -23.60
CA ALA C 378 7.13 -15.25 -23.23
C ALA C 378 7.10 -15.06 -21.71
N ASN C 379 6.33 -15.89 -21.01
CA ASN C 379 6.35 -15.93 -19.55
C ASN C 379 5.95 -17.33 -19.09
N GLU C 380 5.85 -17.52 -17.77
CA GLU C 380 5.70 -18.88 -17.23
C GLU C 380 4.39 -19.54 -17.61
N GLY C 381 3.56 -19.03 -18.51
CA GLY C 381 2.29 -19.66 -18.81
C GLY C 381 2.01 -19.84 -20.29
N PHE C 382 2.86 -19.29 -21.15
CA PHE C 382 2.61 -19.32 -22.59
C PHE C 382 2.67 -20.74 -23.13
N HIS C 383 3.64 -21.53 -22.66
CA HIS C 383 3.94 -22.81 -23.29
C HIS C 383 2.81 -23.81 -23.08
N GLU C 384 2.35 -23.95 -21.84
CA GLU C 384 1.25 -24.88 -21.56
C GLU C 384 -0.04 -24.46 -22.25
N ALA C 385 -0.26 -23.15 -22.42
CA ALA C 385 -1.46 -22.70 -23.11
C ALA C 385 -1.42 -23.05 -24.59
N VAL C 386 -0.26 -22.85 -25.22
CA VAL C 386 -0.08 -23.33 -26.59
C VAL C 386 -0.36 -24.82 -26.65
N GLY C 387 0.10 -25.57 -25.65
CA GLY C 387 -0.11 -27.01 -25.67
C GLY C 387 -1.57 -27.41 -25.47
N GLU C 388 -2.35 -26.56 -24.79
CA GLU C 388 -3.73 -26.92 -24.49
C GLU C 388 -4.67 -26.58 -25.64
N ILE C 389 -4.47 -25.45 -26.31
CA ILE C 389 -5.40 -25.09 -27.38
C ILE C 389 -5.41 -26.14 -28.49
N MET C 390 -4.34 -26.94 -28.58
CA MET C 390 -4.28 -28.04 -29.54
C MET C 390 -5.31 -29.12 -29.22
N SER C 391 -5.29 -29.63 -27.99
CA SER C 391 -6.28 -30.61 -27.59
C SER C 391 -7.70 -30.04 -27.70
N LEU C 392 -7.86 -28.72 -27.49
CA LEU C 392 -9.16 -28.11 -27.77
C LEU C 392 -9.59 -28.31 -29.21
N SER C 393 -8.75 -27.86 -30.16
CA SER C 393 -9.12 -28.01 -31.57
C SER C 393 -9.33 -29.47 -31.95
N ALA C 394 -8.60 -30.40 -31.31
CA ALA C 394 -8.60 -31.78 -31.76
C ALA C 394 -9.68 -32.65 -31.12
N ALA C 395 -10.26 -32.24 -29.99
CA ALA C 395 -11.30 -33.05 -29.36
C ALA C 395 -12.71 -32.73 -29.85
N THR C 396 -12.87 -31.73 -30.71
CA THR C 396 -14.19 -31.37 -31.20
C THR C 396 -14.74 -32.46 -32.13
N PRO C 397 -16.06 -32.65 -32.16
CA PRO C 397 -16.64 -33.65 -33.08
C PRO C 397 -16.29 -33.40 -34.53
N LYS C 398 -16.15 -32.13 -34.94
CA LYS C 398 -15.70 -31.81 -36.29
C LYS C 398 -14.39 -32.51 -36.61
N HIS C 399 -13.39 -32.33 -35.76
CA HIS C 399 -12.06 -32.86 -36.03
C HIS C 399 -12.05 -34.38 -36.04
N LEU C 400 -12.83 -35.01 -35.15
CA LEU C 400 -12.87 -36.46 -35.12
C LEU C 400 -13.69 -37.05 -36.26
N LYS C 401 -14.60 -36.28 -36.85
CA LYS C 401 -15.24 -36.73 -38.07
C LYS C 401 -14.34 -36.58 -39.28
N SER C 402 -13.45 -35.58 -39.27
CA SER C 402 -12.68 -35.30 -40.47
C SER C 402 -11.56 -36.32 -40.68
N ILE C 403 -10.95 -36.82 -39.60
CA ILE C 403 -9.83 -37.72 -39.75
C ILE C 403 -10.24 -39.18 -39.71
N GLY C 404 -11.50 -39.49 -39.41
CA GLY C 404 -11.99 -40.85 -39.54
C GLY C 404 -12.02 -41.65 -38.25
N LEU C 405 -12.44 -41.03 -37.16
CA LEU C 405 -12.62 -41.73 -35.90
C LEU C 405 -14.00 -41.54 -35.28
N LEU C 406 -14.75 -40.53 -35.69
CA LEU C 406 -16.14 -40.34 -35.26
C LEU C 406 -17.05 -40.45 -36.46
N SER C 407 -18.12 -41.22 -36.32
CA SER C 407 -19.02 -41.46 -37.44
C SER C 407 -19.74 -40.18 -37.82
N PRO C 408 -19.91 -39.91 -39.12
CA PRO C 408 -20.72 -38.73 -39.53
C PRO C 408 -22.16 -38.81 -39.04
N ASP C 409 -22.69 -40.02 -38.86
CA ASP C 409 -24.00 -40.18 -38.23
C ASP C 409 -23.97 -39.92 -36.74
N PHE C 410 -22.88 -39.46 -36.15
CA PHE C 410 -22.92 -39.04 -34.75
C PHE C 410 -23.71 -37.74 -34.63
N GLN C 411 -24.61 -37.69 -33.65
CA GLN C 411 -25.50 -36.55 -33.46
C GLN C 411 -25.04 -35.74 -32.26
N GLU C 412 -24.73 -34.47 -32.52
CA GLU C 412 -24.46 -33.50 -31.47
C GLU C 412 -25.72 -32.68 -31.23
N ASP C 413 -26.10 -32.51 -29.96
CA ASP C 413 -27.33 -31.82 -29.61
C ASP C 413 -27.06 -30.94 -28.39
N ASN C 414 -28.15 -30.45 -27.80
CA ASN C 414 -28.08 -29.69 -26.56
C ASN C 414 -27.32 -30.45 -25.48
N GLU C 415 -27.73 -31.70 -25.26
CA GLU C 415 -27.41 -32.39 -24.01
C GLU C 415 -25.96 -32.87 -24.01
N THR C 416 -25.50 -33.44 -25.12
CA THR C 416 -24.11 -33.90 -25.19
C THR C 416 -23.14 -32.74 -25.06
N GLU C 417 -23.50 -31.59 -25.63
CA GLU C 417 -22.64 -30.42 -25.53
C GLU C 417 -22.63 -29.85 -24.12
N ILE C 418 -23.77 -29.89 -23.42
CA ILE C 418 -23.76 -29.53 -22.00
C ILE C 418 -22.91 -30.51 -21.20
N ASN C 419 -22.94 -31.79 -21.54
CA ASN C 419 -22.11 -32.77 -20.85
C ASN C 419 -20.63 -32.44 -21.02
N PHE C 420 -20.21 -32.19 -22.26
CA PHE C 420 -18.82 -31.84 -22.52
C PHE C 420 -18.42 -30.55 -21.82
N LEU C 421 -19.25 -29.51 -21.91
CA LEU C 421 -18.91 -28.24 -21.26
C LEU C 421 -18.87 -28.38 -19.75
N LEU C 422 -19.72 -29.23 -19.17
CA LEU C 422 -19.70 -29.41 -17.73
C LEU C 422 -18.43 -30.12 -17.28
N LYS C 423 -17.99 -31.13 -18.06
CA LYS C 423 -16.71 -31.75 -17.74
C LYS C 423 -15.55 -30.77 -17.89
N GLN C 424 -15.56 -29.98 -18.97
CA GLN C 424 -14.52 -28.98 -19.17
C GLN C 424 -14.51 -27.95 -18.04
N ALA C 425 -15.67 -27.57 -17.53
CA ALA C 425 -15.72 -26.59 -16.46
C ALA C 425 -15.27 -27.21 -15.14
N LEU C 426 -15.63 -28.46 -14.90
CA LEU C 426 -15.14 -29.16 -13.72
C LEU C 426 -13.62 -29.16 -13.69
N THR C 427 -12.98 -29.38 -14.84
CA THR C 427 -11.52 -29.44 -14.86
C THR C 427 -10.90 -28.04 -14.85
N ILE C 428 -11.40 -27.15 -15.70
CA ILE C 428 -10.74 -25.88 -16.00
C ILE C 428 -11.19 -24.77 -15.04
N VAL C 429 -12.50 -24.65 -14.82
CA VAL C 429 -13.00 -23.59 -13.96
C VAL C 429 -12.74 -23.91 -12.49
N GLY C 430 -13.12 -25.10 -12.05
CA GLY C 430 -13.03 -25.44 -10.64
C GLY C 430 -11.64 -25.24 -10.07
N THR C 431 -10.62 -25.34 -10.91
CA THR C 431 -9.25 -25.13 -10.45
C THR C 431 -8.85 -23.67 -10.36
N LEU C 432 -9.63 -22.76 -10.95
CA LEU C 432 -9.24 -21.35 -10.92
C LEU C 432 -9.33 -20.76 -9.52
N PRO C 433 -10.44 -20.89 -8.78
CA PRO C 433 -10.44 -20.39 -7.39
C PRO C 433 -9.44 -21.10 -6.52
N PHE C 434 -9.27 -22.42 -6.70
CA PHE C 434 -8.27 -23.18 -5.95
C PHE C 434 -6.88 -22.59 -6.15
N THR C 435 -6.46 -22.43 -7.41
CA THR C 435 -5.14 -21.92 -7.74
C THR C 435 -4.95 -20.51 -7.20
N TYR C 436 -5.92 -19.63 -7.45
CA TYR C 436 -5.79 -18.25 -6.99
C TYR C 436 -5.66 -18.16 -5.48
N MET C 437 -6.52 -18.89 -4.75
CA MET C 437 -6.48 -18.87 -3.30
C MET C 437 -5.14 -19.36 -2.79
N LEU C 438 -4.62 -20.45 -3.38
CA LEU C 438 -3.33 -20.98 -2.95
C LEU C 438 -2.22 -19.95 -3.13
N GLU C 439 -2.07 -19.42 -4.35
CA GLU C 439 -1.00 -18.46 -4.61
C GLU C 439 -1.14 -17.21 -3.75
N LYS C 440 -2.38 -16.77 -3.49
CA LYS C 440 -2.57 -15.60 -2.65
C LYS C 440 -2.14 -15.87 -1.21
N TRP C 441 -2.43 -17.08 -0.71
CA TRP C 441 -1.97 -17.44 0.63
C TRP C 441 -0.45 -17.43 0.70
N ARG C 442 0.20 -18.02 -0.31
CA ARG C 442 1.65 -17.93 -0.39
C ARG C 442 2.11 -16.48 -0.32
N TRP C 443 1.62 -15.67 -1.27
CA TRP C 443 2.05 -14.27 -1.40
C TRP C 443 1.93 -13.52 -0.08
N MET C 444 0.84 -13.76 0.67
CA MET C 444 0.72 -13.07 1.95
C MET C 444 1.71 -13.60 2.97
N VAL C 445 1.88 -14.93 3.02
CA VAL C 445 2.85 -15.49 3.98
C VAL C 445 4.23 -14.91 3.73
N PHE C 446 4.64 -14.84 2.46
CA PHE C 446 5.92 -14.25 2.11
C PHE C 446 5.97 -12.76 2.47
N LYS C 447 4.98 -12.00 1.99
CA LYS C 447 4.86 -10.59 2.36
C LYS C 447 4.79 -10.40 3.88
N GLY C 448 4.44 -11.45 4.61
CA GLY C 448 4.31 -11.39 6.06
C GLY C 448 2.93 -11.04 6.57
N GLU C 449 1.94 -10.88 5.69
CA GLU C 449 0.59 -10.50 6.10
C GLU C 449 -0.15 -11.59 6.86
N ILE C 450 0.47 -12.75 7.09
CA ILE C 450 -0.12 -13.82 7.88
C ILE C 450 0.87 -14.24 8.94
N PRO C 451 0.56 -14.10 10.23
CA PRO C 451 1.47 -14.57 11.28
C PRO C 451 1.52 -16.09 11.32
N LYS C 452 2.56 -16.60 11.95
CA LYS C 452 2.74 -18.05 12.02
C LYS C 452 1.60 -18.70 12.78
N ASP C 453 1.28 -18.19 13.97
CA ASP C 453 0.26 -18.81 14.82
C ASP C 453 -1.14 -18.77 14.21
N GLN C 454 -1.32 -18.15 13.05
CA GLN C 454 -2.60 -18.17 12.36
C GLN C 454 -2.51 -18.69 10.93
N TRP C 455 -1.34 -19.20 10.51
CA TRP C 455 -1.16 -19.73 9.16
C TRP C 455 -2.36 -20.55 8.73
N MET C 456 -2.51 -21.75 9.31
CA MET C 456 -3.64 -22.61 8.98
C MET C 456 -4.97 -21.87 9.13
N LYS C 457 -5.12 -21.09 10.20
CA LYS C 457 -6.39 -20.42 10.44
C LYS C 457 -6.78 -19.54 9.26
N LYS C 458 -5.81 -18.86 8.65
CA LYS C 458 -6.15 -18.06 7.48
C LYS C 458 -6.48 -18.96 6.30
N TRP C 459 -5.67 -20.00 6.09
CA TRP C 459 -5.86 -20.93 4.97
C TRP C 459 -7.32 -21.36 4.86
N TRP C 460 -7.87 -21.92 5.95
CA TRP C 460 -9.21 -22.45 5.87
C TRP C 460 -10.28 -21.37 5.97
N GLU C 461 -9.95 -20.19 6.48
CA GLU C 461 -10.86 -19.07 6.27
C GLU C 461 -10.90 -18.67 4.80
N MET C 462 -9.78 -18.86 4.09
CA MET C 462 -9.71 -18.47 2.70
C MET C 462 -10.24 -19.56 1.78
N LYS C 463 -10.16 -20.83 2.21
CA LYS C 463 -10.86 -21.90 1.51
C LYS C 463 -12.37 -21.68 1.57
N ARG C 464 -12.90 -21.46 2.77
CA ARG C 464 -14.34 -21.23 2.92
C ARG C 464 -14.80 -19.99 2.15
N GLU C 465 -14.00 -18.92 2.20
CA GLU C 465 -14.40 -17.66 1.58
C GLU C 465 -14.24 -17.71 0.06
N ILE C 466 -13.03 -17.99 -0.41
CA ILE C 466 -12.72 -17.83 -1.83
C ILE C 466 -13.12 -19.07 -2.64
N VAL C 467 -12.88 -20.27 -2.11
CA VAL C 467 -13.10 -21.49 -2.88
C VAL C 467 -14.45 -22.14 -2.58
N GLY C 468 -15.08 -21.81 -1.45
CA GLY C 468 -16.31 -22.47 -1.07
C GLY C 468 -16.12 -23.88 -0.57
N VAL C 469 -14.92 -24.21 -0.12
CA VAL C 469 -14.56 -25.53 0.36
C VAL C 469 -14.33 -25.46 1.85
N VAL C 470 -14.83 -26.45 2.59
CA VAL C 470 -14.68 -26.51 4.05
C VAL C 470 -13.93 -27.79 4.40
N GLU C 471 -13.03 -27.69 5.37
CA GLU C 471 -12.31 -28.85 5.84
C GLU C 471 -13.19 -29.71 6.73
N PRO C 472 -13.01 -31.03 6.71
CA PRO C 472 -13.84 -31.91 7.53
C PRO C 472 -13.35 -32.19 8.96
N VAL C 473 -12.16 -31.74 9.33
CA VAL C 473 -11.62 -31.93 10.68
C VAL C 473 -10.90 -30.65 11.09
N PRO C 474 -11.05 -30.19 12.32
CA PRO C 474 -10.32 -28.97 12.75
C PRO C 474 -8.83 -29.22 12.87
N HIS C 475 -8.04 -28.32 12.30
CA HIS C 475 -6.59 -28.42 12.29
C HIS C 475 -5.99 -27.21 12.99
N ASP C 476 -5.08 -27.46 13.93
CA ASP C 476 -4.38 -26.37 14.61
C ASP C 476 -3.14 -26.01 13.81
N GLU C 477 -2.16 -25.37 14.45
CA GLU C 477 -0.96 -24.89 13.76
C GLU C 477 0.18 -25.89 13.78
N THR C 478 -0.10 -27.16 14.07
CA THR C 478 0.87 -28.23 13.86
C THR C 478 0.79 -28.82 12.46
N TYR C 479 -0.36 -28.68 11.79
CA TYR C 479 -0.54 -29.14 10.43
C TYR C 479 0.15 -28.19 9.45
N CYS C 480 0.05 -28.52 8.16
CA CYS C 480 0.60 -27.72 7.09
C CYS C 480 0.02 -28.18 5.77
N ASP C 481 -1.30 -28.19 5.67
CA ASP C 481 -2.04 -28.64 4.49
C ASP C 481 -1.58 -27.99 3.19
N PRO C 482 -1.17 -26.71 3.17
CA PRO C 482 -0.54 -26.17 1.95
C PRO C 482 0.57 -27.03 1.38
N ALA C 483 1.53 -27.44 2.21
CA ALA C 483 2.62 -28.28 1.72
C ALA C 483 2.16 -29.69 1.35
N SER C 484 0.90 -30.04 1.64
CA SER C 484 0.40 -31.36 1.26
C SER C 484 0.23 -31.52 -0.24
N LEU C 485 0.35 -30.44 -1.01
CA LEU C 485 0.33 -30.50 -2.45
C LEU C 485 1.77 -30.43 -2.97
N PHE C 486 1.99 -31.03 -4.14
CA PHE C 486 3.34 -31.11 -4.70
C PHE C 486 3.97 -29.73 -4.84
N HIS C 487 3.28 -28.82 -5.52
CA HIS C 487 3.90 -27.56 -5.95
C HIS C 487 4.36 -26.70 -4.79
N VAL C 488 3.76 -26.86 -3.61
CA VAL C 488 4.14 -26.05 -2.46
C VAL C 488 5.38 -26.61 -1.81
N SER C 489 5.38 -27.92 -1.53
CA SER C 489 6.52 -28.57 -0.91
C SER C 489 7.68 -28.79 -1.86
N ASN C 490 7.54 -28.44 -3.14
CA ASN C 490 8.63 -28.55 -4.10
C ASN C 490 8.97 -27.21 -4.76
N ASP C 491 8.53 -26.09 -4.18
CA ASP C 491 9.06 -24.77 -4.52
C ASP C 491 8.80 -24.43 -5.99
N TYR C 492 7.53 -24.39 -6.36
CA TYR C 492 7.09 -23.98 -7.69
C TYR C 492 5.98 -22.94 -7.56
N SER C 493 6.13 -21.83 -8.29
CA SER C 493 5.05 -20.86 -8.36
C SER C 493 3.82 -21.51 -8.98
N PHE C 494 2.64 -21.15 -8.46
CA PHE C 494 1.40 -21.79 -8.88
C PHE C 494 0.53 -20.92 -9.78
N ILE C 495 0.69 -19.60 -9.72
CA ILE C 495 -0.12 -18.68 -10.51
C ILE C 495 -0.01 -18.94 -12.00
N ARG C 496 0.97 -19.74 -12.43
CA ARG C 496 1.12 -20.03 -13.84
C ARG C 496 -0.09 -20.75 -14.39
N TYR C 497 -0.75 -21.57 -13.58
CA TYR C 497 -1.92 -22.29 -14.06
C TYR C 497 -3.11 -21.36 -14.28
N TYR C 498 -3.32 -20.41 -13.38
CA TYR C 498 -4.36 -19.40 -13.55
C TYR C 498 -4.11 -18.58 -14.83
N THR C 499 -2.90 -18.04 -14.95
CA THR C 499 -2.57 -17.23 -16.13
C THR C 499 -2.70 -18.05 -17.40
N ARG C 500 -2.28 -19.33 -17.37
CA ARG C 500 -2.38 -20.19 -18.53
C ARG C 500 -3.83 -20.44 -18.92
N THR C 501 -4.68 -20.67 -17.93
CA THR C 501 -6.08 -20.93 -18.23
C THR C 501 -6.74 -19.74 -18.90
N LEU C 502 -6.40 -18.52 -18.48
CA LEU C 502 -6.97 -17.36 -19.19
C LEU C 502 -6.35 -17.21 -20.59
N TYR C 503 -5.03 -17.39 -20.69
CA TYR C 503 -4.34 -17.26 -21.98
C TYR C 503 -4.89 -18.21 -23.02
N GLN C 504 -5.18 -19.46 -22.62
CA GLN C 504 -5.51 -20.45 -23.63
C GLN C 504 -6.84 -20.16 -24.29
N PHE C 505 -7.79 -19.58 -23.56
CA PHE C 505 -9.05 -19.24 -24.18
C PHE C 505 -8.94 -17.94 -24.96
N GLN C 506 -8.10 -16.99 -24.54
CA GLN C 506 -7.83 -15.86 -25.43
C GLN C 506 -7.26 -16.35 -26.77
N PHE C 507 -6.31 -17.28 -26.72
CA PHE C 507 -5.74 -17.83 -27.95
C PHE C 507 -6.76 -18.58 -28.78
N GLN C 508 -7.53 -19.47 -28.16
CA GLN C 508 -8.50 -20.23 -28.91
C GLN C 508 -9.50 -19.29 -29.59
N GLU C 509 -9.91 -18.24 -28.89
CA GLU C 509 -10.83 -17.27 -29.48
C GLU C 509 -10.20 -16.58 -30.68
N ALA C 510 -8.97 -16.08 -30.53
CA ALA C 510 -8.35 -15.32 -31.63
C ALA C 510 -8.13 -16.21 -32.85
N LEU C 511 -7.63 -17.43 -32.62
CA LEU C 511 -7.37 -18.33 -33.74
C LEU C 511 -8.67 -18.78 -34.40
N CYS C 512 -9.70 -19.08 -33.61
CA CYS C 512 -10.98 -19.48 -34.18
C CYS C 512 -11.65 -18.32 -34.90
N GLN C 513 -11.32 -17.08 -34.55
CA GLN C 513 -11.73 -15.95 -35.36
C GLN C 513 -10.99 -15.94 -36.70
N ALA C 514 -9.66 -16.05 -36.66
CA ALA C 514 -8.89 -16.07 -37.90
C ALA C 514 -9.25 -17.27 -38.76
N ALA C 515 -9.65 -18.38 -38.13
CA ALA C 515 -10.07 -19.58 -38.85
C ALA C 515 -11.49 -19.49 -39.37
N LYS C 516 -12.14 -18.33 -39.22
CA LYS C 516 -13.49 -18.10 -39.73
C LYS C 516 -14.47 -19.15 -39.21
N HIS C 517 -14.40 -19.41 -37.91
CA HIS C 517 -15.28 -20.39 -37.28
C HIS C 517 -16.59 -19.74 -36.86
N GLU C 518 -17.68 -20.46 -37.11
CA GLU C 518 -19.03 -20.00 -36.76
C GLU C 518 -19.56 -20.83 -35.60
N GLY C 519 -20.29 -20.18 -34.71
CA GLY C 519 -20.95 -20.88 -33.64
C GLY C 519 -20.23 -20.77 -32.31
N PRO C 520 -20.55 -21.66 -31.39
CA PRO C 520 -19.96 -21.60 -30.04
C PRO C 520 -18.48 -21.95 -30.07
N LEU C 521 -17.72 -21.25 -29.23
CA LEU C 521 -16.27 -21.32 -29.27
C LEU C 521 -15.73 -22.69 -28.89
N HIS C 522 -16.53 -23.52 -28.21
CA HIS C 522 -16.07 -24.83 -27.76
C HIS C 522 -16.14 -25.90 -28.84
N LYS C 523 -16.81 -25.63 -29.96
CA LYS C 523 -16.94 -26.59 -31.06
C LYS C 523 -15.88 -26.39 -32.13
N CYS C 524 -14.94 -25.49 -31.93
CA CYS C 524 -14.11 -24.97 -33.01
C CYS C 524 -12.90 -25.84 -33.28
N ASP C 525 -12.52 -25.89 -34.55
CA ASP C 525 -11.33 -26.60 -35.01
C ASP C 525 -10.59 -25.69 -35.97
N ILE C 526 -9.32 -25.40 -35.68
CA ILE C 526 -8.55 -24.46 -36.48
C ILE C 526 -7.80 -25.18 -37.59
N SER C 527 -8.18 -26.42 -37.87
CA SER C 527 -7.52 -27.18 -38.90
C SER C 527 -7.81 -26.61 -40.27
N ASN C 528 -6.90 -26.85 -41.21
CA ASN C 528 -6.97 -26.27 -42.55
C ASN C 528 -7.20 -24.76 -42.51
N SER C 529 -6.49 -24.07 -41.59
CA SER C 529 -6.65 -22.62 -41.47
C SER C 529 -5.25 -22.01 -41.36
N THR C 530 -4.59 -21.86 -42.51
CA THR C 530 -3.26 -21.27 -42.57
C THR C 530 -3.20 -19.89 -41.93
N GLU C 531 -4.33 -19.18 -41.90
CA GLU C 531 -4.37 -17.88 -41.24
C GLU C 531 -4.23 -18.00 -39.72
N ALA C 532 -4.94 -18.95 -39.09
CA ALA C 532 -4.76 -19.15 -37.66
C ALA C 532 -3.32 -19.58 -37.35
N GLY C 533 -2.80 -20.50 -38.16
CA GLY C 533 -1.44 -20.98 -37.94
C GLY C 533 -0.41 -19.86 -38.02
N GLN C 534 -0.54 -19.00 -39.05
CA GLN C 534 0.41 -17.91 -39.20
C GLN C 534 0.27 -16.89 -38.07
N LYS C 535 -0.98 -16.60 -37.67
CA LYS C 535 -1.21 -15.69 -36.55
C LYS C 535 -0.57 -16.20 -35.27
N LEU C 536 -0.56 -17.53 -35.07
CA LEU C 536 0.08 -18.07 -33.88
C LEU C 536 1.60 -18.05 -34.03
N PHE C 537 2.10 -18.33 -35.23
CA PHE C 537 3.55 -18.37 -35.45
C PHE C 537 4.20 -17.02 -35.20
N ASN C 538 3.49 -15.93 -35.52
CA ASN C 538 4.07 -14.60 -35.30
C ASN C 538 4.41 -14.37 -33.83
N MET C 539 3.73 -15.04 -32.92
CA MET C 539 4.10 -14.97 -31.51
C MET C 539 5.08 -16.07 -31.12
N LEU C 540 4.91 -17.27 -31.67
CA LEU C 540 5.78 -18.39 -31.29
C LEU C 540 7.24 -18.08 -31.61
N ARG C 541 7.50 -17.45 -32.77
CA ARG C 541 8.88 -17.15 -33.11
C ARG C 541 9.50 -16.11 -32.19
N LEU C 542 8.70 -15.37 -31.43
CA LEU C 542 9.22 -14.30 -30.58
C LEU C 542 10.01 -14.85 -29.41
N GLY C 543 9.61 -15.99 -28.87
CA GLY C 543 10.18 -16.45 -27.63
C GLY C 543 9.89 -15.41 -26.55
N LYS C 544 10.90 -15.07 -25.77
CA LYS C 544 10.82 -13.93 -24.88
C LYS C 544 11.79 -12.81 -25.29
N SER C 545 12.11 -12.75 -26.59
CA SER C 545 12.84 -11.61 -27.11
C SER C 545 12.04 -10.32 -26.95
N GLU C 546 10.72 -10.42 -27.03
CA GLU C 546 9.83 -9.30 -26.80
C GLU C 546 9.12 -9.46 -25.47
N PRO C 547 8.65 -8.36 -24.88
CA PRO C 547 7.82 -8.47 -23.67
C PRO C 547 6.64 -9.39 -23.91
N TRP C 548 6.25 -10.10 -22.85
CA TRP C 548 5.14 -11.05 -22.98
C TRP C 548 3.85 -10.36 -23.38
N THR C 549 3.69 -9.08 -23.01
CA THR C 549 2.50 -8.35 -23.39
C THR C 549 2.40 -8.15 -24.90
N LEU C 550 3.51 -7.76 -25.52
CA LEU C 550 3.53 -7.63 -26.98
C LEU C 550 3.29 -8.97 -27.66
N ALA C 551 3.83 -10.05 -27.07
CA ALA C 551 3.61 -11.38 -27.64
C ALA C 551 2.14 -11.76 -27.59
N LEU C 552 1.46 -11.43 -26.48
CA LEU C 552 0.03 -11.69 -26.38
C LEU C 552 -0.74 -10.85 -27.40
N GLU C 553 -0.35 -9.59 -27.57
CA GLU C 553 -1.02 -8.73 -28.54
C GLU C 553 -0.79 -9.18 -29.98
N ASN C 554 0.29 -9.93 -30.22
CA ASN C 554 0.49 -10.50 -31.55
C ASN C 554 -0.61 -11.51 -31.90
N VAL C 555 -1.19 -12.17 -30.90
CA VAL C 555 -2.18 -13.21 -31.15
C VAL C 555 -3.58 -12.65 -31.01
N VAL C 556 -3.90 -12.12 -29.82
CA VAL C 556 -5.29 -11.76 -29.52
C VAL C 556 -5.57 -10.28 -29.63
N GLY C 557 -4.56 -9.45 -29.88
CA GLY C 557 -4.78 -8.03 -30.06
C GLY C 557 -5.04 -7.24 -28.79
N ALA C 558 -4.92 -7.88 -27.63
CA ALA C 558 -5.10 -7.22 -26.34
C ALA C 558 -3.82 -7.33 -25.54
N LYS C 559 -3.35 -6.22 -24.98
CA LYS C 559 -2.10 -6.20 -24.23
C LYS C 559 -2.21 -6.80 -22.85
N ASN C 560 -3.35 -7.36 -22.44
CA ASN C 560 -3.43 -7.84 -21.08
C ASN C 560 -4.35 -9.06 -20.97
N MET C 561 -4.17 -9.77 -19.87
CA MET C 561 -4.94 -10.96 -19.54
C MET C 561 -6.44 -10.62 -19.49
N ASN C 562 -7.27 -11.54 -19.97
CA ASN C 562 -8.70 -11.28 -20.07
C ASN C 562 -9.49 -12.56 -19.83
N VAL C 563 -10.60 -12.44 -19.09
CA VAL C 563 -11.46 -13.59 -18.82
C VAL C 563 -12.58 -13.73 -19.84
N ARG C 564 -12.98 -12.65 -20.49
CA ARG C 564 -14.12 -12.69 -21.41
C ARG C 564 -14.03 -13.81 -22.44
N PRO C 565 -12.87 -14.20 -22.96
CA PRO C 565 -12.83 -15.42 -23.79
C PRO C 565 -13.17 -16.68 -23.03
N LEU C 566 -12.73 -16.80 -21.77
CA LEU C 566 -13.09 -17.95 -20.95
C LEU C 566 -14.59 -18.00 -20.70
N LEU C 567 -15.17 -16.87 -20.26
CA LEU C 567 -16.60 -16.80 -20.06
C LEU C 567 -17.35 -17.08 -21.36
N ASN C 568 -16.79 -16.68 -22.49
CA ASN C 568 -17.42 -16.97 -23.77
C ASN C 568 -17.41 -18.47 -24.04
N TYR C 569 -16.27 -19.12 -23.81
CA TYR C 569 -16.17 -20.55 -24.03
C TYR C 569 -17.16 -21.32 -23.16
N PHE C 570 -17.45 -20.81 -21.97
CA PHE C 570 -18.34 -21.53 -21.07
C PHE C 570 -19.77 -20.98 -21.00
N GLU C 571 -20.09 -19.95 -21.78
CA GLU C 571 -21.41 -19.31 -21.70
C GLU C 571 -22.59 -20.26 -21.85
N PRO C 572 -22.64 -21.19 -22.81
CA PRO C 572 -23.80 -22.10 -22.86
C PRO C 572 -24.03 -22.83 -21.54
N LEU C 573 -22.95 -23.36 -20.95
CA LEU C 573 -23.09 -23.99 -19.64
C LEU C 573 -23.43 -22.96 -18.56
N PHE C 574 -22.94 -21.72 -18.68
CA PHE C 574 -23.33 -20.66 -17.75
C PHE C 574 -24.84 -20.50 -17.69
N THR C 575 -25.48 -20.33 -18.86
CA THR C 575 -26.92 -20.12 -18.88
C THR C 575 -27.67 -21.36 -18.43
N TRP C 576 -27.22 -22.55 -18.84
CA TRP C 576 -27.90 -23.77 -18.39
C TRP C 576 -27.78 -23.95 -16.89
N LEU C 577 -26.63 -23.59 -16.31
CA LEU C 577 -26.44 -23.69 -14.86
C LEU C 577 -27.34 -22.70 -14.12
N LYS C 578 -27.41 -21.46 -14.62
CA LYS C 578 -28.32 -20.49 -14.03
C LYS C 578 -29.75 -21.02 -14.02
N ASP C 579 -30.18 -21.62 -15.13
CA ASP C 579 -31.51 -22.22 -15.17
C ASP C 579 -31.64 -23.33 -14.13
N GLN C 580 -30.63 -24.20 -14.03
CA GLN C 580 -30.75 -25.35 -13.12
C GLN C 580 -30.81 -24.91 -11.67
N ASN C 581 -30.15 -23.82 -11.31
CA ASN C 581 -30.02 -23.39 -9.93
C ASN C 581 -31.16 -22.50 -9.46
N LYS C 582 -32.25 -22.40 -10.23
CA LYS C 582 -33.36 -21.52 -9.86
C LYS C 582 -33.94 -21.90 -8.51
N ASN C 583 -34.22 -23.19 -8.31
CA ASN C 583 -34.67 -23.73 -7.03
C ASN C 583 -33.52 -24.06 -6.10
N SER C 584 -32.43 -23.29 -6.14
CA SER C 584 -31.22 -23.65 -5.42
C SER C 584 -30.57 -22.39 -4.87
N PHE C 585 -29.99 -22.51 -3.69
CA PHE C 585 -29.16 -21.45 -3.13
C PHE C 585 -27.85 -21.37 -3.90
N VAL C 586 -27.45 -20.16 -4.29
CA VAL C 586 -26.23 -19.94 -5.05
C VAL C 586 -25.29 -19.13 -4.17
N GLY C 587 -24.04 -19.59 -4.07
CA GLY C 587 -23.10 -19.06 -3.11
C GLY C 587 -23.01 -19.97 -1.90
N TRP C 588 -22.29 -19.48 -0.88
CA TRP C 588 -22.04 -20.28 0.29
C TRP C 588 -21.81 -19.41 1.52
N SER C 589 -22.22 -19.93 2.67
CA SER C 589 -21.93 -19.34 3.97
C SER C 589 -20.71 -20.02 4.56
N THR C 590 -19.92 -19.24 5.30
CA THR C 590 -18.58 -19.66 5.70
C THR C 590 -18.51 -20.30 7.07
N ASP C 591 -19.59 -20.29 7.86
CA ASP C 591 -19.49 -20.82 9.22
C ASP C 591 -19.94 -22.27 9.32
N TRP C 592 -20.46 -22.86 8.25
CA TRP C 592 -20.87 -24.26 8.31
C TRP C 592 -19.67 -25.17 8.20
N SER C 593 -19.71 -26.28 8.94
CA SER C 593 -18.65 -27.26 8.98
C SER C 593 -19.26 -28.61 9.34
N PRO C 594 -18.77 -29.70 8.75
CA PRO C 594 -19.29 -31.02 9.11
C PRO C 594 -18.97 -31.46 10.53
N TYR C 595 -18.25 -30.67 11.33
CA TYR C 595 -17.95 -31.07 12.70
C TYR C 595 -18.54 -30.14 13.77
N ALA C 596 -19.00 -28.95 13.40
CA ALA C 596 -19.64 -28.05 14.37
C ALA C 596 -21.11 -28.46 14.47
N ASP C 597 -21.39 -29.41 15.37
CA ASP C 597 -22.75 -29.91 15.56
C ASP C 597 -23.47 -29.13 16.65
N THR D 1 48.26 -34.57 -70.00
CA THR D 1 47.01 -35.31 -70.16
C THR D 1 46.67 -36.07 -68.89
N ASN D 2 47.13 -35.54 -67.76
CA ASN D 2 46.93 -36.19 -66.46
C ASN D 2 45.66 -35.65 -65.82
N LEU D 3 44.80 -36.56 -65.37
CA LEU D 3 43.51 -36.16 -64.81
C LEU D 3 43.74 -35.24 -63.60
N CYS D 4 42.82 -34.30 -63.42
CA CYS D 4 42.99 -33.30 -62.39
C CYS D 4 42.76 -33.90 -61.00
N PRO D 5 43.47 -33.42 -59.99
CA PRO D 5 43.25 -33.93 -58.64
C PRO D 5 41.88 -33.58 -58.08
N PHE D 6 40.83 -34.20 -58.63
CA PHE D 6 39.49 -33.99 -58.12
C PHE D 6 39.08 -35.02 -57.08
N ASP D 7 39.54 -36.27 -57.21
CA ASP D 7 39.22 -37.28 -56.19
C ASP D 7 40.12 -37.17 -54.97
N GLU D 8 41.25 -36.49 -55.06
CA GLU D 8 42.10 -36.29 -53.89
C GLU D 8 41.67 -35.10 -53.05
N VAL D 9 40.61 -34.40 -53.44
CA VAL D 9 40.12 -33.25 -52.68
C VAL D 9 38.67 -33.52 -52.26
N PHE D 10 37.91 -34.22 -53.10
CA PHE D 10 36.51 -34.47 -52.76
C PHE D 10 36.34 -35.62 -51.78
N ASN D 11 37.00 -36.76 -52.05
CA ASN D 11 36.95 -37.91 -51.17
C ASN D 11 38.18 -38.01 -50.27
N ALA D 12 38.62 -36.88 -49.71
CA ALA D 12 39.81 -36.89 -48.87
C ALA D 12 39.57 -37.64 -47.57
N THR D 13 40.66 -37.98 -46.91
CA THR D 13 40.63 -38.58 -45.58
C THR D 13 39.77 -37.73 -44.66
N THR D 14 40.29 -36.57 -44.29
CA THR D 14 39.59 -35.55 -43.52
C THR D 14 39.75 -34.21 -44.23
N PHE D 15 38.72 -33.39 -44.19
CA PHE D 15 38.85 -32.01 -44.68
C PHE D 15 39.53 -31.12 -43.65
N ALA D 16 39.75 -29.87 -44.05
CA ALA D 16 40.25 -28.85 -43.15
C ALA D 16 39.08 -28.14 -42.49
N SER D 17 39.37 -27.50 -41.36
CA SER D 17 38.40 -26.60 -40.76
C SER D 17 38.33 -25.32 -41.57
N VAL D 18 37.16 -24.68 -41.54
CA VAL D 18 36.86 -23.65 -42.53
C VAL D 18 37.77 -22.43 -42.35
N TYR D 19 38.10 -22.08 -41.10
CA TYR D 19 39.02 -20.97 -40.90
C TYR D 19 40.37 -21.25 -41.54
N ALA D 20 40.74 -22.53 -41.63
CA ALA D 20 41.99 -23.00 -42.19
C ALA D 20 41.76 -23.84 -43.44
N TRP D 21 40.82 -23.40 -44.29
CA TRP D 21 40.52 -24.13 -45.52
C TRP D 21 41.79 -24.35 -46.32
N ASN D 22 42.00 -25.58 -46.77
CA ASN D 22 43.18 -25.81 -47.60
C ASN D 22 42.83 -25.49 -49.05
N ARG D 23 43.78 -24.90 -49.75
CA ARG D 23 43.58 -24.51 -51.15
C ARG D 23 44.60 -25.26 -51.98
N LYS D 24 44.11 -25.96 -53.01
CA LYS D 24 44.94 -26.80 -53.84
C LYS D 24 44.94 -26.24 -55.26
N ARG D 25 46.14 -26.06 -55.81
CA ARG D 25 46.33 -25.55 -57.16
C ARG D 25 46.00 -26.66 -58.15
N ILE D 26 44.79 -26.63 -58.70
CA ILE D 26 44.32 -27.65 -59.64
C ILE D 26 44.68 -27.14 -61.04
N SER D 27 45.81 -27.58 -61.57
CA SER D 27 46.34 -26.97 -62.77
C SER D 27 47.16 -27.97 -63.56
N ASN D 28 47.40 -27.63 -64.83
CA ASN D 28 48.21 -28.44 -65.75
C ASN D 28 47.75 -29.89 -65.75
N CYS D 29 46.49 -30.05 -66.15
CA CYS D 29 45.70 -31.24 -65.90
C CYS D 29 44.31 -31.09 -66.50
N VAL D 30 43.76 -32.18 -67.03
CA VAL D 30 42.41 -32.18 -67.60
C VAL D 30 41.45 -32.69 -66.53
N ALA D 31 40.40 -31.91 -66.29
CA ALA D 31 39.54 -32.12 -65.12
C ALA D 31 38.38 -33.04 -65.45
N ASP D 32 37.93 -33.76 -64.42
CA ASP D 32 36.82 -34.70 -64.56
C ASP D 32 35.50 -34.11 -64.07
N TYR D 33 35.31 -32.80 -64.20
CA TYR D 33 33.99 -32.26 -63.85
C TYR D 33 32.93 -32.60 -64.89
N SER D 34 33.28 -33.31 -65.97
CA SER D 34 32.28 -33.69 -66.96
C SER D 34 31.35 -34.77 -66.42
N VAL D 35 31.93 -35.83 -65.84
CA VAL D 35 31.14 -36.91 -65.26
C VAL D 35 31.13 -36.85 -63.74
N LEU D 36 31.72 -35.79 -63.16
CA LEU D 36 31.80 -35.69 -61.68
C LEU D 36 30.52 -35.08 -61.11
N TYR D 37 29.89 -34.16 -61.85
CA TYR D 37 28.71 -33.44 -61.30
C TYR D 37 27.45 -34.31 -61.32
N ASN D 38 27.57 -35.61 -61.62
CA ASN D 38 26.33 -36.42 -61.76
C ASN D 38 26.30 -37.59 -60.78
N PHE D 39 27.05 -37.51 -59.66
CA PHE D 39 26.98 -38.58 -58.63
C PHE D 39 25.64 -38.48 -57.92
N ALA D 40 24.99 -37.31 -57.99
CA ALA D 40 23.71 -37.07 -57.32
C ALA D 40 23.61 -37.40 -55.83
N PRO D 41 24.68 -37.19 -54.99
CA PRO D 41 24.54 -37.43 -53.54
C PRO D 41 24.62 -36.15 -52.76
N PHE D 42 24.06 -35.14 -53.38
CA PHE D 42 24.49 -33.75 -53.29
C PHE D 42 23.43 -32.82 -52.66
N PHE D 43 23.87 -31.80 -51.89
CA PHE D 43 22.90 -30.88 -51.24
C PHE D 43 22.94 -29.41 -51.67
N THR D 44 24.10 -28.71 -51.81
CA THR D 44 24.18 -27.36 -52.47
C THR D 44 25.36 -27.24 -53.46
N PHE D 45 25.03 -27.25 -54.75
CA PHE D 45 25.91 -27.42 -55.94
C PHE D 45 25.48 -26.32 -56.84
N LYS D 46 26.02 -25.15 -56.63
CA LYS D 46 25.62 -24.04 -57.44
C LYS D 46 26.90 -23.42 -57.95
N CYS D 47 27.12 -23.52 -59.26
CA CYS D 47 28.06 -22.64 -59.90
C CYS D 47 27.42 -21.25 -59.88
N TYR D 48 27.96 -20.39 -59.03
CA TYR D 48 27.59 -18.99 -58.96
C TYR D 48 28.26 -18.26 -60.11
N GLY D 49 28.51 -18.99 -61.19
CA GLY D 49 29.09 -18.48 -62.42
C GLY D 49 28.55 -19.22 -63.62
N VAL D 50 29.42 -19.89 -64.36
CA VAL D 50 29.10 -20.46 -65.67
C VAL D 50 28.49 -21.85 -65.48
N SER D 51 27.91 -22.41 -66.55
CA SER D 51 27.19 -23.68 -66.75
C SER D 51 27.83 -24.90 -66.08
N PRO D 52 27.08 -26.03 -65.96
CA PRO D 52 27.68 -27.24 -65.37
C PRO D 52 28.40 -28.26 -66.29
N THR D 53 27.79 -28.90 -67.33
CA THR D 53 28.61 -29.61 -68.31
C THR D 53 29.28 -28.74 -69.34
N LYS D 54 28.79 -27.53 -69.56
CA LYS D 54 29.28 -26.82 -70.71
C LYS D 54 30.69 -26.29 -70.46
N LEU D 55 31.09 -26.15 -69.19
CA LEU D 55 32.43 -25.65 -68.88
C LEU D 55 33.53 -26.63 -69.24
N ASN D 56 33.21 -27.84 -69.72
CA ASN D 56 34.24 -28.70 -70.28
C ASN D 56 34.85 -28.06 -71.52
N ASP D 57 34.02 -27.37 -72.30
CA ASP D 57 34.44 -26.81 -73.58
C ASP D 57 35.12 -25.45 -73.38
N LEU D 58 35.86 -25.29 -72.27
CA LEU D 58 36.48 -24.02 -71.94
C LEU D 58 37.59 -24.28 -70.94
N CYS D 59 38.84 -24.16 -71.39
CA CYS D 59 39.97 -24.31 -70.50
C CYS D 59 40.13 -23.08 -69.61
N PHE D 60 40.74 -23.28 -68.45
CA PHE D 60 40.96 -22.22 -67.48
C PHE D 60 42.43 -22.21 -67.09
N THR D 61 42.90 -21.06 -66.62
CA THR D 61 44.34 -20.87 -66.44
C THR D 61 44.83 -21.44 -65.11
N ASN D 62 44.02 -21.34 -64.05
CA ASN D 62 44.44 -21.86 -62.75
C ASN D 62 43.24 -22.12 -61.86
N VAL D 63 42.48 -23.17 -62.16
CA VAL D 63 41.41 -23.65 -61.30
C VAL D 63 41.94 -23.87 -59.89
N TYR D 64 41.42 -23.11 -58.93
CA TYR D 64 41.81 -23.24 -57.54
C TYR D 64 40.72 -24.00 -56.80
N ALA D 65 41.07 -25.03 -56.04
CA ALA D 65 40.06 -25.82 -55.34
C ALA D 65 40.24 -25.65 -53.84
N ASP D 66 39.27 -25.03 -53.17
CA ASP D 66 39.32 -24.80 -51.74
C ASP D 66 38.44 -25.81 -51.04
N SER D 67 38.96 -26.46 -50.01
CA SER D 67 38.20 -27.46 -49.28
C SER D 67 38.18 -27.14 -47.79
N PHE D 68 37.01 -27.31 -47.18
CA PHE D 68 36.86 -27.08 -45.74
C PHE D 68 35.54 -27.73 -45.32
N VAL D 69 34.98 -27.28 -44.19
CA VAL D 69 33.81 -27.93 -43.63
C VAL D 69 33.07 -26.94 -42.73
N ILE D 70 31.73 -27.02 -42.76
CA ILE D 70 30.84 -26.10 -42.07
C ILE D 70 29.58 -26.86 -41.68
N ARG D 71 28.48 -26.14 -41.46
CA ARG D 71 27.19 -26.72 -41.13
C ARG D 71 26.12 -26.17 -42.07
N GLY D 72 24.92 -26.78 -42.02
CA GLY D 72 23.88 -26.44 -42.98
C GLY D 72 23.51 -24.97 -43.04
N ASN D 73 23.56 -24.28 -41.90
CA ASN D 73 23.35 -22.83 -41.92
C ASN D 73 24.56 -22.11 -42.49
N GLU D 74 25.76 -22.50 -42.06
CA GLU D 74 26.98 -21.95 -42.62
C GLU D 74 27.11 -22.19 -44.12
N VAL D 75 26.43 -23.22 -44.64
CA VAL D 75 26.50 -23.50 -46.08
C VAL D 75 25.94 -22.34 -46.88
N SER D 76 24.86 -21.73 -46.40
CA SER D 76 24.24 -20.63 -47.11
C SER D 76 25.16 -19.43 -47.27
N GLN D 77 26.18 -19.31 -46.41
CA GLN D 77 27.08 -18.17 -46.48
C GLN D 77 28.13 -18.33 -47.57
N ILE D 78 28.51 -19.57 -47.89
CA ILE D 78 29.50 -19.81 -48.93
C ILE D 78 28.86 -19.39 -50.25
N ALA D 79 28.98 -18.09 -50.57
CA ALA D 79 28.21 -17.40 -51.59
C ALA D 79 28.79 -16.01 -51.82
N PRO D 80 28.60 -15.39 -52.99
CA PRO D 80 29.28 -14.11 -53.25
C PRO D 80 28.44 -13.01 -52.62
N GLY D 81 29.10 -12.12 -51.91
CA GLY D 81 28.37 -11.06 -51.25
C GLY D 81 27.63 -11.48 -49.99
N GLN D 82 27.25 -12.75 -49.88
CA GLN D 82 26.60 -13.22 -48.65
C GLN D 82 27.60 -13.19 -47.50
N THR D 83 27.21 -12.52 -46.41
CA THR D 83 28.04 -12.38 -45.22
C THR D 83 27.22 -12.79 -44.01
N GLY D 84 27.54 -13.94 -43.42
CA GLY D 84 26.81 -14.40 -42.24
C GLY D 84 27.66 -14.40 -40.99
N ASN D 85 28.03 -15.59 -40.51
CA ASN D 85 29.06 -15.73 -39.49
C ASN D 85 30.39 -16.20 -40.05
N ILE D 86 30.39 -16.73 -41.26
CA ILE D 86 31.58 -17.37 -41.80
C ILE D 86 32.10 -16.59 -42.99
N ALA D 87 31.24 -16.31 -43.97
CA ALA D 87 31.68 -15.64 -45.19
C ALA D 87 31.97 -14.16 -44.93
N ASP D 88 32.27 -13.83 -43.69
CA ASP D 88 32.80 -12.52 -43.32
C ASP D 88 33.97 -12.63 -42.36
N TYR D 89 34.08 -13.75 -41.65
CA TYR D 89 35.21 -14.01 -40.78
C TYR D 89 35.95 -15.27 -41.22
N ASN D 90 35.48 -15.98 -42.26
CA ASN D 90 36.06 -17.25 -42.68
C ASN D 90 35.63 -17.53 -44.11
N TYR D 91 36.56 -17.43 -45.05
CA TYR D 91 36.29 -17.83 -46.44
C TYR D 91 35.22 -16.96 -47.09
N LYS D 92 35.43 -15.64 -47.07
CA LYS D 92 34.47 -14.76 -47.72
C LYS D 92 34.60 -14.88 -49.24
N LEU D 93 33.47 -15.16 -49.91
CA LEU D 93 33.48 -15.23 -51.36
C LEU D 93 33.35 -13.83 -51.95
N PRO D 94 34.20 -13.46 -52.90
CA PRO D 94 34.11 -12.10 -53.49
C PRO D 94 32.81 -11.87 -54.23
N ASP D 95 32.45 -10.59 -54.34
CA ASP D 95 31.19 -10.23 -55.01
C ASP D 95 31.23 -10.62 -56.48
N ASP D 96 32.39 -10.54 -57.10
CA ASP D 96 32.56 -10.85 -58.52
C ASP D 96 32.90 -12.33 -58.73
N PHE D 97 32.16 -13.21 -58.07
CA PHE D 97 32.49 -14.63 -58.10
C PHE D 97 32.07 -15.29 -59.40
N THR D 98 32.83 -16.30 -59.81
CA THR D 98 32.59 -17.02 -61.05
C THR D 98 32.68 -18.55 -60.93
N GLY D 99 33.28 -19.09 -59.88
CA GLY D 99 33.46 -20.52 -59.74
C GLY D 99 32.27 -21.22 -59.13
N CYS D 100 32.50 -22.47 -58.71
CA CYS D 100 31.43 -23.33 -58.21
C CYS D 100 31.51 -23.51 -56.69
N VAL D 101 30.37 -23.86 -56.11
CA VAL D 101 30.31 -24.25 -54.70
C VAL D 101 29.61 -25.61 -54.63
N ILE D 102 30.34 -26.63 -54.16
CA ILE D 102 29.81 -27.98 -53.99
C ILE D 102 29.76 -28.28 -52.50
N ALA D 103 28.62 -28.80 -52.06
CA ALA D 103 28.28 -28.99 -50.64
C ALA D 103 27.46 -30.27 -50.50
N TRP D 104 27.98 -31.29 -49.79
CA TRP D 104 27.12 -32.48 -49.73
C TRP D 104 26.71 -32.72 -48.26
N ASN D 105 26.62 -33.97 -47.76
CA ASN D 105 26.44 -34.21 -46.34
C ASN D 105 27.62 -34.98 -45.72
N SER D 106 27.87 -34.76 -44.41
CA SER D 106 29.01 -35.36 -43.70
C SER D 106 28.72 -36.03 -42.35
N ASN D 107 27.46 -36.09 -41.89
CA ASN D 107 27.20 -36.70 -40.57
C ASN D 107 27.59 -38.16 -40.36
N LYS D 108 28.35 -38.74 -41.27
CA LYS D 108 28.81 -40.10 -41.06
C LYS D 108 30.24 -40.17 -40.57
N LEU D 109 31.11 -39.29 -41.08
CA LEU D 109 32.52 -39.34 -40.73
C LEU D 109 33.02 -38.15 -39.91
N ASP D 110 32.39 -36.98 -39.98
CA ASP D 110 32.93 -35.82 -39.27
C ASP D 110 32.24 -35.52 -37.95
N SER D 111 31.11 -36.12 -37.66
CA SER D 111 30.42 -35.89 -36.41
C SER D 111 30.43 -37.18 -35.60
N LYS D 112 30.87 -37.08 -34.34
CA LYS D 112 31.05 -38.26 -33.50
C LYS D 112 30.31 -38.10 -32.18
N VAL D 113 29.78 -39.21 -31.68
CA VAL D 113 28.85 -39.23 -30.56
C VAL D 113 29.60 -38.89 -29.28
N GLY D 114 29.79 -37.61 -29.02
CA GLY D 114 30.57 -37.20 -27.88
C GLY D 114 31.42 -35.99 -28.20
N GLY D 115 31.22 -35.46 -29.40
CA GLY D 115 31.86 -34.21 -29.76
C GLY D 115 33.13 -34.36 -30.57
N ASN D 116 33.03 -34.13 -31.88
CA ASN D 116 34.21 -34.08 -32.74
C ASN D 116 34.57 -32.60 -32.88
N TYR D 117 35.22 -32.06 -31.86
CA TYR D 117 35.60 -30.65 -31.84
C TYR D 117 36.78 -30.37 -32.74
N ASN D 118 37.06 -31.29 -33.67
CA ASN D 118 38.23 -31.14 -34.52
C ASN D 118 38.07 -29.98 -35.50
N TYR D 119 36.85 -29.68 -35.94
CA TYR D 119 36.63 -28.75 -37.02
C TYR D 119 36.03 -27.46 -36.45
N ARG D 120 36.54 -26.32 -36.91
CA ARG D 120 36.37 -25.04 -36.21
C ARG D 120 35.99 -23.92 -37.16
N TYR D 121 35.29 -22.91 -36.64
CA TYR D 121 35.27 -21.60 -37.27
C TYR D 121 36.03 -20.58 -36.43
N ARG D 122 36.45 -19.53 -37.12
CA ARG D 122 36.60 -18.20 -36.55
C ARG D 122 35.23 -17.58 -36.38
N LEU D 123 34.92 -17.07 -35.20
CA LEU D 123 33.75 -16.23 -35.04
C LEU D 123 34.10 -14.79 -34.68
N PHE D 124 35.37 -14.53 -34.32
CA PHE D 124 35.84 -13.21 -33.94
C PHE D 124 37.08 -12.86 -34.73
N ARG D 125 37.16 -11.60 -35.20
CA ARG D 125 38.32 -11.02 -35.84
C ARG D 125 38.14 -9.51 -35.93
N LYS D 126 39.26 -8.79 -35.98
CA LYS D 126 39.24 -7.33 -36.02
C LYS D 126 38.47 -6.84 -37.24
N SER D 127 38.89 -7.25 -38.43
CA SER D 127 38.27 -6.86 -39.68
C SER D 127 37.62 -8.05 -40.35
N ASN D 128 36.70 -7.75 -41.27
CA ASN D 128 36.08 -8.81 -42.06
C ASN D 128 37.07 -9.32 -43.09
N LEU D 129 37.08 -10.63 -43.28
CA LEU D 129 38.08 -11.26 -44.13
C LEU D 129 37.85 -10.89 -45.58
N LYS D 130 38.93 -10.59 -46.29
CA LYS D 130 38.84 -10.06 -47.63
C LYS D 130 38.64 -11.19 -48.63
N PRO D 131 38.27 -10.86 -49.88
CA PRO D 131 37.98 -11.92 -50.86
C PRO D 131 39.07 -12.97 -50.95
N PHE D 132 38.66 -14.23 -50.78
CA PHE D 132 39.52 -15.39 -50.97
C PHE D 132 40.74 -15.36 -50.03
N GLU D 133 40.55 -14.83 -48.82
CA GLU D 133 41.62 -14.70 -47.85
C GLU D 133 41.54 -15.82 -46.82
N ARG D 134 42.70 -16.17 -46.26
CA ARG D 134 42.78 -17.12 -45.16
C ARG D 134 43.51 -16.49 -43.98
N ASP D 135 42.83 -16.42 -42.84
CA ASP D 135 43.44 -16.00 -41.58
C ASP D 135 43.35 -17.18 -40.62
N ILE D 136 44.51 -17.75 -40.31
CA ILE D 136 44.60 -18.82 -39.32
C ILE D 136 45.27 -18.32 -38.04
N SER D 137 45.31 -17.01 -37.85
CA SER D 137 45.97 -16.41 -36.70
C SER D 137 45.21 -16.71 -35.42
N THR D 138 45.89 -17.34 -34.46
CA THR D 138 45.31 -17.61 -33.15
C THR D 138 45.51 -16.46 -32.18
N GLU D 139 45.74 -15.26 -32.69
CA GLU D 139 45.84 -14.07 -31.86
C GLU D 139 44.55 -13.83 -31.10
N ILE D 140 44.67 -13.68 -29.77
CA ILE D 140 43.49 -13.44 -28.94
C ILE D 140 42.78 -12.17 -29.41
N TYR D 141 41.46 -12.25 -29.48
CA TYR D 141 40.68 -11.10 -29.91
C TYR D 141 40.72 -10.00 -28.87
N GLN D 142 41.03 -8.78 -29.31
CA GLN D 142 41.04 -7.61 -28.44
C GLN D 142 39.65 -7.00 -28.50
N ALA D 143 38.76 -7.51 -27.66
CA ALA D 143 37.37 -7.01 -27.60
C ALA D 143 37.30 -5.83 -26.65
N GLY D 144 37.57 -6.06 -25.37
CA GLY D 144 37.78 -4.95 -24.48
C GLY D 144 39.01 -4.17 -24.90
N ASN D 145 38.93 -2.85 -24.76
CA ASN D 145 40.07 -2.00 -25.01
C ASN D 145 41.28 -2.39 -24.17
N LYS D 146 41.07 -3.07 -23.06
CA LYS D 146 42.12 -3.36 -22.10
C LYS D 146 43.13 -4.35 -22.70
N PRO D 147 44.40 -4.24 -22.31
CA PRO D 147 45.47 -5.04 -22.95
C PRO D 147 45.42 -6.50 -22.54
N CYS D 148 45.31 -7.38 -23.54
CA CYS D 148 45.38 -8.82 -23.32
C CYS D 148 46.65 -9.33 -23.98
N ASN D 149 47.69 -9.52 -23.15
CA ASN D 149 48.98 -10.03 -23.61
C ASN D 149 48.91 -11.55 -23.58
N GLY D 150 48.27 -12.10 -24.61
CA GLY D 150 48.08 -13.53 -24.71
C GLY D 150 47.11 -14.05 -23.67
N VAL D 151 46.43 -13.13 -22.99
CA VAL D 151 45.51 -13.51 -21.94
C VAL D 151 44.24 -14.11 -22.54
N ALA D 152 43.58 -14.94 -21.74
CA ALA D 152 42.22 -15.38 -22.01
C ALA D 152 41.38 -15.12 -20.77
N GLY D 153 40.31 -14.33 -20.93
CA GLY D 153 39.46 -14.00 -19.80
C GLY D 153 38.51 -12.85 -20.06
N VAL D 154 38.67 -11.76 -19.32
CA VAL D 154 37.76 -10.62 -19.44
C VAL D 154 37.87 -10.02 -20.84
N ASN D 155 36.80 -10.17 -21.61
CA ASN D 155 36.67 -9.56 -22.93
C ASN D 155 37.80 -9.99 -23.87
N CYS D 156 38.35 -11.19 -23.67
CA CYS D 156 39.47 -11.67 -24.48
C CYS D 156 39.29 -13.17 -24.66
N TYR D 157 38.77 -13.58 -25.81
CA TYR D 157 38.39 -14.96 -26.08
C TYR D 157 39.21 -15.52 -27.22
N PHE D 158 39.34 -16.83 -27.22
CA PHE D 158 39.98 -17.54 -28.32
C PHE D 158 39.18 -17.33 -29.61
N PRO D 159 39.79 -16.76 -30.65
CA PRO D 159 39.01 -16.42 -31.86
C PRO D 159 38.57 -17.63 -32.67
N LEU D 160 38.63 -18.83 -32.09
CA LEU D 160 38.24 -20.05 -32.79
C LEU D 160 37.32 -20.86 -31.88
N GLN D 161 36.14 -21.18 -32.39
CA GLN D 161 35.18 -22.04 -31.73
C GLN D 161 34.99 -23.31 -32.54
N SER D 162 34.97 -24.44 -31.86
CA SER D 162 34.82 -25.73 -32.53
C SER D 162 33.35 -26.08 -32.68
N TYR D 163 32.95 -26.51 -33.87
CA TYR D 163 31.62 -27.08 -34.00
C TYR D 163 31.54 -28.33 -33.14
N GLY D 164 30.70 -28.32 -32.12
CA GLY D 164 30.54 -29.50 -31.32
C GLY D 164 29.83 -30.61 -32.06
N PHE D 165 30.40 -31.05 -33.19
CA PHE D 165 29.68 -31.95 -34.08
C PHE D 165 29.29 -33.25 -33.40
N ARG D 166 28.05 -33.68 -33.67
CA ARG D 166 27.50 -34.89 -33.10
C ARG D 166 26.53 -35.48 -34.13
N PRO D 167 26.15 -36.75 -33.97
CA PRO D 167 25.24 -37.36 -34.94
C PRO D 167 23.82 -36.84 -34.83
N THR D 168 23.34 -36.72 -33.59
CA THR D 168 21.94 -36.43 -33.33
C THR D 168 21.65 -34.94 -33.39
N TYR D 169 22.35 -34.23 -34.26
CA TYR D 169 22.15 -32.81 -34.45
C TYR D 169 21.01 -32.59 -35.44
N GLY D 170 20.76 -31.33 -35.75
CA GLY D 170 19.78 -30.96 -36.76
C GLY D 170 20.45 -30.76 -38.10
N VAL D 171 19.68 -31.01 -39.17
CA VAL D 171 20.21 -30.94 -40.54
C VAL D 171 20.94 -29.63 -40.80
N GLY D 172 20.54 -28.56 -40.10
CA GLY D 172 21.26 -27.31 -40.16
C GLY D 172 22.58 -27.32 -39.41
N HIS D 173 22.59 -27.87 -38.20
CA HIS D 173 23.82 -27.95 -37.40
C HIS D 173 24.75 -29.04 -37.89
N GLN D 174 24.28 -29.88 -38.81
CA GLN D 174 24.95 -31.10 -39.17
C GLN D 174 26.19 -30.79 -40.01
N PRO D 175 27.18 -31.67 -40.01
CA PRO D 175 28.39 -31.37 -40.78
C PRO D 175 28.17 -31.43 -42.28
N TYR D 176 28.90 -30.55 -42.95
CA TYR D 176 28.93 -30.38 -44.41
C TYR D 176 30.35 -29.94 -44.80
N ARG D 177 31.23 -30.86 -45.15
CA ARG D 177 32.42 -30.45 -45.92
C ARG D 177 31.97 -29.89 -47.29
N VAL D 178 32.72 -28.88 -47.78
CA VAL D 178 32.38 -28.15 -48.98
C VAL D 178 33.65 -27.76 -49.73
N VAL D 179 33.56 -27.80 -51.06
CA VAL D 179 34.69 -27.49 -51.92
C VAL D 179 34.23 -26.44 -52.94
N VAL D 180 35.03 -25.39 -53.09
CA VAL D 180 34.71 -24.27 -53.94
C VAL D 180 35.77 -24.20 -55.03
N LEU D 181 35.31 -24.24 -56.29
CA LEU D 181 36.17 -24.33 -57.46
C LEU D 181 36.26 -22.94 -58.08
N SER D 182 37.25 -22.18 -57.62
CA SER D 182 37.63 -20.89 -58.17
C SER D 182 38.17 -21.03 -59.58
N PHE D 183 37.28 -21.04 -60.56
CA PHE D 183 37.71 -20.91 -61.94
C PHE D 183 38.27 -19.52 -62.19
N GLU D 184 39.39 -19.47 -62.91
CA GLU D 184 39.94 -18.22 -63.38
C GLU D 184 40.57 -18.46 -64.75
N LEU D 185 40.68 -17.38 -65.53
CA LEU D 185 41.10 -17.50 -66.92
C LEU D 185 41.58 -16.13 -67.36
N LEU D 186 42.89 -15.98 -67.52
CA LEU D 186 43.49 -14.70 -67.91
C LEU D 186 44.63 -14.97 -68.88
N HIS D 187 45.43 -13.94 -69.14
CA HIS D 187 46.54 -14.02 -70.10
C HIS D 187 47.55 -15.08 -69.71
N ALA D 188 47.60 -15.48 -68.44
CA ALA D 188 48.49 -16.55 -68.04
C ALA D 188 48.11 -17.83 -68.79
N PRO D 189 49.10 -18.64 -69.21
CA PRO D 189 48.79 -19.85 -70.00
C PRO D 189 47.74 -20.74 -69.36
N ALA D 190 46.67 -21.03 -70.10
CA ALA D 190 45.53 -21.77 -69.58
C ALA D 190 45.69 -23.26 -69.85
N THR D 191 45.64 -24.07 -68.79
CA THR D 191 45.94 -25.50 -68.89
C THR D 191 45.02 -26.32 -67.98
N VAL D 192 43.72 -26.07 -68.03
CA VAL D 192 42.74 -26.92 -67.36
C VAL D 192 41.53 -27.11 -68.27
N CYS D 193 41.55 -28.16 -69.09
CA CYS D 193 40.58 -28.33 -70.17
C CYS D 193 39.57 -29.42 -69.84
N GLY D 194 38.78 -29.80 -70.84
CA GLY D 194 37.77 -30.84 -70.69
C GLY D 194 36.97 -31.07 -71.95
C1 NAG E . 20.76 -4.94 -30.86
C2 NAG E . 20.06 -4.11 -31.94
C3 NAG E . 19.59 -5.02 -33.10
C4 NAG E . 20.69 -5.97 -33.57
C5 NAG E . 21.47 -6.62 -32.41
C6 NAG E . 22.74 -7.33 -32.85
C7 NAG E . 18.33 -2.34 -31.97
C8 NAG E . 17.19 -1.73 -31.21
N2 NAG E . 18.93 -3.37 -31.37
O3 NAG E . 19.23 -4.22 -34.21
O4 NAG E . 20.14 -6.99 -34.41
O5 NAG E . 21.87 -5.65 -31.44
O6 NAG E . 23.34 -6.70 -33.98
O7 NAG E . 18.68 -1.92 -33.06
C1 NAG E . 20.84 -7.06 -35.72
C2 NAG E . 20.85 -8.41 -36.45
C3 NAG E . 21.65 -8.29 -37.74
C4 NAG E . 21.01 -7.22 -38.63
C5 NAG E . 20.89 -5.87 -37.89
C6 NAG E . 20.06 -4.84 -38.65
C7 NAG E . 20.66 -10.14 -34.65
C8 NAG E . 21.37 -11.25 -33.98
N2 NAG E . 21.35 -9.52 -35.63
O3 NAG E . 21.69 -9.57 -38.40
O4 NAG E . 21.75 -6.95 -39.83
O5 NAG E . 20.25 -6.02 -36.60
O6 NAG E . 18.72 -4.80 -38.18
O7 NAG E . 19.50 -9.80 -34.33
C1 BMA E . 21.40 -7.75 -40.97
C2 BMA E . 22.29 -7.27 -42.12
C3 BMA E . 21.87 -8.01 -43.39
C4 BMA E . 22.02 -9.51 -43.16
C5 BMA E . 21.18 -10.04 -41.94
C6 BMA E . 21.48 -11.50 -41.66
O2 BMA E . 23.67 -7.61 -41.83
O3 BMA E . 22.68 -7.64 -44.52
O4 BMA E . 21.76 -10.24 -44.41
O5 BMA E . 21.51 -9.21 -40.77
O6 BMA E . 20.47 -12.25 -42.37
C1 NAG F . 23.04 -8.34 -6.62
C2 NAG F . 24.16 -8.26 -7.73
C3 NAG F . 25.54 -7.73 -7.22
C4 NAG F . 25.87 -8.08 -5.76
C5 NAG F . 24.66 -8.55 -4.96
C6 NAG F . 24.80 -8.36 -3.45
C7 NAG F . 24.70 -9.60 -9.72
C8 NAG F . 24.88 -10.99 -10.26
N2 NAG F . 24.32 -9.52 -8.44
O3 NAG F . 25.66 -6.33 -7.50
O4 NAG F . 26.95 -9.02 -5.67
O5 NAG F . 23.52 -7.80 -5.39
O6 NAG F . 26.05 -8.82 -2.96
O7 NAG F . 24.92 -8.60 -10.41
C1 NAG F . 28.11 -8.18 -5.46
C2 NAG F . 29.26 -8.89 -4.76
C3 NAG F . 30.49 -7.97 -4.65
C4 NAG F . 30.73 -7.07 -5.86
C5 NAG F . 29.51 -6.72 -6.73
C6 NAG F . 29.90 -6.49 -8.18
C7 NAG F . 28.77 -10.71 -3.16
C8 NAG F . 28.31 -11.07 -1.78
N2 NAG F . 28.86 -9.40 -3.45
O3 NAG F . 31.65 -8.81 -4.53
O4 NAG F . 31.20 -5.81 -5.40
O5 NAG F . 28.52 -7.77 -6.74
O6 NAG F . 30.72 -7.53 -8.69
O7 NAG F . 29.07 -11.57 -3.99
C1 NAG G . 6.29 -31.92 -45.40
C2 NAG G . 5.87 -33.13 -46.24
C3 NAG G . 6.10 -32.83 -47.73
C4 NAG G . 5.51 -31.49 -48.17
C5 NAG G . 5.72 -30.34 -47.15
C6 NAG G . 4.78 -29.17 -47.37
C7 NAG G . 6.31 -34.99 -44.69
C8 NAG G . 7.11 -36.24 -44.43
N2 NAG G . 6.57 -34.34 -45.83
O3 NAG G . 5.53 -33.88 -48.50
O4 NAG G . 6.20 -31.10 -49.35
O5 NAG G . 5.51 -30.77 -45.80
O6 NAG G . 5.44 -28.01 -47.90
O7 NAG G . 5.45 -34.61 -43.90
C1 NAG G . 5.41 -31.15 -50.59
C2 NAG G . 5.91 -30.13 -51.62
C3 NAG G . 4.98 -30.10 -52.82
C4 NAG G . 4.99 -31.48 -53.50
C5 NAG G . 4.62 -32.64 -52.51
C6 NAG G . 4.96 -34.03 -53.05
C7 NAG G . 5.50 -27.63 -51.28
C8 NAG G . 6.03 -26.44 -50.52
N2 NAG G . 6.16 -28.79 -51.06
O3 NAG G . 5.38 -29.06 -53.71
O4 NAG G . 4.08 -31.47 -54.60
O5 NAG G . 5.32 -32.53 -51.24
O6 NAG G . 5.01 -35.02 -52.02
O7 NAG G . 4.56 -27.52 -52.05
C1 NAG H . -8.84 -30.45 -44.69
C2 NAG H . -9.94 -31.26 -44.03
C3 NAG H . -9.87 -32.72 -44.49
C4 NAG H . -9.91 -32.83 -46.01
C5 NAG H . -8.93 -31.86 -46.71
C6 NAG H . -9.24 -31.68 -48.19
C7 NAG H . -10.43 -30.23 -41.84
C8 NAG H . -10.28 -30.36 -40.36
N2 NAG H . -9.87 -31.19 -42.58
O3 NAG H . -10.96 -33.42 -43.93
O4 NAG H . -9.56 -34.15 -46.44
O5 NAG H . -8.97 -30.54 -46.14
O6 NAG H . -10.34 -30.80 -48.42
O7 NAG H . -11.05 -29.29 -42.36
C1 NAG H . -10.77 -34.90 -46.77
C2 NAG H . -10.38 -36.24 -47.39
C3 NAG H . -11.63 -37.02 -47.82
C4 NAG H . -12.78 -36.95 -46.81
C5 NAG H . -12.86 -35.70 -45.92
C6 NAG H . -13.54 -35.97 -44.59
C7 NAG H . -8.22 -36.52 -48.54
C8 NAG H . -7.42 -36.22 -49.77
N2 NAG H . -9.47 -36.05 -48.52
O3 NAG H . -11.28 -38.39 -47.99
O4 NAG H . -14.00 -36.90 -47.54
O5 NAG H . -11.56 -35.13 -45.62
O6 NAG H . -13.29 -37.28 -44.11
O7 NAG H . -7.75 -37.15 -47.61
C1 BMA H . -14.58 -38.22 -47.70
C2 BMA H . -16.08 -38.26 -47.17
C3 BMA H . -16.72 -39.66 -47.43
C4 BMA H . -16.19 -40.34 -48.73
C5 BMA H . -14.68 -40.03 -48.97
C6 BMA H . -14.05 -40.73 -50.16
O2 BMA H . -16.91 -37.29 -47.81
O3 BMA H . -18.17 -39.64 -47.44
O4 BMA H . -16.39 -41.75 -48.67
O5 BMA H . -14.52 -38.64 -49.06
O6 BMA H . -13.21 -39.79 -50.88
C1 NAG I . -29.42 10.18 19.34
C2 NAG I . -29.99 10.56 17.97
C3 NAG I . -31.07 9.56 17.57
C4 NAG I . -30.55 8.13 17.65
C5 NAG I . -29.90 7.88 19.01
C6 NAG I . -29.21 6.54 19.07
C7 NAG I . -30.33 12.74 16.95
C8 NAG I . -29.95 14.15 17.31
N2 NAG I . -30.51 11.91 17.96
O3 NAG I . -31.52 9.87 16.26
O4 NAG I . -31.64 7.23 17.52
O5 NAG I . -28.89 8.88 19.27
O6 NAG I . -28.93 6.03 17.77
O7 NAG I . -30.44 12.38 15.78
C1 NAG I . -31.72 6.82 16.14
C2 NAG I . -32.01 5.33 16.08
C3 NAG I . -33.29 5.06 15.30
C4 NAG I . -33.24 5.72 13.92
C5 NAG I . -32.77 7.16 14.04
C6 NAG I . -33.71 8.15 13.37
C7 NAG I . -30.24 3.65 16.19
C8 NAG I . -30.93 3.10 17.40
N2 NAG I . -30.89 4.60 15.52
O3 NAG I . -34.40 5.53 16.04
O4 NAG I . -32.34 5.01 13.09
O5 NAG I . -32.72 7.54 15.43
O6 NAG I . -33.44 9.48 13.79
O7 NAG I . -29.13 3.25 15.83
C1 BMA I . -32.67 3.62 13.12
C2 BMA I . -33.33 3.21 11.82
C3 BMA I . -33.60 1.73 11.78
C4 BMA I . -32.32 0.97 12.08
C5 BMA I . -31.76 1.42 13.43
C6 BMA I . -30.44 0.75 13.76
O2 BMA I . -32.51 3.62 10.73
O3 BMA I . -34.08 1.37 10.48
O4 BMA I . -32.60 -0.43 12.14
O5 BMA I . -31.51 2.82 13.37
O6 BMA I . -29.44 1.11 12.81
C1 NAG J . 12.53 21.75 10.69
C2 NAG J . 13.29 22.55 9.61
C3 NAG J . 12.29 23.17 8.61
C4 NAG J . 11.27 22.15 8.09
C5 NAG J . 10.65 21.29 9.18
C6 NAG J . 9.88 20.09 8.63
C7 NAG J . 13.66 24.73 10.70
C8 NAG J . 14.70 25.68 11.24
N2 NAG J . 14.13 23.58 10.19
O3 NAG J . 12.98 23.73 7.50
O4 NAG J . 10.26 22.93 7.46
O5 NAG J . 11.67 20.76 10.06
O6 NAG J . 10.35 19.63 7.37
O7 NAG J . 12.48 25.03 10.70
C1 NAG J . 10.10 22.57 6.11
C2 NAG J . 8.60 22.75 5.96
C3 NAG J . 8.14 22.49 4.51
C4 NAG J . 9.09 23.13 3.49
C5 NAG J . 10.55 22.90 3.84
C6 NAG J . 11.50 23.65 2.91
C7 NAG J . 6.79 22.36 7.56
C8 NAG J . 6.41 23.80 7.28
N2 NAG J . 7.86 21.91 6.89
O3 NAG J . 6.84 23.06 4.33
O4 NAG J . 8.83 22.71 2.14
O5 NAG J . 10.78 23.38 5.17
O6 NAG J . 11.54 25.06 3.17
O7 NAG J . 6.16 21.66 8.36
C1 BMA J . 8.24 23.84 1.40
C2 BMA J . 9.05 24.24 0.10
C3 BMA J . 8.29 25.36 -0.68
C4 BMA J . 6.75 25.10 -0.76
C5 BMA J . 6.16 24.64 0.58
C6 BMA J . 4.69 24.22 0.45
O2 BMA J . 9.18 23.12 -0.79
O3 BMA J . 8.80 25.51 -1.99
O4 BMA J . 6.12 26.31 -1.16
O5 BMA J . 6.89 23.52 1.06
O6 BMA J . 3.94 25.09 1.30
C1 NAG K . -18.03 34.63 4.08
C2 NAG K . -19.36 35.42 3.78
C3 NAG K . -19.37 36.11 2.39
C4 NAG K . -18.01 36.67 1.97
C5 NAG K . -16.96 35.61 2.19
C6 NAG K . -15.55 36.00 1.77
C7 NAG K . -21.77 34.84 3.84
C8 NAG K . -22.75 33.71 3.91
N2 NAG K . -20.48 34.50 3.87
O3 NAG K . -20.32 37.17 2.45
O4 NAG K . -18.06 37.04 0.58
O5 NAG K . -16.90 35.37 3.60
O6 NAG K . -15.20 37.31 2.22
O7 NAG K . -22.14 36.02 3.78
C1 NAG K . -18.26 38.46 0.40
C2 NAG K . -17.80 38.95 -0.99
C3 NAG K . -18.13 40.43 -1.18
C4 NAG K . -19.60 40.72 -0.88
C5 NAG K . -19.97 40.19 0.52
C6 NAG K . -21.45 40.32 0.85
C7 NAG K . -15.87 37.51 -1.52
C8 NAG K . -14.38 37.46 -1.69
N2 NAG K . -16.39 38.70 -1.19
O3 NAG K . -17.83 40.80 -2.52
O4 NAG K . -19.88 42.11 -1.02
O5 NAG K . -19.66 38.79 0.59
O6 NAG K . -22.17 39.10 0.66
O7 NAG K . -16.57 36.51 -1.67
C1 NAG L . -18.36 49.26 10.65
C2 NAG L . -19.08 50.28 11.53
C3 NAG L . -20.58 50.21 11.29
C4 NAG L . -20.91 50.34 9.80
C5 NAG L . -20.06 49.42 8.92
C6 NAG L . -20.18 49.75 7.43
C7 NAG L . -18.96 51.02 13.88
C8 NAG L . -18.59 50.62 15.29
N2 NAG L . -18.77 50.09 12.94
O3 NAG L . -21.25 51.23 12.02
O4 NAG L . -22.27 49.99 9.65
O5 NAG L . -18.65 49.51 9.25
O6 NAG L . -19.96 51.12 7.13
O7 NAG L . -19.37 52.14 13.62
C1 NAG L . -23.03 50.94 8.88
C2 NAG L . -24.26 50.09 8.46
C3 NAG L . -25.61 50.83 8.62
C4 NAG L . -25.55 52.34 8.39
C5 NAG L . -24.20 52.98 8.71
C6 NAG L . -24.30 54.31 9.44
C7 NAG L . -23.73 50.11 6.02
C8 NAG L . -23.56 49.25 4.80
N2 NAG L . -24.10 49.47 7.15
O3 NAG L . -26.22 50.53 9.87
O4 NAG L . -25.93 52.64 7.04
O5 NAG L . -23.43 52.10 9.55
O6 NAG L . -24.67 54.18 10.80
O7 NAG L . -23.50 51.31 6.00
C1 NAG M . 10.12 6.84 31.96
C2 NAG M . 10.93 5.56 31.72
C3 NAG M . 12.37 5.87 31.24
C4 NAG M . 12.40 6.97 30.18
C5 NAG M . 11.56 8.15 30.67
C6 NAG M . 11.58 9.36 29.76
C7 NAG M . 11.59 3.65 33.18
C8 NAG M . 11.47 3.09 34.57
N2 NAG M . 10.96 4.81 32.97
O3 NAG M . 12.97 4.68 30.70
O4 NAG M . 13.74 7.44 30.01
O5 NAG M . 10.20 7.71 30.83
O6 NAG M . 12.91 9.84 29.55
O7 NAG M . 12.25 3.07 32.31
C1 NAG N . -20.51 63.19 37.82
C2 NAG N . -19.53 63.76 38.87
C3 NAG N . -20.30 64.61 39.88
C4 NAG N . -21.11 65.70 39.17
C5 NAG N . -22.04 65.09 38.13
C6 NAG N . -22.77 66.15 37.31
C7 NAG N . -18.21 62.66 40.75
C8 NAG N . -17.44 61.42 41.09
N2 NAG N . -18.76 62.69 39.51
O3 NAG N . -19.38 65.25 40.77
O4 NAG N . -21.89 66.42 40.13
O5 NAG N . -21.28 64.29 37.19
O6 NAG N . -23.33 67.19 38.10
O7 NAG N . -18.34 63.58 41.56
C1 NAG O . 20.55 -48.94 -21.34
C2 NAG O . 20.96 -49.29 -22.79
C3 NAG O . 22.07 -50.35 -22.78
C4 NAG O . 23.23 -49.91 -21.91
C5 NAG O . 22.72 -49.60 -20.50
C6 NAG O . 23.79 -49.07 -19.59
C7 NAG O . 19.56 -49.35 -24.80
C8 NAG O . 18.33 -49.94 -25.44
N2 NAG O . 19.81 -49.75 -23.55
O3 NAG O . 22.51 -50.55 -24.12
O4 NAG O . 24.21 -50.95 -21.84
O5 NAG O . 21.71 -48.58 -20.59
O6 NAG O . 23.36 -47.93 -18.87
O7 NAG O . 20.27 -48.55 -25.39
#